data_9S2B
# 
_entry.id   9S2B 
# 
_audit_conform.dict_name       mmcif_pdbx.dic 
_audit_conform.dict_version    5.404 
_audit_conform.dict_location   http://mmcif.pdb.org/dictionaries/ascii/mmcif_pdbx.dic 
# 
loop_
_database_2.database_id 
_database_2.database_code 
_database_2.pdbx_database_accession 
_database_2.pdbx_DOI 
PDB   9S2B         pdb_00009s2b 10.2210/pdb9s2b/pdb 
WWPDB D_1292149598 ?            ?                   
EMDB  EMD-54485    ?            ?                   
# 
loop_
_pdbx_audit_revision_history.ordinal 
_pdbx_audit_revision_history.data_content_type 
_pdbx_audit_revision_history.major_revision 
_pdbx_audit_revision_history.minor_revision 
_pdbx_audit_revision_history.revision_date 
_pdbx_audit_revision_history.part_number 
1 'Structure model' 1 0 2025-08-27 ? 
2 'EM metadata'     1 0 2025-08-27 ? 
3 FSC               1 0 2025-08-27 ? 
4 'Half map'        1 0 2025-08-27 1 
5 'Half map'        1 0 2025-08-27 2 
6 Image             1 0 2025-08-27 ? 
7 'Primary map'     1 0 2025-08-27 ? 
# 
loop_
_pdbx_audit_revision_details.ordinal 
_pdbx_audit_revision_details.revision_ordinal 
_pdbx_audit_revision_details.data_content_type 
_pdbx_audit_revision_details.provider 
_pdbx_audit_revision_details.type 
_pdbx_audit_revision_details.description 
_pdbx_audit_revision_details.details 
1 1 'Structure model' repository 'Initial release' ? ? 
2 2 'EM metadata'     repository 'Initial release' ? ? 
3 3 FSC               repository 'Initial release' ? ? 
4 4 'Half map'        repository 'Initial release' ? ? 
5 5 'Half map'        repository 'Initial release' ? ? 
6 6 Image             repository 'Initial release' ? ? 
7 7 'Primary map'     repository 'Initial release' ? ? 
# 
_pdbx_database_status.status_code                     REL 
_pdbx_database_status.status_code_sf                  ? 
_pdbx_database_status.status_code_mr                  ? 
_pdbx_database_status.entry_id                        9S2B 
_pdbx_database_status.recvd_initial_deposition_date   2025-07-21 
_pdbx_database_status.SG_entry                        N 
_pdbx_database_status.deposit_site                    PDBE 
_pdbx_database_status.process_site                    PDBE 
_pdbx_database_status.status_code_cs                  ? 
_pdbx_database_status.status_code_nmr_data            ? 
_pdbx_database_status.methods_development_category    ? 
_pdbx_database_status.pdb_format_compatible           Y 
# 
_pdbx_database_related.db_name        EMDB 
_pdbx_database_related.details        '297-441 delta392-395 tau filaments' 
_pdbx_database_related.db_id          EMD-54485 
_pdbx_database_related.content_type   'associated EM volume' 
# 
_pdbx_contact_author.id                 2 
_pdbx_contact_author.email              scheres@mrc-lmn.cam.ac.uk 
_pdbx_contact_author.name_first         Sjors 
_pdbx_contact_author.name_last          Scheres 
_pdbx_contact_author.name_mi            H.W. 
_pdbx_contact_author.role               'principal investigator/group leader' 
_pdbx_contact_author.identifier_ORCID   0000-0002-0462-6540 
# 
loop_
_audit_author.name 
_audit_author.pdbx_ordinal 
_audit_author.identifier_ORCID 
'Lovestam, S.L.'  1 ? 
'Scheres, S.H.W.' 2 ? 
# 
_citation.abstract                  ? 
_citation.abstract_id_CAS           ? 
_citation.book_id_ISBN              ? 
_citation.book_publisher            ? 
_citation.book_publisher_city       ? 
_citation.book_title                ? 
_citation.coordinate_linkage        ? 
_citation.country                   ? 
_citation.database_id_Medline       ? 
_citation.details                   ? 
_citation.id                        primary 
_citation.journal_abbrev            'To Be Published' 
_citation.journal_id_ASTM           ? 
_citation.journal_id_CSD            0353 
_citation.journal_id_ISSN           ? 
_citation.journal_full              ? 
_citation.journal_issue             ? 
_citation.journal_volume            ? 
_citation.language                  ? 
_citation.page_first                ? 
_citation.page_last                 ? 
_citation.title                     
'Twelve phosphomimetic mutations induce the assembly of recombinant full-length human tau into paired helical filaments' 
_citation.year                      ? 
_citation.database_id_CSD           ? 
_citation.pdbx_database_id_DOI      ? 
_citation.pdbx_database_id_PubMed   ? 
_citation.pdbx_database_id_patent   ? 
_citation.unpublished_flag          ? 
# 
loop_
_citation_author.citation_id 
_citation_author.name 
_citation_author.ordinal 
_citation_author.identifier_ORCID 
primary 'Lovestam, S.L.'  1 ? 
primary 'Scheres, S.H.W.' 2 ? 
# 
_entity.id                         1 
_entity.type                       polymer 
_entity.src_method                 man 
_entity.pdbx_description           'Microtubule-associated protein tau' 
_entity.formula_weight             2324.760 
_entity.pdbx_number_of_molecules   6 
_entity.pdbx_ec                    ? 
_entity.pdbx_mutation              ? 
_entity.pdbx_fragment              ? 
_entity.details                    ? 
# 
_entity_name_com.entity_id   1 
_entity_name_com.name        'Neurofibrillary tangle protein,Paired helical filament-tau,PHF-tau' 
# 
_entity_poly.entity_id                      1 
_entity_poly.type                           'polypeptide(L)' 
_entity_poly.nstd_linkage                   no 
_entity_poly.nstd_monomer                   no 
_entity_poly.pdbx_seq_one_letter_code       IKHVPGGGSVQIVYKPVDLSKV 
_entity_poly.pdbx_seq_one_letter_code_can   IKHVPGGGSVQIVYKPVDLSKV 
_entity_poly.pdbx_strand_id                 F,E,A,B,C,D 
_entity_poly.pdbx_target_identifier         ? 
# 
loop_
_entity_poly_seq.entity_id 
_entity_poly_seq.num 
_entity_poly_seq.mon_id 
_entity_poly_seq.hetero 
1 1  ILE n 
1 2  LYS n 
1 3  HIS n 
1 4  VAL n 
1 5  PRO n 
1 6  GLY n 
1 7  GLY n 
1 8  GLY n 
1 9  SER n 
1 10 VAL n 
1 11 GLN n 
1 12 ILE n 
1 13 VAL n 
1 14 TYR n 
1 15 LYS n 
1 16 PRO n 
1 17 VAL n 
1 18 ASP n 
1 19 LEU n 
1 20 SER n 
1 21 LYS n 
1 22 VAL n 
# 
_entity_src_gen.entity_id                          1 
_entity_src_gen.pdbx_src_id                        1 
_entity_src_gen.pdbx_alt_source_flag               sample 
_entity_src_gen.pdbx_seq_type                      'Biological sequence' 
_entity_src_gen.pdbx_beg_seq_num                   1 
_entity_src_gen.pdbx_end_seq_num                   22 
_entity_src_gen.gene_src_common_name               human 
_entity_src_gen.gene_src_genus                     ? 
_entity_src_gen.pdbx_gene_src_gene                 'MAPT, MAPTL, MTBT1, TAU' 
_entity_src_gen.gene_src_species                   ? 
_entity_src_gen.gene_src_strain                    ? 
_entity_src_gen.gene_src_tissue                    ? 
_entity_src_gen.gene_src_tissue_fraction           ? 
_entity_src_gen.gene_src_details                   ? 
_entity_src_gen.pdbx_gene_src_fragment             ? 
_entity_src_gen.pdbx_gene_src_scientific_name      'Homo sapiens' 
_entity_src_gen.pdbx_gene_src_ncbi_taxonomy_id     9606 
_entity_src_gen.pdbx_gene_src_variant              ? 
_entity_src_gen.pdbx_gene_src_cell_line            ? 
_entity_src_gen.pdbx_gene_src_atcc                 ? 
_entity_src_gen.pdbx_gene_src_organ                ? 
_entity_src_gen.pdbx_gene_src_organelle            ? 
_entity_src_gen.pdbx_gene_src_cell                 ? 
_entity_src_gen.pdbx_gene_src_cellular_location    ? 
_entity_src_gen.host_org_common_name               ? 
_entity_src_gen.pdbx_host_org_scientific_name      'Escherichia coli' 
_entity_src_gen.pdbx_host_org_ncbi_taxonomy_id     562 
_entity_src_gen.host_org_genus                     ? 
_entity_src_gen.pdbx_host_org_gene                 ? 
_entity_src_gen.pdbx_host_org_organ                ? 
_entity_src_gen.host_org_species                   ? 
_entity_src_gen.pdbx_host_org_tissue               ? 
_entity_src_gen.pdbx_host_org_tissue_fraction      ? 
_entity_src_gen.pdbx_host_org_strain               ? 
_entity_src_gen.pdbx_host_org_variant              ? 
_entity_src_gen.pdbx_host_org_cell_line            ? 
_entity_src_gen.pdbx_host_org_atcc                 ? 
_entity_src_gen.pdbx_host_org_culture_collection   ? 
_entity_src_gen.pdbx_host_org_cell                 ? 
_entity_src_gen.pdbx_host_org_organelle            ? 
_entity_src_gen.pdbx_host_org_cellular_location    ? 
_entity_src_gen.pdbx_host_org_vector_type          ? 
_entity_src_gen.pdbx_host_org_vector               ? 
_entity_src_gen.host_org_details                   ? 
_entity_src_gen.expression_system_id               ? 
_entity_src_gen.plasmid_name                       ? 
_entity_src_gen.plasmid_details                    ? 
_entity_src_gen.pdbx_description                   ? 
# 
loop_
_chem_comp.id 
_chem_comp.type 
_chem_comp.mon_nstd_flag 
_chem_comp.name 
_chem_comp.pdbx_synonyms 
_chem_comp.formula 
_chem_comp.formula_weight 
ASP 'L-peptide linking' y 'ASPARTIC ACID' ? 'C4 H7 N O4'     133.103 
GLN 'L-peptide linking' y GLUTAMINE       ? 'C5 H10 N2 O3'   146.144 
GLY 'peptide linking'   y GLYCINE         ? 'C2 H5 N O2'     75.067  
HIS 'L-peptide linking' y HISTIDINE       ? 'C6 H10 N3 O2 1' 156.162 
ILE 'L-peptide linking' y ISOLEUCINE      ? 'C6 H13 N O2'    131.173 
LEU 'L-peptide linking' y LEUCINE         ? 'C6 H13 N O2'    131.173 
LYS 'L-peptide linking' y LYSINE          ? 'C6 H15 N2 O2 1' 147.195 
PRO 'L-peptide linking' y PROLINE         ? 'C5 H9 N O2'     115.130 
SER 'L-peptide linking' y SERINE          ? 'C3 H7 N O3'     105.093 
TYR 'L-peptide linking' y TYROSINE        ? 'C9 H11 N O3'    181.189 
VAL 'L-peptide linking' y VALINE          ? 'C5 H11 N O2'    117.146 
# 
loop_
_pdbx_poly_seq_scheme.asym_id 
_pdbx_poly_seq_scheme.entity_id 
_pdbx_poly_seq_scheme.seq_id 
_pdbx_poly_seq_scheme.mon_id 
_pdbx_poly_seq_scheme.ndb_seq_num 
_pdbx_poly_seq_scheme.pdb_seq_num 
_pdbx_poly_seq_scheme.auth_seq_num 
_pdbx_poly_seq_scheme.pdb_mon_id 
_pdbx_poly_seq_scheme.auth_mon_id 
_pdbx_poly_seq_scheme.pdb_strand_id 
_pdbx_poly_seq_scheme.pdb_ins_code 
_pdbx_poly_seq_scheme.hetero 
A 1 1  ILE 1  297 297 ILE ILE F . n 
A 1 2  LYS 2  298 298 LYS LYS F . n 
A 1 3  HIS 3  299 299 HIS HIS F . n 
A 1 4  VAL 4  300 300 VAL VAL F . n 
A 1 5  PRO 5  301 301 PRO PRO F . n 
A 1 6  GLY 6  302 302 GLY GLY F . n 
A 1 7  GLY 7  303 303 GLY GLY F . n 
A 1 8  GLY 8  304 304 GLY GLY F . n 
A 1 9  SER 9  305 305 SER SER F . n 
A 1 10 VAL 10 306 306 VAL VAL F . n 
A 1 11 GLN 11 307 307 GLN GLN F . n 
A 1 12 ILE 12 308 308 ILE ILE F . n 
A 1 13 VAL 13 309 309 VAL VAL F . n 
A 1 14 TYR 14 310 310 TYR TYR F . n 
A 1 15 LYS 15 311 311 LYS LYS F . n 
A 1 16 PRO 16 312 312 PRO PRO F . n 
A 1 17 VAL 17 313 313 VAL VAL F . n 
A 1 18 ASP 18 314 314 ASP ASP F . n 
A 1 19 LEU 19 315 315 LEU LEU F . n 
A 1 20 SER 20 316 316 SER SER F . n 
A 1 21 LYS 21 317 317 LYS LYS F . n 
A 1 22 VAL 22 318 318 VAL VAL F . n 
B 1 1  ILE 1  297 297 ILE ILE E . n 
B 1 2  LYS 2  298 298 LYS LYS E . n 
B 1 3  HIS 3  299 299 HIS HIS E . n 
B 1 4  VAL 4  300 300 VAL VAL E . n 
B 1 5  PRO 5  301 301 PRO PRO E . n 
B 1 6  GLY 6  302 302 GLY GLY E . n 
B 1 7  GLY 7  303 303 GLY GLY E . n 
B 1 8  GLY 8  304 304 GLY GLY E . n 
B 1 9  SER 9  305 305 SER SER E . n 
B 1 10 VAL 10 306 306 VAL VAL E . n 
B 1 11 GLN 11 307 307 GLN GLN E . n 
B 1 12 ILE 12 308 308 ILE ILE E . n 
B 1 13 VAL 13 309 309 VAL VAL E . n 
B 1 14 TYR 14 310 310 TYR TYR E . n 
B 1 15 LYS 15 311 311 LYS LYS E . n 
B 1 16 PRO 16 312 312 PRO PRO E . n 
B 1 17 VAL 17 313 313 VAL VAL E . n 
B 1 18 ASP 18 314 314 ASP ASP E . n 
B 1 19 LEU 19 315 315 LEU LEU E . n 
B 1 20 SER 20 316 316 SER SER E . n 
B 1 21 LYS 21 317 317 LYS LYS E . n 
B 1 22 VAL 22 318 318 VAL VAL E . n 
C 1 1  ILE 1  297 297 ILE ILE A . n 
C 1 2  LYS 2  298 298 LYS LYS A . n 
C 1 3  HIS 3  299 299 HIS HIS A . n 
C 1 4  VAL 4  300 300 VAL VAL A . n 
C 1 5  PRO 5  301 301 PRO PRO A . n 
C 1 6  GLY 6  302 302 GLY GLY A . n 
C 1 7  GLY 7  303 303 GLY GLY A . n 
C 1 8  GLY 8  304 304 GLY GLY A . n 
C 1 9  SER 9  305 305 SER SER A . n 
C 1 10 VAL 10 306 306 VAL VAL A . n 
C 1 11 GLN 11 307 307 GLN GLN A . n 
C 1 12 ILE 12 308 308 ILE ILE A . n 
C 1 13 VAL 13 309 309 VAL VAL A . n 
C 1 14 TYR 14 310 310 TYR TYR A . n 
C 1 15 LYS 15 311 311 LYS LYS A . n 
C 1 16 PRO 16 312 312 PRO PRO A . n 
C 1 17 VAL 17 313 313 VAL VAL A . n 
C 1 18 ASP 18 314 314 ASP ASP A . n 
C 1 19 LEU 19 315 315 LEU LEU A . n 
C 1 20 SER 20 316 316 SER SER A . n 
C 1 21 LYS 21 317 317 LYS LYS A . n 
C 1 22 VAL 22 318 318 VAL VAL A . n 
D 1 1  ILE 1  297 297 ILE ILE B . n 
D 1 2  LYS 2  298 298 LYS LYS B . n 
D 1 3  HIS 3  299 299 HIS HIS B . n 
D 1 4  VAL 4  300 300 VAL VAL B . n 
D 1 5  PRO 5  301 301 PRO PRO B . n 
D 1 6  GLY 6  302 302 GLY GLY B . n 
D 1 7  GLY 7  303 303 GLY GLY B . n 
D 1 8  GLY 8  304 304 GLY GLY B . n 
D 1 9  SER 9  305 305 SER SER B . n 
D 1 10 VAL 10 306 306 VAL VAL B . n 
D 1 11 GLN 11 307 307 GLN GLN B . n 
D 1 12 ILE 12 308 308 ILE ILE B . n 
D 1 13 VAL 13 309 309 VAL VAL B . n 
D 1 14 TYR 14 310 310 TYR TYR B . n 
D 1 15 LYS 15 311 311 LYS LYS B . n 
D 1 16 PRO 16 312 312 PRO PRO B . n 
D 1 17 VAL 17 313 313 VAL VAL B . n 
D 1 18 ASP 18 314 314 ASP ASP B . n 
D 1 19 LEU 19 315 315 LEU LEU B . n 
D 1 20 SER 20 316 316 SER SER B . n 
D 1 21 LYS 21 317 317 LYS LYS B . n 
D 1 22 VAL 22 318 318 VAL VAL B . n 
E 1 1  ILE 1  297 297 ILE ILE C . n 
E 1 2  LYS 2  298 298 LYS LYS C . n 
E 1 3  HIS 3  299 299 HIS HIS C . n 
E 1 4  VAL 4  300 300 VAL VAL C . n 
E 1 5  PRO 5  301 301 PRO PRO C . n 
E 1 6  GLY 6  302 302 GLY GLY C . n 
E 1 7  GLY 7  303 303 GLY GLY C . n 
E 1 8  GLY 8  304 304 GLY GLY C . n 
E 1 9  SER 9  305 305 SER SER C . n 
E 1 10 VAL 10 306 306 VAL VAL C . n 
E 1 11 GLN 11 307 307 GLN GLN C . n 
E 1 12 ILE 12 308 308 ILE ILE C . n 
E 1 13 VAL 13 309 309 VAL VAL C . n 
E 1 14 TYR 14 310 310 TYR TYR C . n 
E 1 15 LYS 15 311 311 LYS LYS C . n 
E 1 16 PRO 16 312 312 PRO PRO C . n 
E 1 17 VAL 17 313 313 VAL VAL C . n 
E 1 18 ASP 18 314 314 ASP ASP C . n 
E 1 19 LEU 19 315 315 LEU LEU C . n 
E 1 20 SER 20 316 316 SER SER C . n 
E 1 21 LYS 21 317 317 LYS LYS C . n 
E 1 22 VAL 22 318 318 VAL VAL C . n 
F 1 1  ILE 1  297 297 ILE ILE D . n 
F 1 2  LYS 2  298 298 LYS LYS D . n 
F 1 3  HIS 3  299 299 HIS HIS D . n 
F 1 4  VAL 4  300 300 VAL VAL D . n 
F 1 5  PRO 5  301 301 PRO PRO D . n 
F 1 6  GLY 6  302 302 GLY GLY D . n 
F 1 7  GLY 7  303 303 GLY GLY D . n 
F 1 8  GLY 8  304 304 GLY GLY D . n 
F 1 9  SER 9  305 305 SER SER D . n 
F 1 10 VAL 10 306 306 VAL VAL D . n 
F 1 11 GLN 11 307 307 GLN GLN D . n 
F 1 12 ILE 12 308 308 ILE ILE D . n 
F 1 13 VAL 13 309 309 VAL VAL D . n 
F 1 14 TYR 14 310 310 TYR TYR D . n 
F 1 15 LYS 15 311 311 LYS LYS D . n 
F 1 16 PRO 16 312 312 PRO PRO D . n 
F 1 17 VAL 17 313 313 VAL VAL D . n 
F 1 18 ASP 18 314 314 ASP ASP D . n 
F 1 19 LEU 19 315 315 LEU LEU D . n 
F 1 20 SER 20 316 316 SER SER D . n 
F 1 21 LYS 21 317 317 LYS LYS D . n 
F 1 22 VAL 22 318 318 VAL VAL D . n 
# 
_exptl.absorpt_coefficient_mu     ? 
_exptl.absorpt_correction_T_max   ? 
_exptl.absorpt_correction_T_min   ? 
_exptl.absorpt_correction_type    ? 
_exptl.absorpt_process_details    ? 
_exptl.entry_id                   9S2B 
_exptl.crystals_number            ? 
_exptl.details                    ? 
_exptl.method                     'ELECTRON MICROSCOPY' 
_exptl.method_details             ? 
# 
_struct.entry_id                     9S2B 
_struct.title                        '297-441 delta392-395 tau filaments' 
_struct.pdbx_model_details           ? 
_struct.pdbx_formula_weight          ? 
_struct.pdbx_formula_weight_method   ? 
_struct.pdbx_model_type_details      ? 
_struct.pdbx_CASP_flag               N 
# 
_struct_keywords.entry_id        9S2B 
_struct_keywords.text            'Tau, filament, PROTEIN FIBRIL' 
_struct_keywords.pdbx_keywords   'PROTEIN FIBRIL' 
# 
loop_
_struct_asym.id 
_struct_asym.pdbx_blank_PDB_chainid_flag 
_struct_asym.pdbx_modified 
_struct_asym.entity_id 
_struct_asym.details 
A N N 1 ? 
B N N 1 ? 
C N N 1 ? 
D N N 1 ? 
E N N 1 ? 
F N N 1 ? 
# 
_struct_ref.id                         1 
_struct_ref.db_name                    UNP 
_struct_ref.db_code                    TAU_HUMAN 
_struct_ref.pdbx_db_accession          P10636 
_struct_ref.pdbx_db_isoform            ? 
_struct_ref.entity_id                  1 
_struct_ref.pdbx_seq_one_letter_code   IKHVPGGGSVQIVYKPVDLSKV 
_struct_ref.pdbx_align_begin           614 
# 
loop_
_struct_ref_seq.align_id 
_struct_ref_seq.ref_id 
_struct_ref_seq.pdbx_PDB_id_code 
_struct_ref_seq.pdbx_strand_id 
_struct_ref_seq.seq_align_beg 
_struct_ref_seq.pdbx_seq_align_beg_ins_code 
_struct_ref_seq.seq_align_end 
_struct_ref_seq.pdbx_seq_align_end_ins_code 
_struct_ref_seq.pdbx_db_accession 
_struct_ref_seq.db_align_beg 
_struct_ref_seq.pdbx_db_align_beg_ins_code 
_struct_ref_seq.db_align_end 
_struct_ref_seq.pdbx_db_align_end_ins_code 
_struct_ref_seq.pdbx_auth_seq_align_beg 
_struct_ref_seq.pdbx_auth_seq_align_end 
1 1 9S2B F 1 ? 22 ? P10636 614 ? 635 ? 297 318 
2 1 9S2B E 1 ? 22 ? P10636 614 ? 635 ? 297 318 
3 1 9S2B A 1 ? 22 ? P10636 614 ? 635 ? 297 318 
4 1 9S2B B 1 ? 22 ? P10636 614 ? 635 ? 297 318 
5 1 9S2B C 1 ? 22 ? P10636 614 ? 635 ? 297 318 
6 1 9S2B D 1 ? 22 ? P10636 614 ? 635 ? 297 318 
# 
_pdbx_struct_assembly.id                   1 
_pdbx_struct_assembly.details              author_and_software_defined_assembly 
_pdbx_struct_assembly.method_details       ? 
_pdbx_struct_assembly.oligomeric_details   hexameric 
_pdbx_struct_assembly.oligomeric_count     6 
# 
_pdbx_struct_assembly_gen.assembly_id       1 
_pdbx_struct_assembly_gen.oper_expression   1 
_pdbx_struct_assembly_gen.asym_id_list      A,B,C,D,E,F 
# 
_pdbx_struct_assembly_auth_evidence.id                     1 
_pdbx_struct_assembly_auth_evidence.assembly_id            1 
_pdbx_struct_assembly_auth_evidence.experimental_support   'electron microscopy' 
_pdbx_struct_assembly_auth_evidence.details                'not applicable' 
# 
_pdbx_struct_oper_list.id                   1 
_pdbx_struct_oper_list.type                 'identity operation' 
_pdbx_struct_oper_list.name                 1_555 
_pdbx_struct_oper_list.symmetry_operation   x,y,z 
_pdbx_struct_oper_list.matrix[1][1]         1.0 
_pdbx_struct_oper_list.matrix[1][2]         0.0 
_pdbx_struct_oper_list.matrix[1][3]         0.0 
_pdbx_struct_oper_list.vector[1]            0.0 
_pdbx_struct_oper_list.matrix[2][1]         0.0 
_pdbx_struct_oper_list.matrix[2][2]         1.0 
_pdbx_struct_oper_list.matrix[2][3]         0.0 
_pdbx_struct_oper_list.vector[2]            0.0 
_pdbx_struct_oper_list.matrix[3][1]         0.0 
_pdbx_struct_oper_list.matrix[3][2]         0.0 
_pdbx_struct_oper_list.matrix[3][3]         1.0 
_pdbx_struct_oper_list.vector[3]            0.0 
# 
loop_
_struct_sheet.id 
_struct_sheet.type 
_struct_sheet.number_strands 
_struct_sheet.details 
AA1 ? 3 ? 
AA2 ? 3 ? 
AA3 ? 3 ? 
AA4 ? 3 ? 
AA5 ? 3 ? 
AA6 ? 3 ? 
# 
loop_
_struct_sheet_order.sheet_id 
_struct_sheet_order.range_id_1 
_struct_sheet_order.range_id_2 
_struct_sheet_order.offset 
_struct_sheet_order.sense 
AA1 1 2 ? parallel 
AA1 2 3 ? parallel 
AA2 1 2 ? parallel 
AA2 2 3 ? parallel 
AA3 1 2 ? parallel 
AA3 2 3 ? parallel 
AA4 1 2 ? parallel 
AA4 2 3 ? parallel 
AA5 1 2 ? parallel 
AA5 2 3 ? parallel 
AA6 1 2 ? parallel 
AA6 2 3 ? parallel 
# 
loop_
_struct_sheet_range.sheet_id 
_struct_sheet_range.id 
_struct_sheet_range.beg_label_comp_id 
_struct_sheet_range.beg_label_asym_id 
_struct_sheet_range.beg_label_seq_id 
_struct_sheet_range.pdbx_beg_PDB_ins_code 
_struct_sheet_range.end_label_comp_id 
_struct_sheet_range.end_label_asym_id 
_struct_sheet_range.end_label_seq_id 
_struct_sheet_range.pdbx_end_PDB_ins_code 
_struct_sheet_range.beg_auth_comp_id 
_struct_sheet_range.beg_auth_asym_id 
_struct_sheet_range.beg_auth_seq_id 
_struct_sheet_range.end_auth_comp_id 
_struct_sheet_range.end_auth_asym_id 
_struct_sheet_range.end_auth_seq_id 
AA1 1 LYS A 2  ? HIS A 3  ? LYS F 298 HIS F 299 
AA1 2 LYS C 2  ? HIS C 3  ? LYS A 298 HIS A 299 
AA1 3 LYS E 2  ? HIS E 3  ? LYS C 298 HIS C 299 
AA2 1 VAL A 10 ? TYR A 14 ? VAL F 306 TYR F 310 
AA2 2 VAL C 10 ? TYR C 14 ? VAL A 306 TYR A 310 
AA2 3 VAL E 10 ? TYR E 14 ? VAL C 306 TYR C 310 
AA3 1 VAL A 17 ? ASP A 18 ? VAL F 313 ASP F 314 
AA3 2 VAL C 17 ? ASP C 18 ? VAL A 313 ASP A 314 
AA3 3 VAL E 17 ? ASP E 18 ? VAL C 313 ASP C 314 
AA4 1 LYS B 2  ? HIS B 3  ? LYS E 298 HIS E 299 
AA4 2 LYS D 2  ? HIS D 3  ? LYS B 298 HIS B 299 
AA4 3 LYS F 2  ? HIS F 3  ? LYS D 298 HIS D 299 
AA5 1 VAL B 10 ? TYR B 14 ? VAL E 306 TYR E 310 
AA5 2 VAL D 10 ? TYR D 14 ? VAL B 306 TYR B 310 
AA5 3 VAL F 10 ? TYR F 14 ? VAL D 306 TYR D 310 
AA6 1 VAL B 17 ? ASP B 18 ? VAL E 313 ASP E 314 
AA6 2 VAL D 17 ? ASP D 18 ? VAL B 313 ASP B 314 
AA6 3 VAL F 17 ? ASP F 18 ? VAL D 313 ASP D 314 
# 
loop_
_pdbx_struct_sheet_hbond.sheet_id 
_pdbx_struct_sheet_hbond.range_id_1 
_pdbx_struct_sheet_hbond.range_id_2 
_pdbx_struct_sheet_hbond.range_1_label_atom_id 
_pdbx_struct_sheet_hbond.range_1_label_comp_id 
_pdbx_struct_sheet_hbond.range_1_label_asym_id 
_pdbx_struct_sheet_hbond.range_1_label_seq_id 
_pdbx_struct_sheet_hbond.range_1_PDB_ins_code 
_pdbx_struct_sheet_hbond.range_1_auth_atom_id 
_pdbx_struct_sheet_hbond.range_1_auth_comp_id 
_pdbx_struct_sheet_hbond.range_1_auth_asym_id 
_pdbx_struct_sheet_hbond.range_1_auth_seq_id 
_pdbx_struct_sheet_hbond.range_2_label_atom_id 
_pdbx_struct_sheet_hbond.range_2_label_comp_id 
_pdbx_struct_sheet_hbond.range_2_label_asym_id 
_pdbx_struct_sheet_hbond.range_2_label_seq_id 
_pdbx_struct_sheet_hbond.range_2_PDB_ins_code 
_pdbx_struct_sheet_hbond.range_2_auth_atom_id 
_pdbx_struct_sheet_hbond.range_2_auth_comp_id 
_pdbx_struct_sheet_hbond.range_2_auth_asym_id 
_pdbx_struct_sheet_hbond.range_2_auth_seq_id 
AA1 1 2 N LYS A 2  ? N LYS F 298 O HIS C 3  ? O HIS A 299 
AA1 2 3 N LYS C 2  ? N LYS A 298 O HIS E 3  ? O HIS C 299 
AA2 1 2 N ILE A 12 ? N ILE F 308 O GLN C 11 ? O GLN A 307 
AA2 2 3 N TYR C 14 ? N TYR A 310 O VAL E 13 ? O VAL C 309 
AA3 1 2 N VAL A 17 ? N VAL F 313 O ASP C 18 ? O ASP A 314 
AA3 2 3 N VAL C 17 ? N VAL A 313 O ASP E 18 ? O ASP C 314 
AA4 1 2 N LYS B 2  ? N LYS E 298 O HIS D 3  ? O HIS B 299 
AA4 2 3 N LYS D 2  ? N LYS B 298 O HIS F 3  ? O HIS D 299 
AA5 1 2 N ILE B 12 ? N ILE E 308 O VAL D 13 ? O VAL B 309 
AA5 2 3 N TYR D 14 ? N TYR B 310 O VAL F 13 ? O VAL D 309 
AA6 1 2 N VAL B 17 ? N VAL E 313 O ASP D 18 ? O ASP B 314 
AA6 2 3 N VAL D 17 ? N VAL B 313 O ASP F 18 ? O ASP D 314 
# 
_pdbx_entry_details.entry_id                   9S2B 
_pdbx_entry_details.compound_details           ? 
_pdbx_entry_details.source_details             ? 
_pdbx_entry_details.nonpolymer_details         ? 
_pdbx_entry_details.sequence_details           ? 
_pdbx_entry_details.has_ligand_of_interest     ? 
_pdbx_entry_details.has_protein_modification   N 
# 
loop_
_pdbx_validate_close_contact.id 
_pdbx_validate_close_contact.PDB_model_num 
_pdbx_validate_close_contact.auth_atom_id_1 
_pdbx_validate_close_contact.auth_asym_id_1 
_pdbx_validate_close_contact.auth_comp_id_1 
_pdbx_validate_close_contact.auth_seq_id_1 
_pdbx_validate_close_contact.PDB_ins_code_1 
_pdbx_validate_close_contact.label_alt_id_1 
_pdbx_validate_close_contact.auth_atom_id_2 
_pdbx_validate_close_contact.auth_asym_id_2 
_pdbx_validate_close_contact.auth_comp_id_2 
_pdbx_validate_close_contact.auth_seq_id_2 
_pdbx_validate_close_contact.PDB_ins_code_2 
_pdbx_validate_close_contact.label_alt_id_2 
_pdbx_validate_close_contact.dist 
1 1 OD1 A ASP 314 ? ? HG A SER 316 ? ? 1.58 
2 1 OD1 C ASP 314 ? ? HG C SER 316 ? ? 1.59 
3 1 OD1 B ASP 314 ? ? HG B SER 316 ? ? 1.59 
4 1 OD1 F ASP 314 ? ? HG F SER 316 ? ? 1.60 
# 
_em_3d_fitting.id                1 
_em_3d_fitting.entry_id          9S2B 
_em_3d_fitting.method            ? 
_em_3d_fitting.target_criteria   ? 
_em_3d_fitting.details           ? 
_em_3d_fitting.overall_b_value   ? 
_em_3d_fitting.ref_space         ? 
_em_3d_fitting.ref_protocol      ? 
# 
_em_3d_reconstruction.entry_id                    9S2B 
_em_3d_reconstruction.id                          1 
_em_3d_reconstruction.method                      ? 
_em_3d_reconstruction.algorithm                   ? 
_em_3d_reconstruction.citation_id                 ? 
_em_3d_reconstruction.details                     ? 
_em_3d_reconstruction.resolution                  2.9 
_em_3d_reconstruction.resolution_method           'FSC 0.143 CUT-OFF' 
_em_3d_reconstruction.magnification_calibration   ? 
_em_3d_reconstruction.nominal_pixel_size          ? 
_em_3d_reconstruction.actual_pixel_size           ? 
_em_3d_reconstruction.num_particles               213971 
_em_3d_reconstruction.euler_angles_details        ? 
_em_3d_reconstruction.num_class_averages          ? 
_em_3d_reconstruction.refinement_type             ? 
_em_3d_reconstruction.image_processing_id         1 
_em_3d_reconstruction.symmetry_type               HELICAL 
# 
_em_buffer.id            1 
_em_buffer.specimen_id   1 
_em_buffer.name          ? 
_em_buffer.details       ? 
_em_buffer.pH            7.2 
# 
_em_entity_assembly.id                   1 
_em_entity_assembly.parent_id            0 
_em_entity_assembly.source               RECOMBINANT 
_em_entity_assembly.type                 COMPLEX 
_em_entity_assembly.name                 'Microtubule associated protein tau' 
_em_entity_assembly.details              ? 
_em_entity_assembly.synonym              ? 
_em_entity_assembly.oligomeric_details   ? 
_em_entity_assembly.entity_id_list       1 
# 
_em_imaging.entry_id                        9S2B 
_em_imaging.id                              1 
_em_imaging.astigmatism                     ? 
_em_imaging.electron_beam_tilt_params       ? 
_em_imaging.residual_tilt                   ? 
_em_imaging.microscope_model                'TFS KRIOS' 
_em_imaging.specimen_holder_type            ? 
_em_imaging.specimen_holder_model           ? 
_em_imaging.details                         ? 
_em_imaging.date                            ? 
_em_imaging.accelerating_voltage            300 
_em_imaging.illumination_mode               'FLOOD BEAM' 
_em_imaging.mode                            'BRIGHT FIELD' 
_em_imaging.nominal_cs                      ? 
_em_imaging.nominal_defocus_min             500 
_em_imaging.nominal_defocus_max             3000 
_em_imaging.calibrated_defocus_min          ? 
_em_imaging.calibrated_defocus_max          ? 
_em_imaging.tilt_angle_min                  ? 
_em_imaging.tilt_angle_max                  ? 
_em_imaging.nominal_magnification           ? 
_em_imaging.calibrated_magnification        ? 
_em_imaging.electron_source                 'FIELD EMISSION GUN' 
_em_imaging.citation_id                     ? 
_em_imaging.temperature                     ? 
_em_imaging.detector_distance               ? 
_em_imaging.recording_temperature_minimum   ? 
_em_imaging.recording_temperature_maximum   ? 
_em_imaging.alignment_procedure             ? 
_em_imaging.c2_aperture_diameter            ? 
_em_imaging.specimen_id                     1 
_em_imaging.cryogen                         ? 
_em_imaging.objective_aperture              ? 
_em_imaging.microscope_serial_number        ? 
_em_imaging.microscope_version              ? 
# 
_em_vitrification.entry_id              9S2B 
_em_vitrification.id                    1 
_em_vitrification.specimen_id           1 
_em_vitrification.cryogen_name          ETHANE 
_em_vitrification.humidity              ? 
_em_vitrification.temp                  ? 
_em_vitrification.chamber_temperature   ? 
_em_vitrification.instrument            ? 
_em_vitrification.method                ? 
_em_vitrification.time_resolved_state   ? 
_em_vitrification.citation_id           ? 
_em_vitrification.details               ? 
# 
_em_experiment.entry_id                9S2B 
_em_experiment.id                      1 
_em_experiment.reconstruction_method   HELICAL 
_em_experiment.aggregation_state       FILAMENT 
_em_experiment.entity_assembly_id      1 
# 
loop_
_chem_comp_atom.comp_id 
_chem_comp_atom.atom_id 
_chem_comp_atom.type_symbol 
_chem_comp_atom.pdbx_aromatic_flag 
_chem_comp_atom.pdbx_stereo_config 
_chem_comp_atom.pdbx_ordinal 
ASP N    N N N 1   
ASP CA   C N S 2   
ASP C    C N N 3   
ASP O    O N N 4   
ASP CB   C N N 5   
ASP CG   C N N 6   
ASP OD1  O N N 7   
ASP OD2  O N N 8   
ASP OXT  O N N 9   
ASP H    H N N 10  
ASP H2   H N N 11  
ASP HA   H N N 12  
ASP HB2  H N N 13  
ASP HB3  H N N 14  
ASP HD2  H N N 15  
ASP HXT  H N N 16  
GLN N    N N N 17  
GLN CA   C N S 18  
GLN C    C N N 19  
GLN O    O N N 20  
GLN CB   C N N 21  
GLN CG   C N N 22  
GLN CD   C N N 23  
GLN OE1  O N N 24  
GLN NE2  N N N 25  
GLN OXT  O N N 26  
GLN H    H N N 27  
GLN H2   H N N 28  
GLN HA   H N N 29  
GLN HB2  H N N 30  
GLN HB3  H N N 31  
GLN HG2  H N N 32  
GLN HG3  H N N 33  
GLN HE21 H N N 34  
GLN HE22 H N N 35  
GLN HXT  H N N 36  
GLY N    N N N 37  
GLY CA   C N N 38  
GLY C    C N N 39  
GLY O    O N N 40  
GLY OXT  O N N 41  
GLY H    H N N 42  
GLY H2   H N N 43  
GLY HA2  H N N 44  
GLY HA3  H N N 45  
GLY HXT  H N N 46  
HIS N    N N N 47  
HIS CA   C N S 48  
HIS C    C N N 49  
HIS O    O N N 50  
HIS CB   C N N 51  
HIS CG   C Y N 52  
HIS ND1  N Y N 53  
HIS CD2  C Y N 54  
HIS CE1  C Y N 55  
HIS NE2  N Y N 56  
HIS OXT  O N N 57  
HIS H    H N N 58  
HIS H2   H N N 59  
HIS HA   H N N 60  
HIS HB2  H N N 61  
HIS HB3  H N N 62  
HIS HD1  H N N 63  
HIS HD2  H N N 64  
HIS HE1  H N N 65  
HIS HE2  H N N 66  
HIS HXT  H N N 67  
ILE N    N N N 68  
ILE CA   C N S 69  
ILE C    C N N 70  
ILE O    O N N 71  
ILE CB   C N S 72  
ILE CG1  C N N 73  
ILE CG2  C N N 74  
ILE CD1  C N N 75  
ILE OXT  O N N 76  
ILE H    H N N 77  
ILE H2   H N N 78  
ILE HA   H N N 79  
ILE HB   H N N 80  
ILE HG12 H N N 81  
ILE HG13 H N N 82  
ILE HG21 H N N 83  
ILE HG22 H N N 84  
ILE HG23 H N N 85  
ILE HD11 H N N 86  
ILE HD12 H N N 87  
ILE HD13 H N N 88  
ILE HXT  H N N 89  
LEU N    N N N 90  
LEU CA   C N S 91  
LEU C    C N N 92  
LEU O    O N N 93  
LEU CB   C N N 94  
LEU CG   C N N 95  
LEU CD1  C N N 96  
LEU CD2  C N N 97  
LEU OXT  O N N 98  
LEU H    H N N 99  
LEU H2   H N N 100 
LEU HA   H N N 101 
LEU HB2  H N N 102 
LEU HB3  H N N 103 
LEU HG   H N N 104 
LEU HD11 H N N 105 
LEU HD12 H N N 106 
LEU HD13 H N N 107 
LEU HD21 H N N 108 
LEU HD22 H N N 109 
LEU HD23 H N N 110 
LEU HXT  H N N 111 
LYS N    N N N 112 
LYS CA   C N S 113 
LYS C    C N N 114 
LYS O    O N N 115 
LYS CB   C N N 116 
LYS CG   C N N 117 
LYS CD   C N N 118 
LYS CE   C N N 119 
LYS NZ   N N N 120 
LYS OXT  O N N 121 
LYS H    H N N 122 
LYS H2   H N N 123 
LYS HA   H N N 124 
LYS HB2  H N N 125 
LYS HB3  H N N 126 
LYS HG2  H N N 127 
LYS HG3  H N N 128 
LYS HD2  H N N 129 
LYS HD3  H N N 130 
LYS HE2  H N N 131 
LYS HE3  H N N 132 
LYS HZ1  H N N 133 
LYS HZ2  H N N 134 
LYS HZ3  H N N 135 
LYS HXT  H N N 136 
PRO N    N N N 137 
PRO CA   C N S 138 
PRO C    C N N 139 
PRO O    O N N 140 
PRO CB   C N N 141 
PRO CG   C N N 142 
PRO CD   C N N 143 
PRO OXT  O N N 144 
PRO H    H N N 145 
PRO HA   H N N 146 
PRO HB2  H N N 147 
PRO HB3  H N N 148 
PRO HG2  H N N 149 
PRO HG3  H N N 150 
PRO HD2  H N N 151 
PRO HD3  H N N 152 
PRO HXT  H N N 153 
SER N    N N N 154 
SER CA   C N S 155 
SER C    C N N 156 
SER O    O N N 157 
SER CB   C N N 158 
SER OG   O N N 159 
SER OXT  O N N 160 
SER H    H N N 161 
SER H2   H N N 162 
SER HA   H N N 163 
SER HB2  H N N 164 
SER HB3  H N N 165 
SER HG   H N N 166 
SER HXT  H N N 167 
TYR N    N N N 168 
TYR CA   C N S 169 
TYR C    C N N 170 
TYR O    O N N 171 
TYR CB   C N N 172 
TYR CG   C Y N 173 
TYR CD1  C Y N 174 
TYR CD2  C Y N 175 
TYR CE1  C Y N 176 
TYR CE2  C Y N 177 
TYR CZ   C Y N 178 
TYR OH   O N N 179 
TYR OXT  O N N 180 
TYR H    H N N 181 
TYR H2   H N N 182 
TYR HA   H N N 183 
TYR HB2  H N N 184 
TYR HB3  H N N 185 
TYR HD1  H N N 186 
TYR HD2  H N N 187 
TYR HE1  H N N 188 
TYR HE2  H N N 189 
TYR HH   H N N 190 
TYR HXT  H N N 191 
VAL N    N N N 192 
VAL CA   C N S 193 
VAL C    C N N 194 
VAL O    O N N 195 
VAL CB   C N N 196 
VAL CG1  C N N 197 
VAL CG2  C N N 198 
VAL OXT  O N N 199 
VAL H    H N N 200 
VAL H2   H N N 201 
VAL HA   H N N 202 
VAL HB   H N N 203 
VAL HG11 H N N 204 
VAL HG12 H N N 205 
VAL HG13 H N N 206 
VAL HG21 H N N 207 
VAL HG22 H N N 208 
VAL HG23 H N N 209 
VAL HXT  H N N 210 
# 
loop_
_chem_comp_bond.comp_id 
_chem_comp_bond.atom_id_1 
_chem_comp_bond.atom_id_2 
_chem_comp_bond.value_order 
_chem_comp_bond.pdbx_aromatic_flag 
_chem_comp_bond.pdbx_stereo_config 
_chem_comp_bond.pdbx_ordinal 
ASP N   CA   sing N N 1   
ASP N   H    sing N N 2   
ASP N   H2   sing N N 3   
ASP CA  C    sing N N 4   
ASP CA  CB   sing N N 5   
ASP CA  HA   sing N N 6   
ASP C   O    doub N N 7   
ASP C   OXT  sing N N 8   
ASP CB  CG   sing N N 9   
ASP CB  HB2  sing N N 10  
ASP CB  HB3  sing N N 11  
ASP CG  OD1  doub N N 12  
ASP CG  OD2  sing N N 13  
ASP OD2 HD2  sing N N 14  
ASP OXT HXT  sing N N 15  
GLN N   CA   sing N N 16  
GLN N   H    sing N N 17  
GLN N   H2   sing N N 18  
GLN CA  C    sing N N 19  
GLN CA  CB   sing N N 20  
GLN CA  HA   sing N N 21  
GLN C   O    doub N N 22  
GLN C   OXT  sing N N 23  
GLN CB  CG   sing N N 24  
GLN CB  HB2  sing N N 25  
GLN CB  HB3  sing N N 26  
GLN CG  CD   sing N N 27  
GLN CG  HG2  sing N N 28  
GLN CG  HG3  sing N N 29  
GLN CD  OE1  doub N N 30  
GLN CD  NE2  sing N N 31  
GLN NE2 HE21 sing N N 32  
GLN NE2 HE22 sing N N 33  
GLN OXT HXT  sing N N 34  
GLY N   CA   sing N N 35  
GLY N   H    sing N N 36  
GLY N   H2   sing N N 37  
GLY CA  C    sing N N 38  
GLY CA  HA2  sing N N 39  
GLY CA  HA3  sing N N 40  
GLY C   O    doub N N 41  
GLY C   OXT  sing N N 42  
GLY OXT HXT  sing N N 43  
HIS N   CA   sing N N 44  
HIS N   H    sing N N 45  
HIS N   H2   sing N N 46  
HIS CA  C    sing N N 47  
HIS CA  CB   sing N N 48  
HIS CA  HA   sing N N 49  
HIS C   O    doub N N 50  
HIS C   OXT  sing N N 51  
HIS CB  CG   sing N N 52  
HIS CB  HB2  sing N N 53  
HIS CB  HB3  sing N N 54  
HIS CG  ND1  sing Y N 55  
HIS CG  CD2  doub Y N 56  
HIS ND1 CE1  doub Y N 57  
HIS ND1 HD1  sing N N 58  
HIS CD2 NE2  sing Y N 59  
HIS CD2 HD2  sing N N 60  
HIS CE1 NE2  sing Y N 61  
HIS CE1 HE1  sing N N 62  
HIS NE2 HE2  sing N N 63  
HIS OXT HXT  sing N N 64  
ILE N   CA   sing N N 65  
ILE N   H    sing N N 66  
ILE N   H2   sing N N 67  
ILE CA  C    sing N N 68  
ILE CA  CB   sing N N 69  
ILE CA  HA   sing N N 70  
ILE C   O    doub N N 71  
ILE C   OXT  sing N N 72  
ILE CB  CG1  sing N N 73  
ILE CB  CG2  sing N N 74  
ILE CB  HB   sing N N 75  
ILE CG1 CD1  sing N N 76  
ILE CG1 HG12 sing N N 77  
ILE CG1 HG13 sing N N 78  
ILE CG2 HG21 sing N N 79  
ILE CG2 HG22 sing N N 80  
ILE CG2 HG23 sing N N 81  
ILE CD1 HD11 sing N N 82  
ILE CD1 HD12 sing N N 83  
ILE CD1 HD13 sing N N 84  
ILE OXT HXT  sing N N 85  
LEU N   CA   sing N N 86  
LEU N   H    sing N N 87  
LEU N   H2   sing N N 88  
LEU CA  C    sing N N 89  
LEU CA  CB   sing N N 90  
LEU CA  HA   sing N N 91  
LEU C   O    doub N N 92  
LEU C   OXT  sing N N 93  
LEU CB  CG   sing N N 94  
LEU CB  HB2  sing N N 95  
LEU CB  HB3  sing N N 96  
LEU CG  CD1  sing N N 97  
LEU CG  CD2  sing N N 98  
LEU CG  HG   sing N N 99  
LEU CD1 HD11 sing N N 100 
LEU CD1 HD12 sing N N 101 
LEU CD1 HD13 sing N N 102 
LEU CD2 HD21 sing N N 103 
LEU CD2 HD22 sing N N 104 
LEU CD2 HD23 sing N N 105 
LEU OXT HXT  sing N N 106 
LYS N   CA   sing N N 107 
LYS N   H    sing N N 108 
LYS N   H2   sing N N 109 
LYS CA  C    sing N N 110 
LYS CA  CB   sing N N 111 
LYS CA  HA   sing N N 112 
LYS C   O    doub N N 113 
LYS C   OXT  sing N N 114 
LYS CB  CG   sing N N 115 
LYS CB  HB2  sing N N 116 
LYS CB  HB3  sing N N 117 
LYS CG  CD   sing N N 118 
LYS CG  HG2  sing N N 119 
LYS CG  HG3  sing N N 120 
LYS CD  CE   sing N N 121 
LYS CD  HD2  sing N N 122 
LYS CD  HD3  sing N N 123 
LYS CE  NZ   sing N N 124 
LYS CE  HE2  sing N N 125 
LYS CE  HE3  sing N N 126 
LYS NZ  HZ1  sing N N 127 
LYS NZ  HZ2  sing N N 128 
LYS NZ  HZ3  sing N N 129 
LYS OXT HXT  sing N N 130 
PRO N   CA   sing N N 131 
PRO N   CD   sing N N 132 
PRO N   H    sing N N 133 
PRO CA  C    sing N N 134 
PRO CA  CB   sing N N 135 
PRO CA  HA   sing N N 136 
PRO C   O    doub N N 137 
PRO C   OXT  sing N N 138 
PRO CB  CG   sing N N 139 
PRO CB  HB2  sing N N 140 
PRO CB  HB3  sing N N 141 
PRO CG  CD   sing N N 142 
PRO CG  HG2  sing N N 143 
PRO CG  HG3  sing N N 144 
PRO CD  HD2  sing N N 145 
PRO CD  HD3  sing N N 146 
PRO OXT HXT  sing N N 147 
SER N   CA   sing N N 148 
SER N   H    sing N N 149 
SER N   H2   sing N N 150 
SER CA  C    sing N N 151 
SER CA  CB   sing N N 152 
SER CA  HA   sing N N 153 
SER C   O    doub N N 154 
SER C   OXT  sing N N 155 
SER CB  OG   sing N N 156 
SER CB  HB2  sing N N 157 
SER CB  HB3  sing N N 158 
SER OG  HG   sing N N 159 
SER OXT HXT  sing N N 160 
TYR N   CA   sing N N 161 
TYR N   H    sing N N 162 
TYR N   H2   sing N N 163 
TYR CA  C    sing N N 164 
TYR CA  CB   sing N N 165 
TYR CA  HA   sing N N 166 
TYR C   O    doub N N 167 
TYR C   OXT  sing N N 168 
TYR CB  CG   sing N N 169 
TYR CB  HB2  sing N N 170 
TYR CB  HB3  sing N N 171 
TYR CG  CD1  doub Y N 172 
TYR CG  CD2  sing Y N 173 
TYR CD1 CE1  sing Y N 174 
TYR CD1 HD1  sing N N 175 
TYR CD2 CE2  doub Y N 176 
TYR CD2 HD2  sing N N 177 
TYR CE1 CZ   doub Y N 178 
TYR CE1 HE1  sing N N 179 
TYR CE2 CZ   sing Y N 180 
TYR CE2 HE2  sing N N 181 
TYR CZ  OH   sing N N 182 
TYR OH  HH   sing N N 183 
TYR OXT HXT  sing N N 184 
VAL N   CA   sing N N 185 
VAL N   H    sing N N 186 
VAL N   H2   sing N N 187 
VAL CA  C    sing N N 188 
VAL CA  CB   sing N N 189 
VAL CA  HA   sing N N 190 
VAL C   O    doub N N 191 
VAL C   OXT  sing N N 192 
VAL CB  CG1  sing N N 193 
VAL CB  CG2  sing N N 194 
VAL CB  HB   sing N N 195 
VAL CG1 HG11 sing N N 196 
VAL CG1 HG12 sing N N 197 
VAL CG1 HG13 sing N N 198 
VAL CG2 HG21 sing N N 199 
VAL CG2 HG22 sing N N 200 
VAL CG2 HG23 sing N N 201 
VAL OXT HXT  sing N N 202 
# 
_em_admin.current_status     REL 
_em_admin.deposition_date    2025-07-21 
_em_admin.deposition_site    PDBE 
_em_admin.entry_id           9S2B 
_em_admin.last_update        2025-08-27 
_em_admin.map_release_date   2025-08-27 
_em_admin.title              '297-441 delta392-395 tau filaments' 
# 
_em_ctf_correction.details                  ? 
_em_ctf_correction.em_image_processing_id   1 
_em_ctf_correction.id                       1 
_em_ctf_correction.type                     'PHASE FLIPPING AND AMPLITUDE CORRECTION' 
# 
_em_entity_assembly_naturalsource.cell                 ? 
_em_entity_assembly_naturalsource.cellular_location    ? 
_em_entity_assembly_naturalsource.entity_assembly_id   1 
_em_entity_assembly_naturalsource.id                   2 
_em_entity_assembly_naturalsource.ncbi_tax_id          9606 
_em_entity_assembly_naturalsource.organism             'Homo sapiens' 
_em_entity_assembly_naturalsource.organelle            ? 
_em_entity_assembly_naturalsource.organ                ? 
_em_entity_assembly_naturalsource.strain               ? 
_em_entity_assembly_naturalsource.tissue               ? 
_em_entity_assembly_naturalsource.details              ? 
# 
_em_entity_assembly_recombinant.cell                 ? 
_em_entity_assembly_recombinant.entity_assembly_id   1 
_em_entity_assembly_recombinant.id                   2 
_em_entity_assembly_recombinant.ncbi_tax_id          562 
_em_entity_assembly_recombinant.organism             'Escherichia coli' 
_em_entity_assembly_recombinant.plasmid              ? 
_em_entity_assembly_recombinant.strain               ? 
# 
_em_helical_entity.id                             1 
_em_helical_entity.image_processing_id            1 
_em_helical_entity.details                        ? 
_em_helical_entity.axial_symmetry                 C1 
_em_helical_entity.angular_rotation_per_subunit   -2.9 
_em_helical_entity.axial_rise_per_subunit         4.85 
# 
_em_image_processing.details              ? 
_em_image_processing.id                   1 
_em_image_processing.image_recording_id   1 
# 
_em_image_recording.average_exposure_time               ? 
_em_image_recording.avg_electron_dose_per_subtomogram   ? 
_em_image_recording.avg_electron_dose_per_image         30 
_em_image_recording.details                             ? 
_em_image_recording.detector_mode                       ? 
_em_image_recording.film_or_detector_model              'FEI FALCON IV (4k x 4k)' 
_em_image_recording.id                                  1 
_em_image_recording.imaging_id                          1 
_em_image_recording.num_diffraction_images              ? 
_em_image_recording.num_grids_imaged                    ? 
_em_image_recording.num_real_images                     ? 
# 
loop_
_em_software.category 
_em_software.details 
_em_software.id 
_em_software.image_processing_id 
_em_software.fitting_id 
_em_software.imaging_id 
_em_software.name 
_em_software.version 
_em_software.reference_DOI 
'PARTICLE SELECTION'       ?                1  1 ? ? RELION ? ? 
'IMAGE ACQUISITION'        'reliooon v red' 2  ? ? 1 RELION ? ? 
MASKING                    ?                3  ? ? ? ?      ? ? 
'CTF CORRECTION'           ?                4  1 ? ? ?      ? ? 
'LAYERLINE INDEXING'       ?                5  ? ? ? ?      ? ? 
'DIFFRACTION INDEXING'     ?                6  ? ? ? ?      ? ? 
'MODEL FITTING'            ?                7  ? ? ? ?      ? ? 
'MODEL REFINEMENT'         ?                8  ? ? ? ?      ? ? 
OTHER                      ?                9  ? ? ? ?      ? ? 
'INITIAL EULER ASSIGNMENT' ?                10 1 ? ? ?      ? ? 
'FINAL EULER ASSIGNMENT'   ?                11 1 ? ? ?      ? ? 
CLASSIFICATION             ?                12 1 ? ? ?      ? ? 
RECONSTRUCTION             ?                13 1 ? ? RELION 5 ? 
# 
_em_specimen.concentration           ? 
_em_specimen.details                 ? 
_em_specimen.embedding_applied       NO 
_em_specimen.experiment_id           1 
_em_specimen.id                      1 
_em_specimen.shadowing_applied       NO 
_em_specimen.staining_applied        NO 
_em_specimen.vitrification_applied   YES 
# 
_pdbx_audit_support.funding_organization   'Medical Research Council (MRC, United Kingdom)' 
_pdbx_audit_support.country                'United Kingdom' 
_pdbx_audit_support.grant_number           ? 
_pdbx_audit_support.ordinal                1 
# 
_atom_sites.entry_id                    9S2B 
_atom_sites.Cartn_transf_matrix[1][1]   ? 
_atom_sites.Cartn_transf_matrix[1][2]   ? 
_atom_sites.Cartn_transf_matrix[1][3]   ? 
_atom_sites.Cartn_transf_matrix[2][1]   ? 
_atom_sites.Cartn_transf_matrix[2][2]   ? 
_atom_sites.Cartn_transf_matrix[2][3]   ? 
_atom_sites.Cartn_transf_matrix[3][1]   ? 
_atom_sites.Cartn_transf_matrix[3][2]   ? 
_atom_sites.Cartn_transf_matrix[3][3]   ? 
_atom_sites.Cartn_transf_vector[1]      ? 
_atom_sites.Cartn_transf_vector[2]      ? 
_atom_sites.Cartn_transf_vector[3]      ? 
_atom_sites.Cartn_transform_axes        ? 
_atom_sites.fract_transf_matrix[1][1]   1.000000 
_atom_sites.fract_transf_matrix[1][2]   0.000000 
_atom_sites.fract_transf_matrix[1][3]   0.000000 
_atom_sites.fract_transf_matrix[2][1]   0.000000 
_atom_sites.fract_transf_matrix[2][2]   1.000000 
_atom_sites.fract_transf_matrix[2][3]   0.000000 
_atom_sites.fract_transf_matrix[3][1]   0.000000 
_atom_sites.fract_transf_matrix[3][2]   0.000000 
_atom_sites.fract_transf_matrix[3][3]   1.000000 
_atom_sites.fract_transf_vector[1]      0.00000 
_atom_sites.fract_transf_vector[2]      0.00000 
_atom_sites.fract_transf_vector[3]      0.00000 
_atom_sites.solution_primary            ? 
_atom_sites.solution_secondary          ? 
_atom_sites.solution_hydrogens          ? 
_atom_sites.special_details             ? 
# 
loop_
_atom_type.symbol 
C 
H 
N 
O 
# 
loop_
_atom_site.group_PDB 
_atom_site.id 
_atom_site.type_symbol 
_atom_site.label_atom_id 
_atom_site.label_alt_id 
_atom_site.label_comp_id 
_atom_site.label_asym_id 
_atom_site.label_entity_id 
_atom_site.label_seq_id 
_atom_site.pdbx_PDB_ins_code 
_atom_site.Cartn_x 
_atom_site.Cartn_y 
_atom_site.Cartn_z 
_atom_site.occupancy 
_atom_site.B_iso_or_equiv 
_atom_site.pdbx_formal_charge 
_atom_site.auth_seq_id 
_atom_site.auth_comp_id 
_atom_site.auth_asym_id 
_atom_site.auth_atom_id 
_atom_site.pdbx_PDB_model_num 
ATOM 1    N N    . ILE A 1 1  ? -9.108  16.442  -1.592  1.00 100.00 ? 297 ILE F N    1 
ATOM 2    C CA   . ILE A 1 1  ? -7.776  15.780  -1.520  1.00 100.00 ? 297 ILE F CA   1 
ATOM 3    C C    . ILE A 1 1  ? -7.769  14.740  -0.400  1.00 100.00 ? 297 ILE F C    1 
ATOM 4    O O    . ILE A 1 1  ? -8.028  15.097  0.743   1.00 100.00 ? 297 ILE F O    1 
ATOM 5    C CB   . ILE A 1 1  ? -6.605  16.780  -1.359  1.00 100.00 ? 297 ILE F CB   1 
ATOM 6    C CG1  . ILE A 1 1  ? -6.528  17.750  -2.557  1.00 100.00 ? 297 ILE F CG1  1 
ATOM 7    C CG2  . ILE A 1 1  ? -5.256  16.052  -1.212  1.00 100.00 ? 297 ILE F CG2  1 
ATOM 8    C CD1  . ILE A 1 1  ? -5.559  18.925  -2.371  1.00 100.00 ? 297 ILE F CD1  1 
ATOM 9    H H1   . ILE A 1 1  ? -9.146  17.115  -2.341  1.00 100.00 ? 297 ILE F H1   1 
ATOM 10   H H2   . ILE A 1 1  ? -9.297  16.930  -0.729  1.00 100.00 ? 297 ILE F H2   1 
ATOM 11   H H3   . ILE A 1 1  ? -9.848  15.769  -1.729  1.00 100.00 ? 297 ILE F H3   1 
ATOM 12   H HA   . ILE A 1 1  ? -7.607  15.244  -2.453  1.00 100.00 ? 297 ILE F HA   1 
ATOM 13   H HB   . ILE A 1 1  ? -6.769  17.365  -0.455  1.00 100.00 ? 297 ILE F HB   1 
ATOM 14   H HG12 . ILE A 1 1  ? -6.237  17.201  -3.451  1.00 100.00 ? 297 ILE F HG12 1 
ATOM 15   H HG13 . ILE A 1 1  ? -7.509  18.188  -2.735  1.00 100.00 ? 297 ILE F HG13 1 
ATOM 16   H HG21 . ILE A 1 1  ? -4.453  16.774  -1.072  1.00 100.00 ? 297 ILE F HG21 1 
ATOM 17   H HG22 . ILE A 1 1  ? -5.249  15.412  -0.331  1.00 100.00 ? 297 ILE F HG22 1 
ATOM 18   H HG23 . ILE A 1 1  ? -5.038  15.459  -2.098  1.00 100.00 ? 297 ILE F HG23 1 
ATOM 19   H HD11 . ILE A 1 1  ? -5.664  19.614  -3.206  1.00 100.00 ? 297 ILE F HD11 1 
ATOM 20   H HD12 . ILE A 1 1  ? -5.789  19.454  -1.447  1.00 100.00 ? 297 ILE F HD12 1 
ATOM 21   H HD13 . ILE A 1 1  ? -4.528  18.577  -2.345  1.00 100.00 ? 297 ILE F HD13 1 
ATOM 22   N N    . LYS A 1 2  ? -7.511  13.458  -0.700  1.00 100.00 ? 298 LYS F N    1 
ATOM 23   C CA   . LYS A 1 2  ? -7.359  12.366  0.283   1.00 100.00 ? 298 LYS F CA   1 
ATOM 24   C C    . LYS A 1 2  ? -6.063  11.594  0.062   1.00 100.00 ? 298 LYS F C    1 
ATOM 25   O O    . LYS A 1 2  ? -5.635  11.440  -1.073  1.00 100.00 ? 298 LYS F O    1 
ATOM 26   C CB   . LYS A 1 2  ? -8.548  11.391  0.247   1.00 100.00 ? 298 LYS F CB   1 
ATOM 27   C CG   . LYS A 1 2  ? -9.905  12.086  0.414   1.00 100.00 ? 298 LYS F CG   1 
ATOM 28   C CD   . LYS A 1 2  ? -11.037 11.124  0.796   1.00 100.00 ? 298 LYS F CD   1 
ATOM 29   C CE   . LYS A 1 2  ? -11.301 10.022  -0.232  1.00 100.00 ? 298 LYS F CE   1 
ATOM 30   N NZ   . LYS A 1 2  ? -12.432 9.164   0.198   1.00 100.00 ? 298 LYS F NZ   1 
ATOM 31   H H    . LYS A 1 2  ? -7.350  13.215  -1.667  1.00 100.00 ? 298 LYS F H    1 
ATOM 32   H HA   . LYS A 1 2  ? -7.304  12.792  1.284   1.00 100.00 ? 298 LYS F HA   1 
ATOM 33   H HB2  . LYS A 1 2  ? -8.546  10.846  -0.696  1.00 100.00 ? 298 LYS F HB2  1 
ATOM 34   H HB3  . LYS A 1 2  ? -8.422  10.673  1.055   1.00 100.00 ? 298 LYS F HB3  1 
ATOM 35   H HG2  . LYS A 1 2  ? -9.824  12.828  1.206   1.00 100.00 ? 298 LYS F HG2  1 
ATOM 36   H HG3  . LYS A 1 2  ? -10.168 12.595  -0.513  1.00 100.00 ? 298 LYS F HG3  1 
ATOM 37   H HD2  . LYS A 1 2  ? -10.794 10.668  1.754   1.00 100.00 ? 298 LYS F HD2  1 
ATOM 38   H HD3  . LYS A 1 2  ? -11.945 11.711  0.925   1.00 100.00 ? 298 LYS F HD3  1 
ATOM 39   H HE2  . LYS A 1 2  ? -11.524 10.487  -1.191  1.00 100.00 ? 298 LYS F HE2  1 
ATOM 40   H HE3  . LYS A 1 2  ? -10.398 9.423   -0.342  1.00 100.00 ? 298 LYS F HE3  1 
ATOM 41   H HZ1  . LYS A 1 2  ? -12.599 8.412   -0.448  1.00 100.00 ? 298 LYS F HZ1  1 
ATOM 42   H HZ2  . LYS A 1 2  ? -13.284 9.695   0.273   1.00 100.00 ? 298 LYS F HZ2  1 
ATOM 43   H HZ3  . LYS A 1 2  ? -12.259 8.756   1.102   1.00 100.00 ? 298 LYS F HZ3  1 
ATOM 44   N N    . HIS A 1 3  ? -5.448  11.080  1.117   1.00 100.00 ? 299 HIS F N    1 
ATOM 45   C CA   . HIS A 1 3  ? -4.388  10.065  1.055   1.00 100.00 ? 299 HIS F CA   1 
ATOM 46   C C    . HIS A 1 3  ? -4.738  8.931   2.018   1.00 100.00 ? 299 HIS F C    1 
ATOM 47   O O    . HIS A 1 3  ? -4.992  9.192   3.189   1.00 100.00 ? 299 HIS F O    1 
ATOM 48   C CB   . HIS A 1 3  ? -3.042  10.734  1.362   1.00 100.00 ? 299 HIS F CB   1 
ATOM 49   C CG   . HIS A 1 3  ? -1.841  9.847   1.212   1.00 100.00 ? 299 HIS F CG   1 
ATOM 50   N ND1  . HIS A 1 3  ? -1.748  8.740   0.378   1.00 100.00 ? 299 HIS F ND1  1 
ATOM 51   C CD2  . HIS A 1 3  ? -0.616  10.090  1.752   1.00 100.00 ? 299 HIS F CD2  1 
ATOM 52   C CE1  . HIS A 1 3  ? -0.481  8.313   0.462   1.00 100.00 ? 299 HIS F CE1  1 
ATOM 53   N NE2  . HIS A 1 3  ? 0.222   9.107   1.279   1.00 100.00 ? 299 HIS F NE2  1 
ATOM 54   H H    . HIS A 1 3  ? -5.837  11.271  2.029   1.00 100.00 ? 299 HIS F H    1 
ATOM 55   H HA   . HIS A 1 3  ? -4.331  9.642   0.052   1.00 100.00 ? 299 HIS F HA   1 
ATOM 56   H HB2  . HIS A 1 3  ? -2.909  11.589  0.700   1.00 100.00 ? 299 HIS F HB2  1 
ATOM 57   H HB3  . HIS A 1 3  ? -3.066  11.113  2.384   1.00 100.00 ? 299 HIS F HB3  1 
ATOM 58   H HD2  . HIS A 1 3  ? -0.358  10.911  2.403   1.00 100.00 ? 299 HIS F HD2  1 
ATOM 59   H HE1  . HIS A 1 3  ? -0.081  7.458   -0.063  1.00 100.00 ? 299 HIS F HE1  1 
ATOM 60   H HE2  . HIS A 1 3  ? 1.196   8.987   1.517   1.00 100.00 ? 299 HIS F HE2  1 
ATOM 61   N N    . VAL A 1 4  ? -4.811  7.686   1.555   1.00 100.00 ? 300 VAL F N    1 
ATOM 62   C CA   . VAL A 1 4  ? -5.457  6.579   2.282   1.00 100.00 ? 300 VAL F CA   1 
ATOM 63   C C    . VAL A 1 4  ? -4.628  5.285   2.215   1.00 100.00 ? 300 VAL F C    1 
ATOM 64   O O    . VAL A 1 4  ? -5.109  4.266   1.725   1.00 100.00 ? 300 VAL F O    1 
ATOM 65   C CB   . VAL A 1 4  ? -6.914  6.380   1.807   1.00 100.00 ? 300 VAL F CB   1 
ATOM 66   C CG1  . VAL A 1 4  ? -7.719  5.514   2.778   1.00 100.00 ? 300 VAL F CG1  1 
ATOM 67   C CG2  . VAL A 1 4  ? -7.699  7.688   1.667   1.00 100.00 ? 300 VAL F CG2  1 
ATOM 68   H H    . VAL A 1 4  ? -4.567  7.526   0.589   1.00 100.00 ? 300 VAL F H    1 
ATOM 69   H HA   . VAL A 1 4  ? -5.509  6.843   3.338   1.00 100.00 ? 300 VAL F HA   1 
ATOM 70   H HB   . VAL A 1 4  ? -6.909  5.902   0.829   1.00 100.00 ? 300 VAL F HB   1 
ATOM 71   H HG11 . VAL A 1 4  ? -7.262  4.538   2.902   1.00 100.00 ? 300 VAL F HG11 1 
ATOM 72   H HG12 . VAL A 1 4  ? -7.778  5.998   3.747   1.00 100.00 ? 300 VAL F HG12 1 
ATOM 73   H HG13 . VAL A 1 4  ? -8.725  5.362   2.398   1.00 100.00 ? 300 VAL F HG13 1 
ATOM 74   H HG21 . VAL A 1 4  ? -8.736  7.474   1.416   1.00 100.00 ? 300 VAL F HG21 1 
ATOM 75   H HG22 . VAL A 1 4  ? -7.666  8.244   2.602   1.00 100.00 ? 300 VAL F HG22 1 
ATOM 76   H HG23 . VAL A 1 4  ? -7.278  8.290   0.865   1.00 100.00 ? 300 VAL F HG23 1 
ATOM 77   N N    . PRO A 1 5  ? -3.349  5.285   2.627   1.00 100.00 ? 301 PRO F N    1 
ATOM 78   C CA   . PRO A 1 5  ? -2.497  4.108   2.529   1.00 100.00 ? 301 PRO F CA   1 
ATOM 79   C C    . PRO A 1 5  ? -2.878  3.019   3.536   1.00 100.00 ? 301 PRO F C    1 
ATOM 80   O O    . PRO A 1 5  ? -3.121  3.292   4.709   1.00 100.00 ? 301 PRO F O    1 
ATOM 81   C CB   . PRO A 1 5  ? -1.078  4.633   2.761   1.00 100.00 ? 301 PRO F CB   1 
ATOM 82   C CG   . PRO A 1 5  ? -1.287  5.834   3.670   1.00 100.00 ? 301 PRO F CG   1 
ATOM 83   C CD   . PRO A 1 5  ? -2.605  6.405   3.166   1.00 100.00 ? 301 PRO F CD   1 
ATOM 84   H HA   . PRO A 1 5  ? -2.563  3.690   1.525   1.00 100.00 ? 301 PRO F HA   1 
ATOM 85   H HB2  . PRO A 1 5  ? -0.429  3.888   3.221   1.00 100.00 ? 301 PRO F HB2  1 
ATOM 86   H HB3  . PRO A 1 5  ? -0.648  4.981   1.822   1.00 100.00 ? 301 PRO F HB3  1 
ATOM 87   H HG2  . PRO A 1 5  ? -1.398  5.504   4.702   1.00 100.00 ? 301 PRO F HG2  1 
ATOM 88   H HG3  . PRO A 1 5  ? -0.476  6.555   3.583   1.00 100.00 ? 301 PRO F HG3  1 
ATOM 89   H HD2  . PRO A 1 5  ? -3.145  6.891   3.978   1.00 100.00 ? 301 PRO F HD2  1 
ATOM 90   H HD3  . PRO A 1 5  ? -2.397  7.120   2.370   1.00 100.00 ? 301 PRO F HD3  1 
ATOM 91   N N    . GLY A 1 6  ? -2.896  1.762   3.095   1.00 67.96  ? 302 GLY F N    1 
ATOM 92   C CA   . GLY A 1 6  ? -2.991  0.595   3.978   1.00 67.96  ? 302 GLY F CA   1 
ATOM 93   C C    . GLY A 1 6  ? -4.353  0.346   4.637   1.00 67.96  ? 302 GLY F C    1 
ATOM 94   O O    . GLY A 1 6  ? -4.431  -0.402  5.610   1.00 67.96  ? 302 GLY F O    1 
ATOM 95   H H    . GLY A 1 6  ? -2.726  1.602   2.112   1.00 67.96  ? 302 GLY F H    1 
ATOM 96   H HA2  . GLY A 1 6  ? -2.751  -0.293  3.394   1.00 67.96  ? 302 GLY F HA2  1 
ATOM 97   H HA3  . GLY A 1 6  ? -2.246  0.685   4.768   1.00 67.96  ? 302 GLY F HA3  1 
ATOM 98   N N    . GLY A 1 7  ? -5.428  0.965   4.156   1.00 84.95  ? 303 GLY F N    1 
ATOM 99   C CA   . GLY A 1 7  ? -6.759  0.861   4.766   1.00 84.95  ? 303 GLY F CA   1 
ATOM 100  C C    . GLY A 1 7  ? -7.358  -0.543  4.698   1.00 84.95  ? 303 GLY F C    1 
ATOM 101  O O    . GLY A 1 7  ? -7.147  -1.267  3.732   1.00 84.95  ? 303 GLY F O    1 
ATOM 102  H H    . GLY A 1 7  ? -5.310  1.575   3.361   1.00 84.95  ? 303 GLY F H    1 
ATOM 103  H HA2  . GLY A 1 7  ? -6.692  1.164   5.810   1.00 84.95  ? 303 GLY F HA2  1 
ATOM 104  H HA3  . GLY A 1 7  ? -7.443  1.544   4.265   1.00 84.95  ? 303 GLY F HA3  1 
ATOM 105  N N    . GLY A 1 8  ? -8.119  -0.955  5.711   1.00 100.00 ? 304 GLY F N    1 
ATOM 106  C CA   . GLY A 1 8  ? -8.872  -2.215  5.693   1.00 100.00 ? 304 GLY F CA   1 
ATOM 107  C C    . GLY A 1 8  ? -8.043  -3.490  5.873   1.00 100.00 ? 304 GLY F C    1 
ATOM 108  O O    . GLY A 1 8  ? -8.524  -4.577  5.555   1.00 100.00 ? 304 GLY F O    1 
ATOM 109  H H    . GLY A 1 8  ? -8.262  -0.324  6.486   1.00 100.00 ? 304 GLY F H    1 
ATOM 110  H HA2  . GLY A 1 8  ? -9.610  -2.190  6.494   1.00 100.00 ? 304 GLY F HA2  1 
ATOM 111  H HA3  . GLY A 1 8  ? -9.411  -2.296  4.750   1.00 100.00 ? 304 GLY F HA3  1 
ATOM 112  N N    . SER A 1 9  ? -6.802  -3.377  6.343   1.00 100.00 ? 305 SER F N    1 
ATOM 113  C CA   . SER A 1 9  ? -5.833  -4.475  6.373   1.00 100.00 ? 305 SER F CA   1 
ATOM 114  C C    . SER A 1 9  ? -6.159  -5.575  7.386   1.00 100.00 ? 305 SER F C    1 
ATOM 115  O O    . SER A 1 9  ? -6.681  -5.300  8.465   1.00 100.00 ? 305 SER F O    1 
ATOM 116  C CB   . SER A 1 9  ? -4.474  -3.878  6.722   1.00 100.00 ? 305 SER F CB   1 
ATOM 117  O OG   . SER A 1 9  ? -3.470  -4.862  6.667   1.00 100.00 ? 305 SER F OG   1 
ATOM 118  H H    . SER A 1 9  ? -6.483  -2.453  6.592   1.00 100.00 ? 305 SER F H    1 
ATOM 119  H HA   . SER A 1 9  ? -5.771  -4.920  5.380   1.00 100.00 ? 305 SER F HA   1 
ATOM 120  H HB2  . SER A 1 9  ? -4.232  -3.086  6.015   1.00 100.00 ? 305 SER F HB2  1 
ATOM 121  H HB3  . SER A 1 9  ? -4.517  -3.455  7.725   1.00 100.00 ? 305 SER F HB3  1 
ATOM 122  H HG   . SER A 1 9  ? -2.731  -4.562  7.198   1.00 100.00 ? 305 SER F HG   1 
ATOM 123  N N    . VAL A 1 10 ? -5.809  -6.820  7.068   1.00 100.00 ? 306 VAL F N    1 
ATOM 124  C CA   . VAL A 1 10 ? -5.834  -7.977  7.975   1.00 100.00 ? 306 VAL F CA   1 
ATOM 125  C C    . VAL A 1 10 ? -4.490  -8.702  7.947   1.00 100.00 ? 306 VAL F C    1 
ATOM 126  O O    . VAL A 1 10 ? -3.896  -8.869  6.889   1.00 100.00 ? 306 VAL F O    1 
ATOM 127  C CB   . VAL A 1 10 ? -6.995  -8.924  7.622   1.00 100.00 ? 306 VAL F CB   1 
ATOM 128  C CG1  . VAL A 1 10 ? -7.055  -10.161 8.516   1.00 100.00 ? 306 VAL F CG1  1 
ATOM 129  C CG2  . VAL A 1 10 ? -8.354  -8.231  7.736   1.00 100.00 ? 306 VAL F CG2  1 
ATOM 130  H H    . VAL A 1 10 ? -5.412  -6.964  6.151   1.00 100.00 ? 306 VAL F H    1 
ATOM 131  H HA   . VAL A 1 10 ? -5.994  -7.626  8.994   1.00 100.00 ? 306 VAL F HA   1 
ATOM 132  H HB   . VAL A 1 10 ? -6.871  -9.259  6.593   1.00 100.00 ? 306 VAL F HB   1 
ATOM 133  H HG11 . VAL A 1 10 ? -7.923  -10.766 8.254   1.00 100.00 ? 306 VAL F HG11 1 
ATOM 134  H HG12 . VAL A 1 10 ? -7.127  -9.870  9.563   1.00 100.00 ? 306 VAL F HG12 1 
ATOM 135  H HG13 . VAL A 1 10 ? -6.169  -10.776 8.362   1.00 100.00 ? 306 VAL F HG13 1 
ATOM 136  H HG21 . VAL A 1 10 ? -8.416  -7.409  7.024   1.00 100.00 ? 306 VAL F HG21 1 
ATOM 137  H HG22 . VAL A 1 10 ? -8.490  -7.841  8.745   1.00 100.00 ? 306 VAL F HG22 1 
ATOM 138  H HG23 . VAL A 1 10 ? -9.155  -8.933  7.509   1.00 100.00 ? 306 VAL F HG23 1 
ATOM 139  N N    . GLN A 1 11 ? -4.026  -9.206  9.085   1.00 100.00 ? 307 GLN F N    1 
ATOM 140  C CA   . GLN A 1 11 ? -2.960  -10.201 9.182   1.00 100.00 ? 307 GLN F CA   1 
ATOM 141  C C    . GLN A 1 11 ? -3.436  -11.338 10.083  1.00 100.00 ? 307 GLN F C    1 
ATOM 142  O O    . GLN A 1 11 ? -3.990  -11.073 11.142  1.00 100.00 ? 307 GLN F O    1 
ATOM 143  C CB   . GLN A 1 11 ? -1.687  -9.541  9.727   1.00 100.00 ? 307 GLN F CB   1 
ATOM 144  C CG   . GLN A 1 11 ? -0.636  -10.562 10.176  1.00 100.00 ? 307 GLN F CG   1 
ATOM 145  C CD   . GLN A 1 11 ? 0.767   -9.983  10.174  1.00 100.00 ? 307 GLN F CD   1 
ATOM 146  O OE1  . GLN A 1 11 ? 1.539   -10.167 9.250   1.00 100.00 ? 307 GLN F OE1  1 
ATOM 147  N NE2  . GLN A 1 11 ? 1.149   -9.266  11.199  1.00 100.00 ? 307 GLN F NE2  1 
ATOM 148  H H    . GLN A 1 11 ? -4.550  -9.026  9.929   1.00 100.00 ? 307 GLN F H    1 
ATOM 149  H HA   . GLN A 1 11 ? -2.740  -10.615 8.198   1.00 100.00 ? 307 GLN F HA   1 
ATOM 150  H HB2  . GLN A 1 11 ? -1.266  -8.916  8.940   1.00 100.00 ? 307 GLN F HB2  1 
ATOM 151  H HB3  . GLN A 1 11 ? -1.934  -8.905  10.575  1.00 100.00 ? 307 GLN F HB3  1 
ATOM 152  H HG2  . GLN A 1 11 ? -0.880  -10.928 11.172  1.00 100.00 ? 307 GLN F HG2  1 
ATOM 153  H HG3  . GLN A 1 11 ? -0.640  -11.408 9.489   1.00 100.00 ? 307 GLN F HG3  1 
ATOM 154  H HE21 . GLN A 1 11 ? 0.520   -9.107  11.973  1.00 100.00 ? 307 GLN F HE21 1 
ATOM 155  H HE22 . GLN A 1 11 ? 2.084   -8.887  11.197  1.00 100.00 ? 307 GLN F HE22 1 
ATOM 156  N N    . ILE A 1 12 ? -3.200  -12.594 9.712   1.00 100.00 ? 308 ILE F N    1 
ATOM 157  C CA   . ILE A 1 12 ? -3.463  -13.750 10.572  1.00 100.00 ? 308 ILE F CA   1 
ATOM 158  C C    . ILE A 1 12 ? -2.210  -14.605 10.651  1.00 100.00 ? 308 ILE F C    1 
ATOM 159  O O    . ILE A 1 12 ? -1.649  -14.984 9.630   1.00 100.00 ? 308 ILE F O    1 
ATOM 160  C CB   . ILE A 1 12 ? -4.690  -14.545 10.079  1.00 100.00 ? 308 ILE F CB   1 
ATOM 161  C CG1  . ILE A 1 12 ? -5.925  -13.627 10.005  1.00 100.00 ? 308 ILE F CG1  1 
ATOM 162  C CG2  . ILE A 1 12 ? -4.941  -15.751 10.997  1.00 100.00 ? 308 ILE F CG2  1 
ATOM 163  C CD1  . ILE A 1 12 ? -7.222  -14.330 9.616   1.00 100.00 ? 308 ILE F CD1  1 
ATOM 164  H H    . ILE A 1 12 ? -2.799  -12.764 8.801   1.00 100.00 ? 308 ILE F H    1 
ATOM 165  H HA   . ILE A 1 12 ? -3.684  -13.412 11.583  1.00 100.00 ? 308 ILE F HA   1 
ATOM 166  H HB   . ILE A 1 12 ? -4.485  -14.918 9.077   1.00 100.00 ? 308 ILE F HB   1 
ATOM 167  H HG12 . ILE A 1 12 ? -6.070  -13.138 10.967  1.00 100.00 ? 308 ILE F HG12 1 
ATOM 168  H HG13 . ILE A 1 12 ? -5.745  -12.861 9.253   1.00 100.00 ? 308 ILE F HG13 1 
ATOM 169  H HG21 . ILE A 1 12 ? -5.767  -16.350 10.615  1.00 100.00 ? 308 ILE F HG21 1 
ATOM 170  H HG22 . ILE A 1 12 ? -5.181  -15.417 12.004  1.00 100.00 ? 308 ILE F HG22 1 
ATOM 171  H HG23 . ILE A 1 12 ? -4.072  -16.404 11.029  1.00 100.00 ? 308 ILE F HG23 1 
ATOM 172  H HD11 . ILE A 1 12 ? -7.992  -13.584 9.423   1.00 100.00 ? 308 ILE F HD11 1 
ATOM 173  H HD12 . ILE A 1 12 ? -7.562  -14.972 10.426  1.00 100.00 ? 308 ILE F HD12 1 
ATOM 174  H HD13 . ILE A 1 12 ? -7.068  -14.922 8.717   1.00 100.00 ? 308 ILE F HD13 1 
ATOM 175  N N    . VAL A 1 13 ? -1.792  -14.960 11.860  1.00 100.00 ? 309 VAL F N    1 
ATOM 176  C CA   . VAL A 1 13 ? -0.759  -15.976 12.082  1.00 100.00 ? 309 VAL F CA   1 
ATOM 177  C C    . VAL A 1 13 ? -1.343  -17.032 13.001  1.00 100.00 ? 309 VAL F C    1 
ATOM 178  O O    . VAL A 1 13 ? -1.787  -16.707 14.095  1.00 100.00 ? 309 VAL F O    1 
ATOM 179  C CB   . VAL A 1 13 ? 0.553   -15.377 12.610  1.00 100.00 ? 309 VAL F CB   1 
ATOM 180  C CG1  . VAL A 1 13 ? 1.634   -16.452 12.715  1.00 100.00 ? 309 VAL F CG1  1 
ATOM 181  C CG2  . VAL A 1 13 ? 1.075   -14.273 11.687  1.00 100.00 ? 309 VAL F CG2  1 
ATOM 182  H H    . VAL A 1 13 ? -2.294  -14.615 12.664  1.00 100.00 ? 309 VAL F H    1 
ATOM 183  H HA   . VAL A 1 13 ? -0.518  -16.457 11.134  1.00 100.00 ? 309 VAL F HA   1 
ATOM 184  H HB   . VAL A 1 13 ? 0.385   -14.950 13.599  1.00 100.00 ? 309 VAL F HB   1 
ATOM 185  H HG11 . VAL A 1 13 ? 2.557   -16.013 13.089  1.00 100.00 ? 309 VAL F HG11 1 
ATOM 186  H HG12 . VAL A 1 13 ? 1.819   -16.892 11.738  1.00 100.00 ? 309 VAL F HG12 1 
ATOM 187  H HG13 . VAL A 1 13 ? 1.320   -17.230 13.408  1.00 100.00 ? 309 VAL F HG13 1 
ATOM 188  H HG21 . VAL A 1 13 ? 0.392   -13.428 11.691  1.00 100.00 ? 309 VAL F HG21 1 
ATOM 189  H HG22 . VAL A 1 13 ? 1.174   -14.651 10.672  1.00 100.00 ? 309 VAL F HG22 1 
ATOM 190  H HG23 . VAL A 1 13 ? 2.045   -13.926 12.036  1.00 100.00 ? 309 VAL F HG23 1 
ATOM 191  N N    . TYR A 1 14 ? -1.400  -18.283 12.564  1.00 100.00 ? 310 TYR F N    1 
ATOM 192  C CA   . TYR A 1 14 ? -2.149  -19.327 13.261  1.00 100.00 ? 310 TYR F CA   1 
ATOM 193  C C    . TYR A 1 14 ? -1.200  -20.328 13.910  1.00 100.00 ? 310 TYR F C    1 
ATOM 194  O O    . TYR A 1 14 ? -0.386  -20.927 13.217  1.00 100.00 ? 310 TYR F O    1 
ATOM 195  C CB   . TYR A 1 14 ? -3.103  -19.986 12.264  1.00 100.00 ? 310 TYR F CB   1 
ATOM 196  C CG   . TYR A 1 14 ? -4.037  -20.992 12.889  1.00 100.00 ? 310 TYR F CG   1 
ATOM 197  C CD1  . TYR A 1 14 ? -3.650  -22.338 13.011  1.00 100.00 ? 310 TYR F CD1  1 
ATOM 198  C CD2  . TYR A 1 14 ? -5.309  -20.583 13.321  1.00 100.00 ? 310 TYR F CD2  1 
ATOM 199  C CE1  . TYR A 1 14 ? -4.533  -23.277 13.574  1.00 100.00 ? 310 TYR F CE1  1 
ATOM 200  C CE2  . TYR A 1 14 ? -6.197  -21.522 13.874  1.00 100.00 ? 310 TYR F CE2  1 
ATOM 201  C CZ   . TYR A 1 14 ? -5.809  -22.869 14.006  1.00 100.00 ? 310 TYR F CZ   1 
ATOM 202  O OH   . TYR A 1 14 ? -6.656  -23.775 14.554  1.00 100.00 ? 310 TYR F OH   1 
ATOM 203  H H    . TYR A 1 14 ? -1.008  -18.491 11.657  1.00 100.00 ? 310 TYR F H    1 
ATOM 204  H HA   . TYR A 1 14 ? -2.765  -18.889 14.046  1.00 100.00 ? 310 TYR F HA   1 
ATOM 205  H HB2  . TYR A 1 14 ? -3.703  -19.212 11.788  1.00 100.00 ? 310 TYR F HB2  1 
ATOM 206  H HB3  . TYR A 1 14 ? -2.527  -20.477 11.481  1.00 100.00 ? 310 TYR F HB3  1 
ATOM 207  H HD1  . TYR A 1 14 ? -2.677  -22.651 12.664  1.00 100.00 ? 310 TYR F HD1  1 
ATOM 208  H HD2  . TYR A 1 14 ? -5.609  -19.551 13.220  1.00 100.00 ? 310 TYR F HD2  1 
ATOM 209  H HE1  . TYR A 1 14 ? -4.251  -24.316 13.667  1.00 100.00 ? 310 TYR F HE1  1 
ATOM 210  H HE2  . TYR A 1 14 ? -7.176  -21.208 14.206  1.00 100.00 ? 310 TYR F HE2  1 
ATOM 211  H HH   . TYR A 1 14 ? -7.522  -23.393 14.703  1.00 100.00 ? 310 TYR F HH   1 
ATOM 212  N N    . LYS A 1 15 ? -1.291  -20.510 15.231  1.00 100.00 ? 311 LYS F N    1 
ATOM 213  C CA   . LYS A 1 15 ? -0.473  -21.434 16.040  1.00 100.00 ? 311 LYS F CA   1 
ATOM 214  C C    . LYS A 1 15 ? 1.037   -21.414 15.732  1.00 100.00 ? 311 LYS F C    1 
ATOM 215  O O    . LYS A 1 15 ? 1.619   -22.475 15.520  1.00 100.00 ? 311 LYS F O    1 
ATOM 216  C CB   . LYS A 1 15 ? -1.073  -22.847 16.004  1.00 100.00 ? 311 LYS F CB   1 
ATOM 217  C CG   . LYS A 1 15 ? -2.478  -22.907 16.609  1.00 100.00 ? 311 LYS F CG   1 
ATOM 218  C CD   . LYS A 1 15 ? -2.934  -24.360 16.763  1.00 100.00 ? 311 LYS F CD   1 
ATOM 219  C CE   . LYS A 1 15 ? -4.365  -24.397 17.302  1.00 100.00 ? 311 LYS F CE   1 
ATOM 220  N NZ   . LYS A 1 15 ? -4.822  -25.782 17.557  1.00 100.00 ? 311 LYS F NZ   1 
ATOM 221  H H    . LYS A 1 15 ? -1.990  -19.969 15.717  1.00 100.00 ? 311 LYS F H    1 
ATOM 222  H HA   . LYS A 1 15 ? -0.534  -21.097 17.075  1.00 100.00 ? 311 LYS F HA   1 
ATOM 223  H HB2  . LYS A 1 15 ? -1.112  -23.200 14.973  1.00 100.00 ? 311 LYS F HB2  1 
ATOM 224  H HB3  . LYS A 1 15 ? -0.433  -23.517 16.580  1.00 100.00 ? 311 LYS F HB3  1 
ATOM 225  H HG2  . LYS A 1 15 ? -2.463  -22.434 17.590  1.00 100.00 ? 311 LYS F HG2  1 
ATOM 226  H HG3  . LYS A 1 15 ? -3.179  -22.369 15.971  1.00 100.00 ? 311 LYS F HG3  1 
ATOM 227  H HD2  . LYS A 1 15 ? -2.893  -24.859 15.796  1.00 100.00 ? 311 LYS F HD2  1 
ATOM 228  H HD3  . LYS A 1 15 ? -2.268  -24.870 17.459  1.00 100.00 ? 311 LYS F HD3  1 
ATOM 229  H HE2  . LYS A 1 15 ? -4.399  -23.825 18.226  1.00 100.00 ? 311 LYS F HE2  1 
ATOM 230  H HE3  . LYS A 1 15 ? -5.023  -23.910 16.584  1.00 100.00 ? 311 LYS F HE3  1 
ATOM 231  H HZ1  . LYS A 1 15 ? -5.753  -25.788 17.946  1.00 100.00 ? 311 LYS F HZ1  1 
ATOM 232  H HZ2  . LYS A 1 15 ? -4.844  -26.328 16.710  1.00 100.00 ? 311 LYS F HZ2  1 
ATOM 233  H HZ3  . LYS A 1 15 ? -4.218  -26.247 18.215  1.00 100.00 ? 311 LYS F HZ3  1 
ATOM 234  N N    . PRO A 1 16 ? 1.704   -20.248 15.708  1.00 100.00 ? 312 PRO F N    1 
ATOM 235  C CA   . PRO A 1 16 ? 3.145   -20.162 15.501  1.00 100.00 ? 312 PRO F CA   1 
ATOM 236  C C    . PRO A 1 16 ? 3.922   -20.795 16.657  1.00 100.00 ? 312 PRO F C    1 
ATOM 237  O O    . PRO A 1 16 ? 3.475   -20.754 17.799  1.00 100.00 ? 312 PRO F O    1 
ATOM 238  C CB   . PRO A 1 16 ? 3.443   -18.669 15.396  1.00 100.00 ? 312 PRO F CB   1 
ATOM 239  C CG   . PRO A 1 16 ? 2.380   -18.035 16.276  1.00 100.00 ? 312 PRO F CG   1 
ATOM 240  C CD   . PRO A 1 16 ? 1.175   -18.941 16.054  1.00 100.00 ? 312 PRO F CD   1 
ATOM 241  H HA   . PRO A 1 16 ? 3.423   -20.658 14.572  1.00 100.00 ? 312 PRO F HA   1 
ATOM 242  H HB2  . PRO A 1 16 ? 4.449   -18.422 15.732  1.00 100.00 ? 312 PRO F HB2  1 
ATOM 243  H HB3  . PRO A 1 16 ? 3.292   -18.330 14.371  1.00 100.00 ? 312 PRO F HB3  1 
ATOM 244  H HG2  . PRO A 1 16 ? 2.687   -18.082 17.319  1.00 100.00 ? 312 PRO F HG2  1 
ATOM 245  H HG3  . PRO A 1 16 ? 2.174   -17.007 15.981  1.00 100.00 ? 312 PRO F HG3  1 
ATOM 246  H HD2  . PRO A 1 16 ? 0.570   -18.981 16.961  1.00 100.00 ? 312 PRO F HD2  1 
ATOM 247  H HD3  . PRO A 1 16 ? 0.584   -18.554 15.226  1.00 100.00 ? 312 PRO F HD3  1 
ATOM 248  N N    . VAL A 1 17 ? 5.099   -21.350 16.387  1.00 100.00 ? 313 VAL F N    1 
ATOM 249  C CA   . VAL A 1 17 ? 6.049   -21.799 17.418  1.00 100.00 ? 313 VAL F CA   1 
ATOM 250  C C    . VAL A 1 17 ? 7.431   -21.215 17.145  1.00 100.00 ? 313 VAL F C    1 
ATOM 251  O O    . VAL A 1 17 ? 7.943   -21.321 16.035  1.00 100.00 ? 313 VAL F O    1 
ATOM 252  C CB   . VAL A 1 17 ? 6.086   -23.335 17.501  1.00 100.00 ? 313 VAL F CB   1 
ATOM 253  C CG1  . VAL A 1 17 ? 7.152   -23.838 18.474  1.00 100.00 ? 313 VAL F CG1  1 
ATOM 254  C CG2  . VAL A 1 17 ? 4.741   -23.900 17.962  1.00 100.00 ? 313 VAL F CG2  1 
ATOM 255  H H    . VAL A 1 17 ? 5.393   -21.407 15.423  1.00 100.00 ? 313 VAL F H    1 
ATOM 256  H HA   . VAL A 1 17 ? 5.733   -21.431 18.394  1.00 100.00 ? 313 VAL F HA   1 
ATOM 257  H HB   . VAL A 1 17 ? 6.311   -23.738 16.515  1.00 100.00 ? 313 VAL F HB   1 
ATOM 258  H HG11 . VAL A 1 17 ? 7.119   -24.924 18.534  1.00 100.00 ? 313 VAL F HG11 1 
ATOM 259  H HG12 . VAL A 1 17 ? 8.140   -23.551 18.117  1.00 100.00 ? 313 VAL F HG12 1 
ATOM 260  H HG13 . VAL A 1 17 ? 6.988   -23.418 19.465  1.00 100.00 ? 313 VAL F HG13 1 
ATOM 261  H HG21 . VAL A 1 17 ? 3.970   -23.654 17.234  1.00 100.00 ? 313 VAL F HG21 1 
ATOM 262  H HG22 . VAL A 1 17 ? 4.797   -24.984 18.042  1.00 100.00 ? 313 VAL F HG22 1 
ATOM 263  H HG23 . VAL A 1 17 ? 4.467   -23.477 18.927  1.00 100.00 ? 313 VAL F HG23 1 
ATOM 264  N N    . ASP A 1 18 ? 8.066   -20.618 18.147  1.00 100.00 ? 314 ASP F N    1 
ATOM 265  C CA   . ASP A 1 18 ? 9.411   -20.059 18.035  1.00 100.00 ? 314 ASP F CA   1 
ATOM 266  C C    . ASP A 1 18 ? 10.393  -20.757 18.982  1.00 100.00 ? 314 ASP F C    1 
ATOM 267  O O    . ASP A 1 18 ? 10.301  -20.601 20.197  1.00 100.00 ? 314 ASP F O    1 
ATOM 268  C CB   . ASP A 1 18 ? 9.314   -18.556 18.307  1.00 100.00 ? 314 ASP F CB   1 
ATOM 269  C CG   . ASP A 1 18 ? 10.612  -17.806 18.016  1.00 100.00 ? 314 ASP F CG   1 
ATOM 270  O OD1  . ASP A 1 18 ? 11.679  -18.448 17.877  1.00 100.00 ? 314 ASP F OD1  1 
ATOM 271  O OD2  . ASP A 1 18 ? 10.555  -16.559 17.937  1.00 100.00 ? 314 ASP F OD2  1 
ATOM 272  H H    . ASP A 1 18 ? 7.610   -20.559 19.044  1.00 100.00 ? 314 ASP F H    1 
ATOM 273  H HA   . ASP A 1 18 ? 9.786   -20.185 17.020  1.00 100.00 ? 314 ASP F HA   1 
ATOM 274  H HB2  . ASP A 1 18 ? 8.532   -18.140 17.672  1.00 100.00 ? 314 ASP F HB2  1 
ATOM 275  H HB3  . ASP A 1 18 ? 9.024   -18.388 19.344  1.00 100.00 ? 314 ASP F HB3  1 
ATOM 276  N N    . LEU A 1 19 ? 11.348  -21.500 18.418  1.00 100.00 ? 315 LEU F N    1 
ATOM 277  C CA   . LEU A 1 19 ? 12.428  -22.195 19.122  1.00 100.00 ? 315 LEU F CA   1 
ATOM 278  C C    . LEU A 1 19 ? 13.816  -21.611 18.790  1.00 100.00 ? 315 LEU F C    1 
ATOM 279  O O    . LEU A 1 19 ? 14.823  -22.310 18.897  1.00 100.00 ? 315 LEU F O    1 
ATOM 280  C CB   . LEU A 1 19 ? 12.348  -23.718 18.916  1.00 100.00 ? 315 LEU F CB   1 
ATOM 281  C CG   . LEU A 1 19 ? 10.968  -24.377 19.081  1.00 100.00 ? 315 LEU F CG   1 
ATOM 282  C CD1  . LEU A 1 19 ? 11.084  -25.898 19.019  1.00 100.00 ? 315 LEU F CD1  1 
ATOM 283  C CD2  . LEU A 1 19 ? 10.334  -24.101 20.442  1.00 100.00 ? 315 LEU F CD2  1 
ATOM 284  H H    . LEU A 1 19 ? 11.378  -21.546 17.410  1.00 100.00 ? 315 LEU F H    1 
ATOM 285  H HA   . LEU A 1 19 ? 12.294  -22.020 20.190  1.00 100.00 ? 315 LEU F HA   1 
ATOM 286  H HB2  . LEU A 1 19 ? 12.711  -23.936 17.912  1.00 100.00 ? 315 LEU F HB2  1 
ATOM 287  H HB3  . LEU A 1 19 ? 13.034  -24.187 19.621  1.00 100.00 ? 315 LEU F HB3  1 
ATOM 288  H HG   . LEU A 1 19 ? 10.306  -24.040 18.286  1.00 100.00 ? 315 LEU F HG   1 
ATOM 289  H HD11 . LEU A 1 19 ? 10.095  -26.348 19.077  1.00 100.00 ? 315 LEU F HD11 1 
ATOM 290  H HD12 . LEU A 1 19 ? 11.698  -26.265 19.839  1.00 100.00 ? 315 LEU F HD12 1 
ATOM 291  H HD13 . LEU A 1 19 ? 11.542  -26.200 18.077  1.00 100.00 ? 315 LEU F HD13 1 
ATOM 292  H HD21 . LEU A 1 19 ? 9.393   -24.637 20.531  1.00 100.00 ? 315 LEU F HD21 1 
ATOM 293  H HD22 . LEU A 1 19 ? 10.123  -23.041 20.553  1.00 100.00 ? 315 LEU F HD22 1 
ATOM 294  H HD23 . LEU A 1 19 ? 11.003  -24.411 21.240  1.00 100.00 ? 315 LEU F HD23 1 
ATOM 295  N N    . SER A 1 20 ? 13.885  -20.354 18.350  1.00 100.00 ? 316 SER F N    1 
ATOM 296  C CA   . SER A 1 20 ? 15.132  -19.682 17.956  1.00 100.00 ? 316 SER F CA   1 
ATOM 297  C C    . SER A 1 20 ? 16.225  -19.754 19.026  1.00 100.00 ? 316 SER F C    1 
ATOM 298  O O    . SER A 1 20 ? 15.937  -19.640 20.218  1.00 100.00 ? 316 SER F O    1 
ATOM 299  C CB   . SER A 1 20 ? 14.876  -18.200 17.676  1.00 100.00 ? 316 SER F CB   1 
ATOM 300  O OG   . SER A 1 20 ? 13.896  -18.026 16.681  1.00 100.00 ? 316 SER F OG   1 
ATOM 301  H H    . SER A 1 20 ? 13.024  -19.840 18.239  1.00 100.00 ? 316 SER F H    1 
ATOM 302  H HA   . SER A 1 20 ? 15.501  -20.150 17.044  1.00 100.00 ? 316 SER F HA   1 
ATOM 303  H HB2  . SER A 1 20 ? 14.539  -17.709 18.589  1.00 100.00 ? 316 SER F HB2  1 
ATOM 304  H HB3  . SER A 1 20 ? 15.804  -17.733 17.349  1.00 100.00 ? 316 SER F HB3  1 
ATOM 305  H HG   . SER A 1 20 ? 13.047  -18.209 17.089  1.00 100.00 ? 316 SER F HG   1 
ATOM 306  N N    . LYS A 1 21 ? 17.493  -19.890 18.616  1.00 100.00 ? 317 LYS F N    1 
ATOM 307  C CA   . LYS A 1 21 ? 18.662  -19.881 19.513  1.00 100.00 ? 317 LYS F CA   1 
ATOM 308  C C    . LYS A 1 21 ? 19.686  -18.831 19.098  1.00 100.00 ? 317 LYS F C    1 
ATOM 309  O O    . LYS A 1 21 ? 20.006  -18.708 17.918  1.00 100.00 ? 317 LYS F O    1 
ATOM 310  C CB   . LYS A 1 21 ? 19.295  -21.279 19.603  1.00 100.00 ? 317 LYS F CB   1 
ATOM 311  C CG   . LYS A 1 21 ? 18.333  -22.291 20.237  1.00 100.00 ? 317 LYS F CG   1 
ATOM 312  C CD   . LYS A 1 21 ? 18.970  -23.677 20.371  1.00 100.00 ? 317 LYS F CD   1 
ATOM 313  C CE   . LYS A 1 21 ? 17.944  -24.634 20.985  1.00 100.00 ? 317 LYS F CE   1 
ATOM 314  N NZ   . LYS A 1 21 ? 18.503  -25.992 21.187  1.00 100.00 ? 317 LYS F NZ   1 
ATOM 315  H H    . LYS A 1 21 ? 17.657  -19.987 17.625  1.00 100.00 ? 317 LYS F H    1 
ATOM 316  H HA   . LYS A 1 21 ? 18.336  -19.608 20.516  1.00 100.00 ? 317 LYS F HA   1 
ATOM 317  H HB2  . LYS A 1 21 ? 19.574  -21.620 18.607  1.00 100.00 ? 317 LYS F HB2  1 
ATOM 318  H HB3  . LYS A 1 21 ? 20.195  -21.223 20.216  1.00 100.00 ? 317 LYS F HB3  1 
ATOM 319  H HG2  . LYS A 1 21 ? 18.044  -21.935 21.225  1.00 100.00 ? 317 LYS F HG2  1 
ATOM 320  H HG3  . LYS A 1 21 ? 17.440  -22.381 19.620  1.00 100.00 ? 317 LYS F HG3  1 
ATOM 321  H HD2  . LYS A 1 21 ? 19.272  -24.035 19.388  1.00 100.00 ? 317 LYS F HD2  1 
ATOM 322  H HD3  . LYS A 1 21 ? 19.844  -23.609 21.016  1.00 100.00 ? 317 LYS F HD3  1 
ATOM 323  H HE2  . LYS A 1 21 ? 17.613  -24.227 21.938  1.00 100.00 ? 317 LYS F HE2  1 
ATOM 324  H HE3  . LYS A 1 21 ? 17.076  -24.682 20.326  1.00 100.00 ? 317 LYS F HE3  1 
ATOM 325  H HZ1  . LYS A 1 21 ? 17.819  -26.598 21.617  1.00 100.00 ? 317 LYS F HZ1  1 
ATOM 326  H HZ2  . LYS A 1 21 ? 19.307  -25.961 21.796  1.00 100.00 ? 317 LYS F HZ2  1 
ATOM 327  H HZ3  . LYS A 1 21 ? 18.782  -26.413 20.313  1.00 100.00 ? 317 LYS F HZ3  1 
ATOM 328  N N    . VAL A 1 22 ? 20.228  -18.099 20.067  1.00 68.04  ? 318 VAL F N    1 
ATOM 329  C CA   . VAL A 1 22 ? 21.161  -16.978 19.852  1.00 68.04  ? 318 VAL F CA   1 
ATOM 330  C C    . VAL A 1 22 ? 22.407  -17.112 20.728  1.00 68.04  ? 318 VAL F C    1 
ATOM 331  O O    . VAL A 1 22 ? 22.322  -17.399 21.917  1.00 68.04  ? 318 VAL F O    1 
ATOM 332  C CB   . VAL A 1 22 ? 20.461  -15.623 20.074  1.00 68.04  ? 318 VAL F CB   1 
ATOM 333  C CG1  . VAL A 1 22 ? 21.416  -14.445 19.846  1.00 68.04  ? 318 VAL F CG1  1 
ATOM 334  C CG2  . VAL A 1 22 ? 19.272  -15.441 19.126  1.00 68.04  ? 318 VAL F CG2  1 
ATOM 335  H H    . VAL A 1 22 ? 19.946  -18.290 21.018  1.00 68.04  ? 318 VAL F H    1 
ATOM 336  H HA   . VAL A 1 22 ? 21.512  -16.997 18.822  1.00 68.04  ? 318 VAL F HA   1 
ATOM 337  H HB   . VAL A 1 22 ? 20.093  -15.571 21.098  1.00 68.04  ? 318 VAL F HB   1 
ATOM 338  H HG11 . VAL A 1 22 ? 20.877  -13.511 19.985  1.00 68.04  ? 318 VAL F HG11 1 
ATOM 339  H HG12 . VAL A 1 22 ? 21.817  -14.473 18.838  1.00 68.04  ? 318 VAL F HG12 1 
ATOM 340  H HG13 . VAL A 1 22 ? 22.231  -14.466 20.565  1.00 68.04  ? 318 VAL F HG13 1 
ATOM 341  H HG21 . VAL A 1 22 ? 18.509  -16.188 19.331  1.00 68.04  ? 318 VAL F HG21 1 
ATOM 342  H HG22 . VAL A 1 22 ? 19.596  -15.529 18.092  1.00 68.04  ? 318 VAL F HG22 1 
ATOM 343  H HG23 . VAL A 1 22 ? 18.828  -14.459 19.277  1.00 68.04  ? 318 VAL F HG23 1 
ATOM 344  N N    . ILE B 1 1  ? 8.354   -12.339 9.992   1.00 100.00 ? 297 ILE E N    1 
ATOM 345  C CA   . ILE B 1 1  ? 7.037   -12.142 9.318   1.00 100.00 ? 297 ILE E CA   1 
ATOM 346  C C    . ILE B 1 1  ? 6.633   -10.668 9.382   1.00 100.00 ? 297 ILE E C    1 
ATOM 347  O O    . ILE B 1 1  ? 6.446   -10.153 10.479  1.00 100.00 ? 297 ILE E O    1 
ATOM 348  C CB   . ILE B 1 1  ? 5.913   -13.032 9.912   1.00 100.00 ? 297 ILE E CB   1 
ATOM 349  C CG1  . ILE B 1 1  ? 6.235   -14.536 9.788   1.00 100.00 ? 297 ILE E CG1  1 
ATOM 350  C CG2  . ILE B 1 1  ? 4.562   -12.750 9.227   1.00 100.00 ? 297 ILE E CG2  1 
ATOM 351  C CD1  . ILE B 1 1  ? 5.303   -15.455 10.585  1.00 100.00 ? 297 ILE E CD1  1 
ATOM 352  H H1   . ILE B 1 1  ? 8.647   -13.304 9.960   1.00 100.00 ? 297 ILE E H1   1 
ATOM 353  H H2   . ILE B 1 1  ? 9.072   -11.774 9.565   1.00 100.00 ? 297 ILE E H2   1 
ATOM 354  H H3   . ILE B 1 1  ? 8.289   -12.067 10.961  1.00 100.00 ? 297 ILE E H3   1 
ATOM 355  H HA   . ILE B 1 1  ? 7.135   -12.406 8.266   1.00 100.00 ? 297 ILE E HA   1 
ATOM 356  H HB   . ILE B 1 1  ? 5.805   -12.796 10.969  1.00 100.00 ? 297 ILE E HB   1 
ATOM 357  H HG12 . ILE B 1 1  ? 6.204   -14.832 8.741   1.00 100.00 ? 297 ILE E HG12 1 
ATOM 358  H HG13 . ILE B 1 1  ? 7.241   -14.725 10.160  1.00 100.00 ? 297 ILE E HG13 1 
ATOM 359  H HG21 . ILE B 1 1  ? 3.773   -13.351 9.677   1.00 100.00 ? 297 ILE E HG21 1 
ATOM 360  H HG22 . ILE B 1 1  ? 4.262   -11.713 9.359   1.00 100.00 ? 297 ILE E HG22 1 
ATOM 361  H HG23 . ILE B 1 1  ? 4.610   -12.981 8.164   1.00 100.00 ? 297 ILE E HG23 1 
ATOM 362  H HD11 . ILE B 1 1  ? 5.671   -16.478 10.523  1.00 100.00 ? 297 ILE E HD11 1 
ATOM 363  H HD12 . ILE B 1 1  ? 4.292   -15.430 10.180  1.00 100.00 ? 297 ILE E HD12 1 
ATOM 364  H HD13 . ILE B 1 1  ? 5.283   -15.152 11.630  1.00 100.00 ? 297 ILE E HD13 1 
ATOM 365  N N    . LYS B 1 2  ? 6.494   -9.969  8.246   1.00 100.00 ? 298 LYS E N    1 
ATOM 366  C CA   . LYS B 1 2  ? 6.020   -8.571  8.188   1.00 100.00 ? 298 LYS E CA   1 
ATOM 367  C C    . LYS B 1 2  ? 4.879   -8.411  7.197   1.00 100.00 ? 298 LYS E C    1 
ATOM 368  O O    . LYS B 1 2  ? 4.877   -9.067  6.163   1.00 100.00 ? 298 LYS E O    1 
ATOM 369  C CB   . LYS B 1 2  ? 7.154   -7.593  7.836   1.00 100.00 ? 298 LYS E CB   1 
ATOM 370  C CG   . LYS B 1 2  ? 8.373   -7.747  8.751   1.00 100.00 ? 298 LYS E CG   1 
ATOM 371  C CD   . LYS B 1 2  ? 9.322   -6.543  8.742   1.00 100.00 ? 298 LYS E CD   1 
ATOM 372  C CE   . LYS B 1 2  ? 9.923   -6.214  7.378   1.00 100.00 ? 298 LYS E CE   1 
ATOM 373  N NZ   . LYS B 1 2  ? 10.850  -5.061  7.490   1.00 100.00 ? 298 LYS E NZ   1 
ATOM 374  H H    . LYS B 1 2  ? 6.695   -10.421 7.367   1.00 100.00 ? 298 LYS E H    1 
ATOM 375  H HA   . LYS B 1 2  ? 5.626   -8.286  9.165   1.00 100.00 ? 298 LYS E HA   1 
ATOM 376  H HB2  . LYS B 1 2  ? 7.465   -7.755  6.804   1.00 100.00 ? 298 LYS E HB2  1 
ATOM 377  H HB3  . LYS B 1 2  ? 6.773   -6.577  7.924   1.00 100.00 ? 298 LYS E HB3  1 
ATOM 378  H HG2  . LYS B 1 2  ? 8.026   -7.874  9.776   1.00 100.00 ? 298 LYS E HG2  1 
ATOM 379  H HG3  . LYS B 1 2  ? 8.930   -8.638  8.463   1.00 100.00 ? 298 LYS E HG3  1 
ATOM 380  H HD2  . LYS B 1 2  ? 8.782   -5.675  9.114   1.00 100.00 ? 298 LYS E HD2  1 
ATOM 381  H HD3  . LYS B 1 2  ? 10.133  -6.753  9.436   1.00 100.00 ? 298 LYS E HD3  1 
ATOM 382  H HE2  . LYS B 1 2  ? 10.453  -7.092  7.010   1.00 100.00 ? 298 LYS E HE2  1 
ATOM 383  H HE3  . LYS B 1 2  ? 9.114   -5.983  6.689   1.00 100.00 ? 298 LYS E HE3  1 
ATOM 384  H HZ1  . LYS B 1 2  ? 11.263  -4.816  6.605   1.00 100.00 ? 298 LYS E HZ1  1 
ATOM 385  H HZ2  . LYS B 1 2  ? 11.602  -5.263  8.129   1.00 100.00 ? 298 LYS E HZ2  1 
ATOM 386  H HZ3  . LYS B 1 2  ? 10.376  -4.245  7.839   1.00 100.00 ? 298 LYS E HZ3  1 
ATOM 387  N N    . HIS B 1 3  ? 3.931   -7.528  7.478   1.00 100.00 ? 299 HIS E N    1 
ATOM 388  C CA   . HIS B 1 3  ? 2.923   -7.046  6.529   1.00 100.00 ? 299 HIS E CA   1 
ATOM 389  C C    . HIS B 1 3  ? 2.915   -5.527  6.580   1.00 100.00 ? 299 HIS E C    1 
ATOM 390  O O    . HIS B 1 3  ? 2.791   -4.966  7.660   1.00 100.00 ? 299 HIS E O    1 
ATOM 391  C CB   . HIS B 1 3  ? 1.562   -7.657  6.878   1.00 100.00 ? 299 HIS E CB   1 
ATOM 392  C CG   . HIS B 1 3  ? 0.460   -7.306  5.926   1.00 100.00 ? 299 HIS E CG   1 
ATOM 393  N ND1  . HIS B 1 3  ? 0.629   -6.978  4.589   1.00 100.00 ? 299 HIS E ND1  1 
ATOM 394  C CD2  . HIS B 1 3  ? -0.869  -7.325  6.206   1.00 100.00 ? 299 HIS E CD2  1 
ATOM 395  C CE1  . HIS B 1 3  ? -0.598  -6.746  4.108   1.00 100.00 ? 299 HIS E CE1  1 
ATOM 396  N NE2  . HIS B 1 3  ? -1.521  -6.962  5.055   1.00 100.00 ? 299 HIS E NE2  1 
ATOM 397  H H    . HIS B 1 3  ? 3.995   -7.039  8.359   1.00 100.00 ? 299 HIS E H    1 
ATOM 398  H HA   . HIS B 1 3  ? 3.181   -7.349  5.514   1.00 100.00 ? 299 HIS E HA   1 
ATOM 399  H HB2  . HIS B 1 3  ? 1.646   -8.743  6.880   1.00 100.00 ? 299 HIS E HB2  1 
ATOM 400  H HB3  . HIS B 1 3  ? 1.271   -7.343  7.879   1.00 100.00 ? 299 HIS E HB3  1 
ATOM 401  H HD2  . HIS B 1 3  ? -1.325  -7.560  7.155   1.00 100.00 ? 299 HIS E HD2  1 
ATOM 402  H HE1  . HIS B 1 3  ? -0.797  -6.415  3.101   1.00 100.00 ? 299 HIS E HE1  1 
ATOM 403  H HE2  . HIS B 1 3  ? -2.516  -6.817  4.972   1.00 100.00 ? 299 HIS E HE2  1 
ATOM 404  N N    . VAL B 1 4  ? 3.095   -4.851  5.451   1.00 100.00 ? 300 VAL E N    1 
ATOM 405  C CA   . VAL B 1 4  ? 3.404   -3.411  5.407   1.00 100.00 ? 300 VAL E CA   1 
ATOM 406  C C    . VAL B 1 4  ? 2.615   -2.688  4.302   1.00 100.00 ? 300 VAL E C    1 
ATOM 407  O O    . VAL B 1 4  ? 3.209   -2.070  3.420   1.00 100.00 ? 300 VAL E O    1 
ATOM 408  C CB   . VAL B 1 4  ? 4.930   -3.186  5.301   1.00 100.00 ? 300 VAL E CB   1 
ATOM 409  C CG1  . VAL B 1 4  ? 5.314   -1.748  5.646   1.00 100.00 ? 300 VAL E CG1  1 
ATOM 410  C CG2  . VAL B 1 4  ? 5.774   -4.079  6.216   1.00 100.00 ? 300 VAL E CG2  1 
ATOM 411  H H    . VAL B 1 4  ? 3.183   -5.382  4.597   1.00 100.00 ? 300 VAL E H    1 
ATOM 412  H HA   . VAL B 1 4  ? 3.081   -2.959  6.344   1.00 100.00 ? 300 VAL E HA   1 
ATOM 413  H HB   . VAL B 1 4  ? 5.244   -3.398  4.280   1.00 100.00 ? 300 VAL E HB   1 
ATOM 414  H HG11 . VAL B 1 4  ? 4.733   -1.036  5.064   1.00 100.00 ? 300 VAL E HG11 1 
ATOM 415  H HG12 . VAL B 1 4  ? 5.131   -1.559  6.702   1.00 100.00 ? 300 VAL E HG12 1 
ATOM 416  H HG13 . VAL B 1 4  ? 6.368   -1.589  5.435   1.00 100.00 ? 300 VAL E HG13 1 
ATOM 417  H HG21 . VAL B 1 4  ? 5.668   -5.122  5.922   1.00 100.00 ? 300 VAL E HG21 1 
ATOM 418  H HG22 . VAL B 1 4  ? 6.825   -3.812  6.127   1.00 100.00 ? 300 VAL E HG22 1 
ATOM 419  H HG23 . VAL B 1 4  ? 5.460   -3.951  7.251   1.00 100.00 ? 300 VAL E HG23 1 
ATOM 420  N N    . PRO B 1 5  ? 1.278   -2.783  4.250   1.00 100.00 ? 301 PRO E N    1 
ATOM 421  C CA   . PRO B 1 5  ? 0.524   -2.288  3.108   1.00 100.00 ? 301 PRO E CA   1 
ATOM 422  C C    . PRO B 1 5  ? 0.523   -0.761  3.068   1.00 100.00 ? 301 PRO E C    1 
ATOM 423  O O    . PRO B 1 5  ? 0.360   -0.099  4.085   1.00 100.00 ? 301 PRO E O    1 
ATOM 424  C CB   . PRO B 1 5  ? -0.873  -2.879  3.270   1.00 100.00 ? 301 PRO E CB   1 
ATOM 425  C CG   . PRO B 1 5  ? -1.017  -3.022  4.773   1.00 100.00 ? 301 PRO E CG   1 
ATOM 426  C CD   . PRO B 1 5  ? 0.394   -3.387  5.223   1.00 100.00 ? 301 PRO E CD   1 
ATOM 427  H HA   . PRO B 1 5  ? 0.961   -2.662  2.182   1.00 100.00 ? 301 PRO E HA   1 
ATOM 428  H HB2  . PRO B 1 5  ? -1.647  -2.241  2.843   1.00 100.00 ? 301 PRO E HB2  1 
ATOM 429  H HB3  . PRO B 1 5  ? -0.911  -3.875  2.829   1.00 100.00 ? 301 PRO E HB3  1 
ATOM 430  H HG2  . PRO B 1 5  ? -1.313  -2.068  5.207   1.00 100.00 ? 301 PRO E HG2  1 
ATOM 431  H HG3  . PRO B 1 5  ? -1.732  -3.804  5.030   1.00 100.00 ? 301 PRO E HG3  1 
ATOM 432  H HD2  . PRO B 1 5  ? 0.586   -3.004  6.224   1.00 100.00 ? 301 PRO E HD2  1 
ATOM 433  H HD3  . PRO B 1 5  ? 0.512   -4.469  5.206   1.00 100.00 ? 301 PRO E HD3  1 
ATOM 434  N N    . GLY B 1 6  ? 0.747   -0.188  1.890   1.00 100.00 ? 302 GLY E N    1 
ATOM 435  C CA   . GLY B 1 6  ? 0.897   1.253   1.693   1.00 100.00 ? 302 GLY E CA   1 
ATOM 436  C C    . GLY B 1 6  ? 2.194   1.836   2.265   1.00 100.00 ? 302 GLY E C    1 
ATOM 437  O O    . GLY B 1 6  ? 2.337   3.055   2.318   1.00 100.00 ? 302 GLY E O    1 
ATOM 438  H H    . GLY B 1 6  ? 0.864   -0.786  1.086   1.00 100.00 ? 302 GLY E H    1 
ATOM 439  H HA2  . GLY B 1 6  ? 0.881   1.466   0.624   1.00 100.00 ? 302 GLY E HA2  1 
ATOM 440  H HA3  . GLY B 1 6  ? 0.056   1.768   2.155   1.00 100.00 ? 302 GLY E HA3  1 
ATOM 441  N N    . GLY B 1 7  ? 3.158   1.009   2.678   1.00 100.00 ? 303 GLY E N    1 
ATOM 442  C CA   . GLY B 1 7  ? 4.360   1.482   3.365   1.00 100.00 ? 303 GLY E CA   1 
ATOM 443  C C    . GLY B 1 7  ? 5.269   2.338   2.488   1.00 100.00 ? 303 GLY E C    1 
ATOM 444  O O    . GLY B 1 7  ? 5.462   2.054   1.309   1.00 100.00 ? 303 GLY E O    1 
ATOM 445  H H    . GLY B 1 7  ? 3.003   0.012   2.619   1.00 100.00 ? 303 GLY E H    1 
ATOM 446  H HA2  . GLY B 1 7  ? 4.065   2.062   4.238   1.00 100.00 ? 303 GLY E HA2  1 
ATOM 447  H HA3  . GLY B 1 7  ? 4.946   0.629   3.707   1.00 100.00 ? 303 GLY E HA3  1 
ATOM 448  N N    . GLY B 1 8  ? 5.849   3.393   3.049   1.00 100.00 ? 304 GLY E N    1 
ATOM 449  C CA   . GLY B 1 8  ? 6.778   4.283   2.340   1.00 100.00 ? 304 GLY E CA   1 
ATOM 450  C C    . GLY B 1 8  ? 6.126   5.173   1.277   1.00 100.00 ? 304 GLY E C    1 
ATOM 451  O O    . GLY B 1 8  ? 6.825   5.772   0.464   1.00 100.00 ? 304 GLY E O    1 
ATOM 452  H H    . GLY B 1 8  ? 5.671   3.576   4.025   1.00 100.00 ? 304 GLY E H    1 
ATOM 453  H HA2  . GLY B 1 8  ? 7.258   4.933   3.070   1.00 100.00 ? 304 GLY E HA2  1 
ATOM 454  H HA3  . GLY B 1 8  ? 7.553   3.687   1.857   1.00 100.00 ? 304 GLY E HA3  1 
ATOM 455  N N    . SER B 1 9  ? 4.795   5.244   1.237   1.00 100.00 ? 305 SER E N    1 
ATOM 456  C CA   . SER B 1 9  ? 4.054   5.950   0.195   1.00 100.00 ? 305 SER E CA   1 
ATOM 457  C C    . SER B 1 9  ? 4.113   7.475   0.310   1.00 100.00 ? 305 SER E C    1 
ATOM 458  O O    . SER B 1 9  ? 4.146   8.022   1.405   1.00 100.00 ? 305 SER E O    1 
ATOM 459  C CB   . SER B 1 9  ? 2.608   5.475   0.202   1.00 100.00 ? 305 SER E CB   1 
ATOM 460  O OG   . SER B 1 9  ? 1.929   6.073   -0.870  1.00 100.00 ? 305 SER E OG   1 
ATOM 461  H H    . SER B 1 9  ? 4.278   4.737   1.939   1.00 100.00 ? 305 SER E H    1 
ATOM 462  H HA   . SER B 1 9  ? 4.494   5.674   -0.764  1.00 100.00 ? 305 SER E HA   1 
ATOM 463  H HB2  . SER B 1 9  ? 2.575   4.392   0.086   1.00 100.00 ? 305 SER E HB2  1 
ATOM 464  H HB3  . SER B 1 9  ? 2.130   5.754   1.141   1.00 100.00 ? 305 SER E HB3  1 
ATOM 465  H HG   . SER B 1 9  ? 2.406   5.874   -1.677  1.00 100.00 ? 305 SER E HG   1 
ATOM 466  N N    . VAL B 1 10 ? 4.077   8.179   -0.822  1.00 100.00 ? 306 VAL E N    1 
ATOM 467  C CA   . VAL B 1 10 ? 4.073   9.641   -0.900  1.00 100.00 ? 306 VAL E CA   1 
ATOM 468  C C    . VAL B 1 10 ? 2.904   10.133  -1.747  1.00 100.00 ? 306 VAL E C    1 
ATOM 469  O O    . VAL B 1 10 ? 2.597   9.554   -2.783  1.00 100.00 ? 306 VAL E O    1 
ATOM 470  C CB   . VAL B 1 10 ? 5.412   10.155  -1.459  1.00 100.00 ? 306 VAL E CB   1 
ATOM 471  C CG1  . VAL B 1 10 ? 5.446   11.679  -1.556  1.00 100.00 ? 306 VAL E CG1  1 
ATOM 472  C CG2  . VAL B 1 10 ? 6.606   9.715   -0.608  1.00 100.00 ? 306 VAL E CG2  1 
ATOM 473  H H    . VAL B 1 10 ? 4.022   7.674   -1.694  1.00 100.00 ? 306 VAL E H    1 
ATOM 474  H HA   . VAL B 1 10 ? 3.951   10.058  0.099   1.00 100.00 ? 306 VAL E HA   1 
ATOM 475  H HB   . VAL B 1 10 ? 5.549   9.756   -2.464  1.00 100.00 ? 306 VAL E HB   1 
ATOM 476  H HG11 . VAL B 1 10 ? 6.432   12.008  -1.881  1.00 100.00 ? 306 VAL E HG11 1 
ATOM 477  H HG12 . VAL B 1 10 ? 4.727   12.020  -2.298  1.00 100.00 ? 306 VAL E HG12 1 
ATOM 478  H HG13 . VAL B 1 10 ? 5.226   12.128  -0.588  1.00 100.00 ? 306 VAL E HG13 1 
ATOM 479  H HG21 . VAL B 1 10 ? 7.525   10.127  -1.020  1.00 100.00 ? 306 VAL E HG21 1 
ATOM 480  H HG22 . VAL B 1 10 ? 6.488   10.055  0.419   1.00 100.00 ? 306 VAL E HG22 1 
ATOM 481  H HG23 . VAL B 1 10 ? 6.694   8.629   -0.620  1.00 100.00 ? 306 VAL E HG23 1 
ATOM 482  N N    . GLN B 1 11 ? 2.298   11.251  -1.369  1.00 100.00 ? 307 GLN E N    1 
ATOM 483  C CA   . GLN B 1 11 ? 1.476   12.087  -2.241  1.00 100.00 ? 307 GLN E CA   1 
ATOM 484  C C    . GLN B 1 11 ? 2.002   13.512  -2.140  1.00 100.00 ? 307 GLN E C    1 
ATOM 485  O O    . GLN B 1 11 ? 2.249   13.986  -1.039  1.00 100.00 ? 307 GLN E O    1 
ATOM 486  C CB   . GLN B 1 11 ? 0.004   12.031  -1.820  1.00 100.00 ? 307 GLN E CB   1 
ATOM 487  C CG   . GLN B 1 11 ? -0.824  13.124  -2.507  1.00 100.00 ? 307 GLN E CG   1 
ATOM 488  C CD   . GLN B 1 11 ? -2.289  12.751  -2.577  1.00 100.00 ? 307 GLN E CD   1 
ATOM 489  O OE1  . GLN B 1 11 ? -2.777  12.251  -3.571  1.00 100.00 ? 307 GLN E OE1  1 
ATOM 490  N NE2  . GLN B 1 11 ? -3.050  12.976  -1.539  1.00 100.00 ? 307 GLN E NE2  1 
ATOM 491  H H    . GLN B 1 11 ? 2.592   11.677  -0.501  1.00 100.00 ? 307 GLN E H    1 
ATOM 492  H HA   . GLN B 1 11 ? 1.557   11.752  -3.275  1.00 100.00 ? 307 GLN E HA   1 
ATOM 493  H HB2  . GLN B 1 11 ? -0.400  11.057  -2.090  1.00 100.00 ? 307 GLN E HB2  1 
ATOM 494  H HB3  . GLN B 1 11 ? -0.080  12.154  -0.741  1.00 100.00 ? 307 GLN E HB3  1 
ATOM 495  H HG2  . GLN B 1 11 ? -0.710  14.069  -1.976  1.00 100.00 ? 307 GLN E HG2  1 
ATOM 496  H HG3  . GLN B 1 11 ? -0.475  13.256  -3.530  1.00 100.00 ? 307 GLN E HG3  1 
ATOM 497  H HE21 . GLN B 1 11 ? -2.674  13.422  -0.718  1.00 100.00 ? 307 GLN E HE21 1 
ATOM 498  H HE22 . GLN B 1 11 ? -3.989  12.610  -1.573  1.00 100.00 ? 307 GLN E HE22 1 
ATOM 499  N N    . ILE B 1 12 ? 2.120   14.222  -3.254  1.00 100.00 ? 308 ILE E N    1 
ATOM 500  C CA   . ILE B 1 12 ? 2.386   15.663  -3.273  1.00 100.00 ? 308 ILE E CA   1 
ATOM 501  C C    . ILE B 1 12 ? 1.324   16.329  -4.134  1.00 100.00 ? 308 ILE E C    1 
ATOM 502  O O    . ILE B 1 12 ? 1.076   15.899  -5.255  1.00 100.00 ? 308 ILE E O    1 
ATOM 503  C CB   . ILE B 1 12 ? 3.819   15.968  -3.763  1.00 100.00 ? 308 ILE E CB   1 
ATOM 504  C CG1  . ILE B 1 12 ? 4.850   15.230  -2.892  1.00 100.00 ? 308 ILE E CG1  1 
ATOM 505  C CG2  . ILE B 1 12 ? 4.067   17.484  -3.770  1.00 100.00 ? 308 ILE E CG2  1 
ATOM 506  C CD1  . ILE B 1 12 ? 6.312   15.514  -3.233  1.00 100.00 ? 308 ILE E CD1  1 
ATOM 507  H H    . ILE B 1 12 ? 1.956   13.766  -4.139  1.00 100.00 ? 308 ILE E H    1 
ATOM 508  H HA   . ILE B 1 12 ? 2.291   16.065  -2.264  1.00 100.00 ? 308 ILE E HA   1 
ATOM 509  H HB   . ILE B 1 12 ? 3.923   15.606  -4.785  1.00 100.00 ? 308 ILE E HB   1 
ATOM 510  H HG12 . ILE B 1 12 ? 4.683   15.483  -1.845  1.00 100.00 ? 308 ILE E HG12 1 
ATOM 511  H HG13 . ILE B 1 12 ? 4.701   14.159  -3.013  1.00 100.00 ? 308 ILE E HG13 1 
ATOM 512  H HG21 . ILE B 1 12 ? 5.058   17.704  -4.165  1.00 100.00 ? 308 ILE E HG21 1 
ATOM 513  H HG22 . ILE B 1 12 ? 3.353   17.992  -4.417  1.00 100.00 ? 308 ILE E HG22 1 
ATOM 514  H HG23 . ILE B 1 12 ? 3.988   17.883  -2.760  1.00 100.00 ? 308 ILE E HG23 1 
ATOM 515  H HD11 . ILE B 1 12 ? 6.948   14.839  -2.663  1.00 100.00 ? 308 ILE E HD11 1 
ATOM 516  H HD12 . ILE B 1 12 ? 6.483   15.349  -4.294  1.00 100.00 ? 308 ILE E HD12 1 
ATOM 517  H HD13 . ILE B 1 12 ? 6.576   16.536  -2.970  1.00 100.00 ? 308 ILE E HD13 1 
ATOM 518  N N    . VAL B 1 13 ? 0.708   17.395  -3.639  1.00 100.00 ? 309 VAL E N    1 
ATOM 519  C CA   . VAL B 1 13 ? -0.107  18.296  -4.450  1.00 100.00 ? 309 VAL E CA   1 
ATOM 520  C C    . VAL B 1 13 ? 0.462   19.687  -4.271  1.00 100.00 ? 309 VAL E C    1 
ATOM 521  O O    . VAL B 1 13 ? 0.538   20.174  -3.150  1.00 100.00 ? 309 VAL E O    1 
ATOM 522  C CB   . VAL B 1 13 ? -1.596  18.239  -4.086  1.00 100.00 ? 309 VAL E CB   1 
ATOM 523  C CG1  . VAL B 1 13 ? -2.406  19.105  -5.047  1.00 100.00 ? 309 VAL E CG1  1 
ATOM 524  C CG2  . VAL B 1 13 ? -2.145  16.815  -4.161  1.00 100.00 ? 309 VAL E CG2  1 
ATOM 525  H H    . VAL B 1 13 ? 0.942   17.691  -2.702  1.00 100.00 ? 309 VAL E H    1 
ATOM 526  H HA   . VAL B 1 13 ? -0.016  18.021  -5.500  1.00 100.00 ? 309 VAL E HA   1 
ATOM 527  H HB   . VAL B 1 13 ? -1.743  18.606  -3.071  1.00 100.00 ? 309 VAL E HB   1 
ATOM 528  H HG11 . VAL B 1 13 ? -3.463  19.044  -4.793  1.00 100.00 ? 309 VAL E HG11 1 
ATOM 529  H HG12 . VAL B 1 13 ? -2.265  18.753  -6.067  1.00 100.00 ? 309 VAL E HG12 1 
ATOM 530  H HG13 . VAL B 1 13 ? -2.094  20.147  -4.980  1.00 100.00 ? 309 VAL E HG13 1 
ATOM 531  H HG21 . VAL B 1 13 ? -1.681  16.196  -3.398  1.00 100.00 ? 309 VAL E HG21 1 
ATOM 532  H HG22 . VAL B 1 13 ? -1.944  16.389  -5.140  1.00 100.00 ? 309 VAL E HG22 1 
ATOM 533  H HG23 . VAL B 1 13 ? -3.217  16.823  -3.986  1.00 100.00 ? 309 VAL E HG23 1 
ATOM 534  N N    . TYR B 1 14 ? 0.892   20.333  -5.346  1.00 100.00 ? 310 TYR E N    1 
ATOM 535  C CA   . TYR B 1 14 ? 1.653   21.578  -5.260  1.00 100.00 ? 310 TYR E CA   1 
ATOM 536  C C    . TYR B 1 14 ? 0.811   22.773  -5.709  1.00 100.00 ? 310 TYR E C    1 
ATOM 537  O O    . TYR B 1 14 ? 0.328   22.785  -6.835  1.00 100.00 ? 310 TYR E O    1 
ATOM 538  C CB   . TYR B 1 14 ? 2.932   21.412  -6.081  1.00 100.00 ? 310 TYR E CB   1 
ATOM 539  C CG   . TYR B 1 14 ? 3.882   22.582  -5.983  1.00 100.00 ? 310 TYR E CG   1 
ATOM 540  C CD1  . TYR B 1 14 ? 3.781   23.651  -6.889  1.00 100.00 ? 310 TYR E CD1  1 
ATOM 541  C CD2  . TYR B 1 14 ? 4.868   22.596  -4.984  1.00 100.00 ? 310 TYR E CD2  1 
ATOM 542  C CE1  . TYR B 1 14 ? 4.683   24.727  -6.808  1.00 100.00 ? 310 TYR E CE1  1 
ATOM 543  C CE2  . TYR B 1 14 ? 5.761   23.675  -4.888  1.00 100.00 ? 310 TYR E CE2  1 
ATOM 544  C CZ   . TYR B 1 14 ? 5.674   24.741  -5.803  1.00 100.00 ? 310 TYR E CZ   1 
ATOM 545  O OH   . TYR B 1 14 ? 6.561   25.767  -5.725  1.00 100.00 ? 310 TYR E OH   1 
ATOM 546  H H    . TYR B 1 14 ? 0.788   19.890  -6.246  1.00 100.00 ? 310 TYR E H    1 
ATOM 547  H HA   . TYR B 1 14 ? 1.963   21.751  -4.230  1.00 100.00 ? 310 TYR E HA   1 
ATOM 548  H HB2  . TYR B 1 14 ? 3.452   20.518  -5.741  1.00 100.00 ? 310 TYR E HB2  1 
ATOM 549  H HB3  . TYR B 1 14 ? 2.672   21.259  -7.127  1.00 100.00 ? 310 TYR E HB3  1 
ATOM 550  H HD1  . TYR B 1 14 ? 3.027   23.634  -7.660  1.00 100.00 ? 310 TYR E HD1  1 
ATOM 551  H HD2  . TYR B 1 14 ? 4.947   21.773  -4.291  1.00 100.00 ? 310 TYR E HD2  1 
ATOM 552  H HE1  . TYR B 1 14 ? 4.628   25.535  -7.520  1.00 100.00 ? 310 TYR E HE1  1 
ATOM 553  H HE2  . TYR B 1 14 ? 6.528   23.683  -4.130  1.00 100.00 ? 310 TYR E HE2  1 
ATOM 554  H HH   . TYR B 1 14 ? 6.729   26.155  -6.574  1.00 100.00 ? 310 TYR E HH   1 
ATOM 555  N N    . LYS B 1 15 ? 0.629   23.773  -4.840  1.00 100.00 ? 311 LYS E N    1 
ATOM 556  C CA   . LYS B 1 15 ? -0.167  24.988  -5.087  1.00 100.00 ? 311 LYS E CA   1 
ATOM 557  C C    . LYS B 1 15 ? -1.551  24.745  -5.722  1.00 100.00 ? 311 LYS E C    1 
ATOM 558  O O    . LYS B 1 15 ? -1.860  25.353  -6.746  1.00 100.00 ? 311 LYS E O    1 
ATOM 559  C CB   . LYS B 1 15 ? 0.670   26.029  -5.854  1.00 100.00 ? 311 LYS E CB   1 
ATOM 560  C CG   . LYS B 1 15 ? 1.906   26.490  -5.077  1.00 100.00 ? 311 LYS E CG   1 
ATOM 561  C CD   . LYS B 1 15 ? 2.582   27.678  -5.768  1.00 100.00 ? 311 LYS E CD   1 
ATOM 562  C CE   . LYS B 1 15 ? 3.848   28.068  -5.000  1.00 100.00 ? 311 LYS E CE   1 
ATOM 563  N NZ   . LYS B 1 15 ? 4.497   29.276  -5.572  1.00 100.00 ? 311 LYS E NZ   1 
ATOM 564  H H    . LYS B 1 15 ? 1.076   23.684  -3.940  1.00 100.00 ? 311 LYS E H    1 
ATOM 565  H HA   . LYS B 1 15 ? -0.395  25.426  -4.115  1.00 100.00 ? 311 LYS E HA   1 
ATOM 566  H HB2  . LYS B 1 15 ? 0.987   25.611  -6.809  1.00 100.00 ? 311 LYS E HB2  1 
ATOM 567  H HB3  . LYS B 1 15 ? 0.049   26.904  -6.044  1.00 100.00 ? 311 LYS E HB3  1 
ATOM 568  H HG2  . LYS B 1 15 ? 1.605   26.793  -4.074  1.00 100.00 ? 311 LYS E HG2  1 
ATOM 569  H HG3  . LYS B 1 15 ? 2.613   25.665  -4.995  1.00 100.00 ? 311 LYS E HG3  1 
ATOM 570  H HD2  . LYS B 1 15 ? 2.841   27.404  -6.790  1.00 100.00 ? 311 LYS E HD2  1 
ATOM 571  H HD3  . LYS B 1 15 ? 1.889   28.518  -5.787  1.00 100.00 ? 311 LYS E HD3  1 
ATOM 572  H HE2  . LYS B 1 15 ? 3.577   28.258  -3.962  1.00 100.00 ? 311 LYS E HE2  1 
ATOM 573  H HE3  . LYS B 1 15 ? 4.540   27.227  -5.011  1.00 100.00 ? 311 LYS E HE3  1 
ATOM 574  H HZ1  . LYS B 1 15 ? 5.308   29.535  -5.032  1.00 100.00 ? 311 LYS E HZ1  1 
ATOM 575  H HZ2  . LYS B 1 15 ? 3.867   30.065  -5.556  1.00 100.00 ? 311 LYS E HZ2  1 
ATOM 576  H HZ3  . LYS B 1 15 ? 4.793   29.131  -6.524  1.00 100.00 ? 311 LYS E HZ3  1 
ATOM 577  N N    . PRO B 1 16 ? -2.402  23.867  -5.162  1.00 100.00 ? 312 PRO E N    1 
ATOM 578  C CA   . PRO B 1 16 ? -3.766  23.688  -5.644  1.00 100.00 ? 312 PRO E CA   1 
ATOM 579  C C    . PRO B 1 16 ? -4.616  24.944  -5.428  1.00 100.00 ? 312 PRO E C    1 
ATOM 580  O O    . PRO B 1 16 ? -4.440  25.647  -4.436  1.00 100.00 ? 312 PRO E O    1 
ATOM 581  C CB   . PRO B 1 16 ? -4.314  22.499  -4.854  1.00 100.00 ? 312 PRO E CB   1 
ATOM 582  C CG   . PRO B 1 16 ? -3.568  22.578  -3.531  1.00 100.00 ? 312 PRO E CG   1 
ATOM 583  C CD   . PRO B 1 16 ? -2.194  23.090  -3.950  1.00 100.00 ? 312 PRO E CD   1 
ATOM 584  H HA   . PRO B 1 16 ? -3.760  23.444  -6.707  1.00 100.00 ? 312 PRO E HA   1 
ATOM 585  H HB2  . PRO B 1 16 ? -5.393  22.553  -4.711  1.00 100.00 ? 312 PRO E HB2  1 
ATOM 586  H HB3  . PRO B 1 16 ? -4.042  21.568  -5.349  1.00 100.00 ? 312 PRO E HB3  1 
ATOM 587  H HG2  . PRO B 1 16 ? -4.048  23.303  -2.876  1.00 100.00 ? 312 PRO E HG2  1 
ATOM 588  H HG3  . PRO B 1 16 ? -3.507  21.605  -3.044  1.00 100.00 ? 312 PRO E HG3  1 
ATOM 589  H HD2  . PRO B 1 16 ? -1.770  23.698  -3.152  1.00 100.00 ? 312 PRO E HD2  1 
ATOM 590  H HD3  . PRO B 1 16 ? -1.542  22.245  -4.167  1.00 100.00 ? 312 PRO E HD3  1 
ATOM 591  N N    . VAL B 1 17 ? -5.560  25.217  -6.327  1.00 100.00 ? 313 VAL E N    1 
ATOM 592  C CA   . VAL B 1 17 ? -6.554  26.290  -6.195  1.00 100.00 ? 313 VAL E CA   1 
ATOM 593  C C    . VAL B 1 17 ? -7.954  25.740  -6.436  1.00 100.00 ? 313 VAL E C    1 
ATOM 594  O O    . VAL B 1 17 ? -8.204  25.083  -7.443  1.00 100.00 ? 313 VAL E O    1 
ATOM 595  C CB   . VAL B 1 17 ? -6.241  27.457  -7.141  1.00 100.00 ? 313 VAL E CB   1 
ATOM 596  C CG1  . VAL B 1 17 ? -7.335  28.528  -7.130  1.00 100.00 ? 313 VAL E CG1  1 
ATOM 597  C CG2  . VAL B 1 17 ? -4.922  28.134  -6.765  1.00 100.00 ? 313 VAL E CG2  1 
ATOM 598  H H    . VAL B 1 17 ? -5.623  24.623  -7.142  1.00 100.00 ? 313 VAL E H    1 
ATOM 599  H HA   . VAL B 1 17 ? -6.535  26.681  -5.177  1.00 100.00 ? 313 VAL E HA   1 
ATOM 600  H HB   . VAL B 1 17 ? -6.154  27.075  -8.157  1.00 100.00 ? 313 VAL E HB   1 
ATOM 601  H HG11 . VAL B 1 17 ? -7.047  29.362  -7.768  1.00 100.00 ? 313 VAL E HG11 1 
ATOM 602  H HG12 . VAL B 1 17 ? -8.265  28.117  -7.518  1.00 100.00 ? 313 VAL E HG12 1 
ATOM 603  H HG13 . VAL B 1 17 ? -7.495  28.890  -6.117  1.00 100.00 ? 313 VAL E HG13 1 
ATOM 604  H HG21 . VAL B 1 17 ? -4.098  27.429  -6.857  1.00 100.00 ? 313 VAL E HG21 1 
ATOM 605  H HG22 . VAL B 1 17 ? -4.729  28.969  -7.437  1.00 100.00 ? 313 VAL E HG22 1 
ATOM 606  H HG23 . VAL B 1 17 ? -4.968  28.500  -5.741  1.00 100.00 ? 313 VAL E HG23 1 
ATOM 607  N N    . ASP B 1 18 ? -8.887  26.028  -5.536  1.00 100.00 ? 314 ASP E N    1 
ATOM 608  C CA   . ASP B 1 18 ? -10.273 25.567  -5.631  1.00 100.00 ? 314 ASP E CA   1 
ATOM 609  C C    . ASP B 1 18 ? -11.247 26.742  -5.772  1.00 100.00 ? 314 ASP E C    1 
ATOM 610  O O    . ASP B 1 18 ? -11.442 27.509  -4.829  1.00 100.00 ? 314 ASP E O    1 
ATOM 611  C CB   . ASP B 1 18 ? -10.577 24.709  -4.394  1.00 100.00 ? 314 ASP E CB   1 
ATOM 612  C CG   . ASP B 1 18 ? -11.924 23.987  -4.469  1.00 100.00 ? 314 ASP E CG   1 
ATOM 613  O OD1  . ASP B 1 18 ? -12.754 24.337  -5.335  1.00 100.00 ? 314 ASP E OD1  1 
ATOM 614  O OD2  . ASP B 1 18 ? -12.154 23.079  -3.640  1.00 100.00 ? 314 ASP E OD2  1 
ATOM 615  H H    . ASP B 1 18 ? -8.638  26.588  -4.733  1.00 100.00 ? 314 ASP E H    1 
ATOM 616  H HA   . ASP B 1 18 ? -10.395 24.930  -6.507  1.00 100.00 ? 314 ASP E HA   1 
ATOM 617  H HB2  . ASP B 1 18 ? -9.793  23.959  -4.296  1.00 100.00 ? 314 ASP E HB2  1 
ATOM 618  H HB3  . ASP B 1 18 ? -10.552 25.332  -3.500  1.00 100.00 ? 314 ASP E HB3  1 
ATOM 619  N N    . LEU B 1 19 ? -11.882 26.853  -6.940  1.00 100.00 ? 315 LEU E N    1 
ATOM 620  C CA   . LEU B 1 19 ? -12.943 27.811  -7.267  1.00 100.00 ? 315 LEU E CA   1 
ATOM 621  C C    . LEU B 1 19 ? -14.291 27.115  -7.535  1.00 100.00 ? 315 LEU E C    1 
ATOM 622  O O    . LEU B 1 19 ? -15.147 27.675  -8.222  1.00 100.00 ? 315 LEU E O    1 
ATOM 623  C CB   . LEU B 1 19 ? -12.510 28.747  -8.412  1.00 100.00 ? 315 LEU E CB   1 
ATOM 624  C CG   . LEU B 1 19 ? -11.123 29.405  -8.281  1.00 100.00 ? 315 LEU E CG   1 
ATOM 625  C CD1  . LEU B 1 19 ? -10.895 30.395  -9.419  1.00 100.00 ? 315 LEU E CD1  1 
ATOM 626  C CD2  . LEU B 1 19 ? -10.992 30.237  -7.007  1.00 100.00 ? 315 LEU E CD2  1 
ATOM 627  H H    . LEU B 1 19 ? -11.691 26.161  -7.649  1.00 100.00 ? 315 LEU E H    1 
ATOM 628  H HA   . LEU B 1 19 ? -13.112 28.438  -6.393  1.00 100.00 ? 315 LEU E HA   1 
ATOM 629  H HB2  . LEU B 1 19 ? -12.527 28.175  -9.339  1.00 100.00 ? 315 LEU E HB2  1 
ATOM 630  H HB3  . LEU B 1 19 ? -13.254 29.537  -8.501  1.00 100.00 ? 315 LEU E HB3  1 
ATOM 631  H HG   . LEU B 1 19 ? -10.343 28.645  -8.310  1.00 100.00 ? 315 LEU E HG   1 
ATOM 632  H HD11 . LEU B 1 19 ? -9.917  30.858  -9.320  1.00 100.00 ? 315 LEU E HD11 1 
ATOM 633  H HD12 . LEU B 1 19 ? -11.663 31.166  -9.409  1.00 100.00 ? 315 LEU E HD12 1 
ATOM 634  H HD13 . LEU B 1 19 ? -10.930 29.874  -10.373 1.00 100.00 ? 315 LEU E HD13 1 
ATOM 635  H HD21 . LEU B 1 19 ? -10.023 30.732  -6.989  1.00 100.00 ? 315 LEU E HD21 1 
ATOM 636  H HD22 . LEU B 1 19 ? -11.782 30.986  -6.967  1.00 100.00 ? 315 LEU E HD22 1 
ATOM 637  H HD23 . LEU B 1 19 ? -11.061 29.601  -6.125  1.00 100.00 ? 315 LEU E HD23 1 
ATOM 638  N N    . SER B 1 20 ? -14.491 25.894  -7.031  1.00 100.00 ? 316 SER E N    1 
ATOM 639  C CA   . SER B 1 20 ? -15.717 25.108  -7.231  1.00 100.00 ? 316 SER E CA   1 
ATOM 640  C C    . SER B 1 20 ? -16.976 25.878  -6.823  1.00 100.00 ? 316 SER E C    1 
ATOM 641  O O    . SER B 1 20 ? -16.972 26.584  -5.811  1.00 100.00 ? 316 SER E O    1 
ATOM 642  C CB   . SER B 1 20 ? -15.687 23.831  -6.384  1.00 100.00 ? 316 SER E CB   1 
ATOM 643  O OG   . SER B 1 20 ? -14.542 23.065  -6.659  1.00 100.00 ? 316 SER E OG   1 
ATOM 644  H H    . SER B 1 20 ? -13.746 25.471  -6.496  1.00 100.00 ? 316 SER E H    1 
ATOM 645  H HA   . SER B 1 20 ? -15.788 24.831  -8.282  1.00 100.00 ? 316 SER E HA   1 
ATOM 646  H HB2  . SER B 1 20 ? -15.687 24.094  -5.327  1.00 100.00 ? 316 SER E HB2  1 
ATOM 647  H HB3  . SER B 1 20 ? -16.575 23.236  -6.598  1.00 100.00 ? 316 SER E HB3  1 
ATOM 648  H HG   . SER B 1 20 ? -13.817 23.514  -6.220  1.00 100.00 ? 316 SER E HG   1 
ATOM 649  N N    . LYS B 1 21 ? -18.077 25.711  -7.562  1.00 100.00 ? 317 LYS E N    1 
ATOM 650  C CA   . LYS B 1 21 ? -19.382 26.328  -7.261  1.00 100.00 ? 317 LYS E CA   1 
ATOM 651  C C    . LYS B 1 21 ? -20.497 25.291  -7.159  1.00 100.00 ? 317 LYS E C    1 
ATOM 652  O O    . LYS B 1 21 ? -20.568 24.372  -7.971  1.00 100.00 ? 317 LYS E O    1 
ATOM 653  C CB   . LYS B 1 21 ? -19.725 27.433  -8.278  1.00 100.00 ? 317 LYS E CB   1 
ATOM 654  C CG   . LYS B 1 21 ? -18.720 28.590  -8.213  1.00 100.00 ? 317 LYS E CG   1 
ATOM 655  C CD   . LYS B 1 21 ? -19.086 29.730  -9.170  1.00 100.00 ? 317 LYS E CD   1 
ATOM 656  C CE   . LYS B 1 21 ? -18.019 30.824  -9.063  1.00 100.00 ? 317 LYS E CE   1 
ATOM 657  N NZ   . LYS B 1 21 ? -18.330 31.990  -9.922  1.00 100.00 ? 317 LYS E NZ   1 
ATOM 658  H H    . LYS B 1 21 ? -18.011 25.116  -8.375  1.00 100.00 ? 317 LYS E H    1 
ATOM 659  H HA   . LYS B 1 21 ? -19.326 26.801  -6.281  1.00 100.00 ? 317 LYS E HA   1 
ATOM 660  H HB2  . LYS B 1 21 ? -19.736 27.016  -9.283  1.00 100.00 ? 317 LYS E HB2  1 
ATOM 661  H HB3  . LYS B 1 21 ? -20.718 27.822  -8.055  1.00 100.00 ? 317 LYS E HB3  1 
ATOM 662  H HG2  . LYS B 1 21 ? -18.688 28.978  -7.197  1.00 100.00 ? 317 LYS E HG2  1 
ATOM 663  H HG3  . LYS B 1 21 ? -17.731 28.223  -8.482  1.00 100.00 ? 317 LYS E HG3  1 
ATOM 664  H HD2  . LYS B 1 21 ? -19.125 29.352  -10.190 1.00 100.00 ? 317 LYS E HD2  1 
ATOM 665  H HD3  . LYS B 1 21 ? -20.059 30.132  -8.896  1.00 100.00 ? 317 LYS E HD3  1 
ATOM 666  H HE2  . LYS B 1 21 ? -17.955 31.139  -8.024  1.00 100.00 ? 317 LYS E HE2  1 
ATOM 667  H HE3  . LYS B 1 21 ? -17.056 30.404  -9.340  1.00 100.00 ? 317 LYS E HE3  1 
ATOM 668  H HZ1  . LYS B 1 21 ? -17.628 32.704  -9.822  1.00 100.00 ? 317 LYS E HZ1  1 
ATOM 669  H HZ2  . LYS B 1 21 ? -19.215 32.397  -9.677  1.00 100.00 ? 317 LYS E HZ2  1 
ATOM 670  H HZ3  . LYS B 1 21 ? -18.364 31.729  -10.893 1.00 100.00 ? 317 LYS E HZ3  1 
ATOM 671  N N    . VAL B 1 22 ? -21.386 25.455  -6.181  1.00 15.79  ? 318 VAL E N    1 
ATOM 672  C CA   . VAL B 1 22 ? -22.483 24.518  -5.876  1.00 15.79  ? 318 VAL E CA   1 
ATOM 673  C C    . VAL B 1 22 ? -23.826 25.249  -5.805  1.00 15.79  ? 318 VAL E C    1 
ATOM 674  O O    . VAL B 1 22 ? -23.925 26.347  -5.249  1.00 15.79  ? 318 VAL E O    1 
ATOM 675  C CB   . VAL B 1 22 ? -22.214 23.743  -4.572  1.00 15.79  ? 318 VAL E CB   1 
ATOM 676  C CG1  . VAL B 1 22 ? -23.351 22.762  -4.262  1.00 15.79  ? 318 VAL E CG1  1 
ATOM 677  C CG2  . VAL B 1 22 ? -20.910 22.943  -4.640  1.00 15.79  ? 318 VAL E CG2  1 
ATOM 678  H H    . VAL B 1 22 ? -21.280 26.258  -5.580  1.00 15.79  ? 318 VAL E H    1 
ATOM 679  H HA   . VAL B 1 22 ? -22.573 23.786  -6.678  1.00 15.79  ? 318 VAL E HA   1 
ATOM 680  H HB   . VAL B 1 22 ? -22.136 24.448  -3.746  1.00 15.79  ? 318 VAL E HB   1 
ATOM 681  H HG11 . VAL B 1 22 ? -23.107 22.183  -3.374  1.00 15.79  ? 318 VAL E HG11 1 
ATOM 682  H HG12 . VAL B 1 22 ? -24.277 23.300  -4.067  1.00 15.79  ? 318 VAL E HG12 1 
ATOM 683  H HG13 . VAL B 1 22 ? -23.496 22.080  -5.099  1.00 15.79  ? 318 VAL E HG13 1 
ATOM 684  H HG21 . VAL B 1 22 ? -20.062 23.615  -4.758  1.00 15.79  ? 318 VAL E HG21 1 
ATOM 685  H HG22 . VAL B 1 22 ? -20.770 22.389  -3.714  1.00 15.79  ? 318 VAL E HG22 1 
ATOM 686  H HG23 . VAL B 1 22 ? -20.936 22.242  -5.472  1.00 15.79  ? 318 VAL E HG23 1 
ATOM 687  N N    . ILE C 1 1  ? -9.060  14.229  -6.276  1.00 100.00 ? 297 ILE A N    1 
ATOM 688  C CA   . ILE C 1 1  ? -7.682  13.675  -6.110  1.00 100.00 ? 297 ILE A CA   1 
ATOM 689  C C    . ILE C 1 1  ? -7.643  12.679  -4.946  1.00 100.00 ? 297 ILE A C    1 
ATOM 690  O O    . ILE C 1 1  ? -7.919  13.067  -3.815  1.00 100.00 ? 297 ILE A O    1 
ATOM 691  C CB   . ILE C 1 1  ? -6.606  14.777  -5.927  1.00 100.00 ? 297 ILE A CB   1 
ATOM 692  C CG1  . ILE C 1 1  ? -6.541  15.728  -7.140  1.00 100.00 ? 297 ILE A CG1  1 
ATOM 693  C CG2  . ILE C 1 1  ? -5.209  14.173  -5.691  1.00 100.00 ? 297 ILE A CG2  1 
ATOM 694  C CD1  . ILE C 1 1  ? -5.707  16.996  -6.915  1.00 100.00 ? 297 ILE A CD1  1 
ATOM 695  H H1   . ILE C 1 1  ? -9.106  14.883  -7.042  1.00 100.00 ? 297 ILE A H1   1 
ATOM 696  H H2   . ILE C 1 1  ? -9.353  14.713  -5.443  1.00 100.00 ? 297 ILE A H2   1 
ATOM 697  H H3   . ILE C 1 1  ? -9.731  13.498  -6.453  1.00 100.00 ? 297 ILE A H3   1 
ATOM 698  H HA   . ILE C 1 1  ? -7.416  13.121  -7.010  1.00 100.00 ? 297 ILE A HA   1 
ATOM 699  H HB   . ILE C 1 1  ? -6.865  15.370  -5.051  1.00 100.00 ? 297 ILE A HB   1 
ATOM 700  H HG12 . ILE C 1 1  ? -6.136  15.195  -7.999  1.00 100.00 ? 297 ILE A HG12 1 
ATOM 701  H HG13 . ILE C 1 1  ? -7.545  16.064  -7.396  1.00 100.00 ? 297 ILE A HG13 1 
ATOM 702  H HG21 . ILE C 1 1  ? -4.473  14.958  -5.529  1.00 100.00 ? 297 ILE A HG21 1 
ATOM 703  H HG22 . ILE C 1 1  ? -5.184  13.544  -4.803  1.00 100.00 ? 297 ILE A HG22 1 
ATOM 704  H HG23 . ILE C 1 1  ? -4.895  13.588  -6.553  1.00 100.00 ? 297 ILE A HG23 1 
ATOM 705  H HD11 . ILE C 1 1  ? -5.811  17.652  -7.779  1.00 100.00 ? 297 ILE A HD11 1 
ATOM 706  H HD12 . ILE C 1 1  ? -6.056  17.528  -6.032  1.00 100.00 ? 297 ILE A HD12 1 
ATOM 707  H HD13 . ILE C 1 1  ? -4.652  16.753  -6.800  1.00 100.00 ? 297 ILE A HD13 1 
ATOM 708  N N    . LYS C 1 2  ? -7.290  11.413  -5.199  1.00 100.00 ? 298 LYS A N    1 
ATOM 709  C CA   . LYS C 1 2  ? -7.126  10.343  -4.196  1.00 100.00 ? 298 LYS A CA   1 
ATOM 710  C C    . LYS C 1 2  ? -5.829  9.571   -4.416  1.00 100.00 ? 298 LYS A C    1 
ATOM 711  O O    . LYS C 1 2  ? -5.465  9.336   -5.560  1.00 100.00 ? 298 LYS A O    1 
ATOM 712  C CB   . LYS C 1 2  ? -8.299  9.348   -4.257  1.00 100.00 ? 298 LYS A CB   1 
ATOM 713  C CG   . LYS C 1 2  ? -9.673  9.986   -4.041  1.00 100.00 ? 298 LYS A CG   1 
ATOM 714  C CD   . LYS C 1 2  ? -10.785 8.954   -3.799  1.00 100.00 ? 298 LYS A CD   1 
ATOM 715  C CE   . LYS C 1 2  ? -11.074 8.059   -5.001  1.00 100.00 ? 298 LYS A CE   1 
ATOM 716  N NZ   . LYS C 1 2  ? -12.226 7.159   -4.731  1.00 100.00 ? 298 LYS A NZ   1 
ATOM 717  H H    . LYS C 1 2  ? -7.097  11.158  -6.155  1.00 100.00 ? 298 LYS A H    1 
ATOM 718  H HA   . LYS C 1 2  ? -7.088  10.774  -3.196  1.00 100.00 ? 298 LYS A HA   1 
ATOM 719  H HB2  . LYS C 1 2  ? -8.293  8.846   -5.222  1.00 100.00 ? 298 LYS A HB2  1 
ATOM 720  H HB3  . LYS C 1 2  ? -8.146  8.597   -3.484  1.00 100.00 ? 298 LYS A HB3  1 
ATOM 721  H HG2  . LYS C 1 2  ? -9.622  10.631  -3.167  1.00 100.00 ? 298 LYS A HG2  1 
ATOM 722  H HG3  . LYS C 1 2  ? -9.933  10.597  -4.903  1.00 100.00 ? 298 LYS A HG3  1 
ATOM 723  H HD2  . LYS C 1 2  ? -10.512 8.338   -2.950  1.00 100.00 ? 298 LYS A HD2  1 
ATOM 724  H HD3  . LYS C 1 2  ? -11.692 9.495   -3.550  1.00 100.00 ? 298 LYS A HD3  1 
ATOM 725  H HE2  . LYS C 1 2  ? -11.291 8.687   -5.856  1.00 100.00 ? 298 LYS A HE2  1 
ATOM 726  H HE3  . LYS C 1 2  ? -10.187 7.478   -5.221  1.00 100.00 ? 298 LYS A HE3  1 
ATOM 727  H HZ1  . LYS C 1 2  ? -12.430 6.564   -5.511  1.00 100.00 ? 298 LYS A HZ1  1 
ATOM 728  H HZ2  . LYS C 1 2  ? -13.058 7.683   -4.537  1.00 100.00 ? 298 LYS A HZ2  1 
ATOM 729  H HZ3  . LYS C 1 2  ? -12.052 6.569   -3.942  1.00 100.00 ? 298 LYS A HZ3  1 
ATOM 730  N N    . HIS C 1 3  ? -5.168  9.104   -3.370  1.00 100.00 ? 299 HIS A N    1 
ATOM 731  C CA   . HIS C 1 3  ? -4.111  8.089   -3.442  1.00 100.00 ? 299 HIS A CA   1 
ATOM 732  C C    . HIS C 1 3  ? -4.433  6.970   -2.454  1.00 100.00 ? 299 HIS A C    1 
ATOM 733  O O    . HIS C 1 3  ? -4.614  7.243   -1.273  1.00 100.00 ? 299 HIS A O    1 
ATOM 734  C CB   . HIS C 1 3  ? -2.755  8.755   -3.188  1.00 100.00 ? 299 HIS A CB   1 
ATOM 735  C CG   . HIS C 1 3  ? -1.562  7.866   -3.395  1.00 100.00 ? 299 HIS A CG   1 
ATOM 736  N ND1  . HIS C 1 3  ? -1.533  6.701   -4.152  1.00 100.00 ? 299 HIS A ND1  1 
ATOM 737  C CD2  . HIS C 1 3  ? -0.292  8.159   -3.010  1.00 100.00 ? 299 HIS A CD2  1 
ATOM 738  C CE1  . HIS C 1 3  ? -0.251  6.304   -4.180  1.00 100.00 ? 299 HIS A CE1  1 
ATOM 739  N NE2  . HIS C 1 3  ? 0.518   7.177   -3.519  1.00 100.00 ? 299 HIS A NE2  1 
ATOM 740  H H    . HIS C 1 3  ? -5.477  9.386   -2.452  1.00 100.00 ? 299 HIS A H    1 
ATOM 741  H HA   . HIS C 1 3  ? -4.079  7.650   -4.437  1.00 100.00 ? 299 HIS A HA   1 
ATOM 742  H HB2  . HIS C 1 3  ? -2.644  9.597   -3.869  1.00 100.00 ? 299 HIS A HB2  1 
ATOM 743  H HB3  . HIS C 1 3  ? -2.732  9.146   -2.171  1.00 100.00 ? 299 HIS A HB3  1 
ATOM 744  H HD2  . HIS C 1 3  ? 0.027   9.026   -2.451  1.00 100.00 ? 299 HIS A HD2  1 
ATOM 745  H HE1  . HIS C 1 3  ? 0.112   5.437   -4.711  1.00 100.00 ? 299 HIS A HE1  1 
ATOM 746  H HE2  . HIS C 1 3  ? 1.524   7.148   -3.449  1.00 100.00 ? 299 HIS A HE2  1 
ATOM 747  N N    . VAL C 1 4  ? -4.589  5.729   -2.914  1.00 100.00 ? 300 VAL A N    1 
ATOM 748  C CA   . VAL C 1 4  ? -5.179  4.630   -2.133  1.00 100.00 ? 300 VAL A CA   1 
ATOM 749  C C    . VAL C 1 4  ? -4.320  3.357   -2.209  1.00 100.00 ? 300 VAL A C    1 
ATOM 750  O O    . VAL C 1 4  ? -4.792  2.310   -2.651  1.00 100.00 ? 300 VAL A O    1 
ATOM 751  C CB   . VAL C 1 4  ? -6.645  4.396   -2.559  1.00 100.00 ? 300 VAL A CB   1 
ATOM 752  C CG1  . VAL C 1 4  ? -7.408  3.504   -1.577  1.00 100.00 ? 300 VAL A CG1  1 
ATOM 753  C CG2  . VAL C 1 4  ? -7.445  5.699   -2.673  1.00 100.00 ? 300 VAL A CG2  1 
ATOM 754  H H    . VAL C 1 4  ? -4.418  5.569   -3.895  1.00 100.00 ? 300 VAL A H    1 
ATOM 755  H HA   . VAL C 1 4  ? -5.199  4.916   -1.082  1.00 100.00 ? 300 VAL A HA   1 
ATOM 756  H HB   . VAL C 1 4  ? -6.658  3.922   -3.540  1.00 100.00 ? 300 VAL A HB   1 
ATOM 757  H HG11 . VAL C 1 4  ? -6.941  2.526   -1.490  1.00 100.00 ? 300 VAL A HG11 1 
ATOM 758  H HG12 . VAL C 1 4  ? -7.435  3.969   -0.595  1.00 100.00 ? 300 VAL A HG12 1 
ATOM 759  H HG13 . VAL C 1 4  ? -8.426  3.352   -1.929  1.00 100.00 ? 300 VAL A HG13 1 
ATOM 760  H HG21 . VAL C 1 4  ? -8.491  5.480   -2.878  1.00 100.00 ? 300 VAL A HG21 1 
ATOM 761  H HG22 . VAL C 1 4  ? -7.375  6.259   -1.742  1.00 100.00 ? 300 VAL A HG22 1 
ATOM 762  H HG23 . VAL C 1 4  ? -7.064  6.303   -3.494  1.00 100.00 ? 300 VAL A HG23 1 
ATOM 763  N N    . PRO C 1 5  ? -3.025  3.404   -1.859  1.00 100.00 ? 301 PRO A N    1 
ATOM 764  C CA   . PRO C 1 5  ? -2.127  2.272   -2.044  1.00 100.00 ? 301 PRO A CA   1 
ATOM 765  C C    . PRO C 1 5  ? -2.342  1.169   -1.000  1.00 100.00 ? 301 PRO A C    1 
ATOM 766  O O    . PRO C 1 5  ? -2.491  1.438   0.190   1.00 100.00 ? 301 PRO A O    1 
ATOM 767  C CB   . PRO C 1 5  ? -0.724  2.865   -1.964  1.00 100.00 ? 301 PRO A CB   1 
ATOM 768  C CG   . PRO C 1 5  ? -0.904  4.024   -1.004  1.00 100.00 ? 301 PRO A CG   1 
ATOM 769  C CD   . PRO C 1 5  ? -2.297  4.537   -1.328  1.00 100.00 ? 301 PRO A CD   1 
ATOM 770  H HA   . PRO C 1 5  ? -2.272  1.846   -3.037  1.00 100.00 ? 301 PRO A HA   1 
ATOM 771  H HB2  . PRO C 1 5  ? 0.018   2.156   -1.602  1.00 100.00 ? 301 PRO A HB2  1 
ATOM 772  H HB3  . PRO C 1 5  ? -0.432  3.262   -2.936  1.00 100.00 ? 301 PRO A HB3  1 
ATOM 773  H HG2  . PRO C 1 5  ? -0.861  3.651   0.019   1.00 100.00 ? 301 PRO A HG2  1 
ATOM 774  H HG3  . PRO C 1 5  ? -0.158  4.799   -1.170  1.00 100.00 ? 301 PRO A HG3  1 
ATOM 775  H HD2  . PRO C 1 5  ? -2.777  4.936   -0.435  1.00 100.00 ? 301 PRO A HD2  1 
ATOM 776  H HD3  . PRO C 1 5  ? -2.215  5.313   -2.087  1.00 100.00 ? 301 PRO A HD3  1 
ATOM 777  N N    . GLY C 1 6  ? -2.296  -0.091  -1.423  1.00 67.96  ? 302 GLY A N    1 
ATOM 778  C CA   . GLY C 1 6  ? -2.318  -1.249  -0.525  1.00 67.96  ? 302 GLY A CA   1 
ATOM 779  C C    . GLY C 1 6  ? -3.663  -1.548  0.147   1.00 67.96  ? 302 GLY A C    1 
ATOM 780  O O    . GLY C 1 6  ? -3.698  -2.311  1.109   1.00 67.96  ? 302 GLY A O    1 
ATOM 781  H H    . GLY C 1 6  ? -2.170  -0.258  -2.412  1.00 67.96  ? 302 GLY A H    1 
ATOM 782  H HA2  . GLY C 1 6  ? -2.033  -2.132  -1.093  1.00 67.96  ? 302 GLY A HA2  1 
ATOM 783  H HA3  . GLY C 1 6  ? -1.577  -1.104  0.261   1.00 67.96  ? 302 GLY A HA3  1 
ATOM 784  N N    . GLY C 1 7  ? -4.765  -0.950  -0.300  1.00 84.95  ? 303 GLY A N    1 
ATOM 785  C CA   . GLY C 1 7  ? -6.070  -1.083  0.359   1.00 84.95  ? 303 GLY A CA   1 
ATOM 786  C C    . GLY C 1 7  ? -6.642  -2.506  0.339   1.00 84.95  ? 303 GLY A C    1 
ATOM 787  O O    . GLY C 1 7  ? -6.503  -3.228  -0.641  1.00 84.95  ? 303 GLY A O    1 
ATOM 788  H H    . GLY C 1 7  ? -4.689  -0.326  -1.090  1.00 84.95  ? 303 GLY A H    1 
ATOM 789  H HA2  . GLY C 1 7  ? -5.970  -0.760  1.394   1.00 84.95  ? 303 GLY A HA2  1 
ATOM 790  H HA3  . GLY C 1 7  ? -6.789  -0.424  -0.124  1.00 84.95  ? 303 GLY A HA3  1 
ATOM 791  N N    . GLY C 1 8  ? -7.308  -2.928  1.412   1.00 100.00 ? 304 GLY A N    1 
ATOM 792  C CA   . GLY C 1 8  ? -8.050  -4.194  1.489   1.00 100.00 ? 304 GLY A CA   1 
ATOM 793  C C    . GLY C 1 8  ? -7.201  -5.462  1.634   1.00 100.00 ? 304 GLY A C    1 
ATOM 794  O O    . GLY C 1 8  ? -7.709  -6.565  1.450   1.00 100.00 ? 304 GLY A O    1 
ATOM 795  H H    . GLY C 1 8  ? -7.358  -2.309  2.207   1.00 100.00 ? 304 GLY A H    1 
ATOM 796  H HA2  . GLY C 1 8  ? -8.717  -4.149  2.349   1.00 100.00 ? 304 GLY A HA2  1 
ATOM 797  H HA3  . GLY C 1 8  ? -8.664  -4.303  0.595   1.00 100.00 ? 304 GLY A HA3  1 
ATOM 798  N N    . SER C 1 9  ? -5.908  -5.329  1.912   1.00 100.00 ? 305 SER A N    1 
ATOM 799  C CA   . SER C 1 9  ? -4.959  -6.444  1.861   1.00 100.00 ? 305 SER A CA   1 
ATOM 800  C C    . SER C 1 9  ? -5.099  -7.476  2.982   1.00 100.00 ? 305 SER A C    1 
ATOM 801  O O    . SER C 1 9  ? -5.343  -7.128  4.132   1.00 100.00 ? 305 SER A O    1 
ATOM 802  C CB   . SER C 1 9  ? -3.546  -5.889  1.884   1.00 100.00 ? 305 SER A CB   1 
ATOM 803  O OG   . SER C 1 9  ? -2.640  -6.936  1.624   1.00 100.00 ? 305 SER A OG   1 
ATOM 804  H H    . SER C 1 9  ? -5.548  -4.398  2.047   1.00 100.00 ? 305 SER A H    1 
ATOM 805  H HA   . SER C 1 9  ? -5.101  -6.954  0.910   1.00 100.00 ? 305 SER A HA   1 
ATOM 806  H HB2  . SER C 1 9  ? -3.440  -5.130  1.109   1.00 100.00 ? 305 SER A HB2  1 
ATOM 807  H HB3  . SER C 1 9  ? -3.332  -5.441  2.853   1.00 100.00 ? 305 SER A HB3  1 
ATOM 808  H HG   . SER C 1 9  ? -2.753  -7.633  2.270   1.00 100.00 ? 305 SER A HG   1 
ATOM 809  N N    . VAL C 1 10 ? -4.791  -8.738  2.679   1.00 100.00 ? 306 VAL A N    1 
ATOM 810  C CA   . VAL C 1 10 ? -4.719  -9.857  3.637   1.00 100.00 ? 306 VAL A CA   1 
ATOM 811  C C    . VAL C 1 10 ? -3.335  -10.510 3.607   1.00 100.00 ? 306 VAL A C    1 
ATOM 812  O O    . VAL C 1 10 ? -2.745  -10.656 2.545   1.00 100.00 ? 306 VAL A O    1 
ATOM 813  C CB   . VAL C 1 10 ? -5.817  -10.895 3.328   1.00 100.00 ? 306 VAL A CB   1 
ATOM 814  C CG1  . VAL C 1 10 ? -5.777  -12.107 4.260   1.00 100.00 ? 306 VAL A CG1  1 
ATOM 815  C CG2  . VAL C 1 10 ? -7.219  -10.288 3.417   1.00 100.00 ? 306 VAL A CG2  1 
ATOM 816  H H    . VAL C 1 10 ? -4.633  -8.959  1.707   1.00 100.00 ? 306 VAL A H    1 
ATOM 817  H HA   . VAL C 1 10 ? -4.891  -9.485  4.646   1.00 100.00 ? 306 VAL A HA   1 
ATOM 818  H HB   . VAL C 1 10 ? -5.677  -11.258 2.310   1.00 100.00 ? 306 VAL A HB   1 
ATOM 819  H HG11 . VAL C 1 10 ? -6.620  -12.763 4.047   1.00 100.00 ? 306 VAL A HG11 1 
ATOM 820  H HG12 . VAL C 1 10 ? -5.830  -11.790 5.301   1.00 100.00 ? 306 VAL A HG12 1 
ATOM 821  H HG13 . VAL C 1 10 ? -4.865  -12.678 4.090   1.00 100.00 ? 306 VAL A HG13 1 
ATOM 822  H HG21 . VAL C 1 10 ? -7.335  -9.495  2.680   1.00 100.00 ? 306 VAL A HG21 1 
ATOM 823  H HG22 . VAL C 1 10 ? -7.397  -9.882  4.412   1.00 100.00 ? 306 VAL A HG22 1 
ATOM 824  H HG23 . VAL C 1 10 ? -7.968  -11.051 3.205   1.00 100.00 ? 306 VAL A HG23 1 
ATOM 825  N N    . GLN C 1 11 ? -2.824  -10.962 4.746   1.00 100.00 ? 307 GLN A N    1 
ATOM 826  C CA   . GLN C 1 11 ? -1.713  -11.915 4.846   1.00 100.00 ? 307 GLN A CA   1 
ATOM 827  C C    . GLN C 1 11 ? -2.116  -13.059 5.773   1.00 100.00 ? 307 GLN A C    1 
ATOM 828  O O    . GLN C 1 11 ? -2.633  -12.800 6.853   1.00 100.00 ? 307 GLN A O    1 
ATOM 829  C CB   . GLN C 1 11 ? -0.443  -11.208 5.352   1.00 100.00 ? 307 GLN A CB   1 
ATOM 830  C CG   . GLN C 1 11 ? 0.622   -12.164 5.911   1.00 100.00 ? 307 GLN A CG   1 
ATOM 831  C CD   . GLN C 1 11 ? 2.032   -11.632 5.736   1.00 100.00 ? 307 GLN A CD   1 
ATOM 832  O OE1  . GLN C 1 11 ? 2.624   -11.751 4.681   1.00 100.00 ? 307 GLN A OE1  1 
ATOM 833  N NE2  . GLN C 1 11 ? 2.653   -11.047 6.724   1.00 100.00 ? 307 GLN A NE2  1 
ATOM 834  H H    . GLN C 1 11 ? -3.316  -10.744 5.599   1.00 100.00 ? 307 GLN A H    1 
ATOM 835  H HA   . GLN C 1 11 ? -1.497  -12.340 3.867   1.00 100.00 ? 307 GLN A HA   1 
ATOM 836  H HB2  . GLN C 1 11 ? -0.022  -10.648 4.522   1.00 100.00 ? 307 GLN A HB2  1 
ATOM 837  H HB3  . GLN C 1 11 ? -0.704  -10.499 6.135   1.00 100.00 ? 307 GLN A HB3  1 
ATOM 838  H HG2  . GLN C 1 11 ? 0.424   -12.365 6.961   1.00 100.00 ? 307 GLN A HG2  1 
ATOM 839  H HG3  . GLN C 1 11 ? 0.581   -13.106 5.371   1.00 100.00 ? 307 GLN A HG3  1 
ATOM 840  H HE21 . GLN C 1 11 ? 2.193   -10.881 7.606   1.00 100.00 ? 307 GLN A HE21 1 
ATOM 841  H HE22 . GLN C 1 11 ? 3.538   -10.613 6.502   1.00 100.00 ? 307 GLN A HE22 1 
ATOM 842  N N    . ILE C 1 12 ? -1.843  -14.307 5.400   1.00 100.00 ? 308 ILE A N    1 
ATOM 843  C CA   . ILE C 1 12 ? -2.032  -15.466 6.271   1.00 100.00 ? 308 ILE A CA   1 
ATOM 844  C C    . ILE C 1 12 ? -0.737  -16.257 6.348   1.00 100.00 ? 308 ILE A C    1 
ATOM 845  O O    . ILE C 1 12 ? -0.166  -16.601 5.319   1.00 100.00 ? 308 ILE A O    1 
ATOM 846  C CB   . ILE C 1 12 ? -3.213  -16.346 5.813   1.00 100.00 ? 308 ILE A CB   1 
ATOM 847  C CG1  . ILE C 1 12 ? -4.504  -15.507 5.729   1.00 100.00 ? 308 ILE A CG1  1 
ATOM 848  C CG2  . ILE C 1 12 ? -3.388  -17.541 6.769   1.00 100.00 ? 308 ILE A CG2  1 
ATOM 849  C CD1  . ILE C 1 12 ? -5.761  -16.286 5.350   1.00 100.00 ? 308 ILE A CD1  1 
ATOM 850  H H    . ILE C 1 12 ? -1.469  -14.468 4.476   1.00 100.00 ? 308 ILE A H    1 
ATOM 851  H HA   . ILE C 1 12 ? -2.263  -15.123 7.279   1.00 100.00 ? 308 ILE A HA   1 
ATOM 852  H HB   . ILE C 1 12 ? -2.995  -16.738 4.821   1.00 100.00 ? 308 ILE A HB   1 
ATOM 853  H HG12 . ILE C 1 12 ? -4.680  -15.012 6.682   1.00 100.00 ? 308 ILE A HG12 1 
ATOM 854  H HG13 . ILE C 1 12 ? -4.370  -14.739 4.970   1.00 100.00 ? 308 ILE A HG13 1 
ATOM 855  H HG21 . ILE C 1 12 ? -4.194  -18.187 6.428   1.00 100.00 ? 308 ILE A HG21 1 
ATOM 856  H HG22 . ILE C 1 12 ? -3.615  -17.187 7.773   1.00 100.00 ? 308 ILE A HG22 1 
ATOM 857  H HG23 . ILE C 1 12 ? -2.487  -18.152 6.795   1.00 100.00 ? 308 ILE A HG23 1 
ATOM 858  H HD11 . ILE C 1 12 ? -6.569  -15.584 5.153   1.00 100.00 ? 308 ILE A HD11 1 
ATOM 859  H HD12 . ILE C 1 12 ? -6.067  -16.939 6.164   1.00 100.00 ? 308 ILE A HD12 1 
ATOM 860  H HD13 . ILE C 1 12 ? -5.576  -16.873 4.455   1.00 100.00 ? 308 ILE A HD13 1 
ATOM 861  N N    . VAL C 1 13 ? -0.277  -16.595 7.548   1.00 100.00 ? 309 VAL A N    1 
ATOM 862  C CA   . VAL C 1 13 ? 0.795   -17.579 7.738   1.00 100.00 ? 309 VAL A CA   1 
ATOM 863  C C    . VAL C 1 13 ? 0.294   -18.676 8.664   1.00 100.00 ? 309 VAL A C    1 
ATOM 864  O O    . VAL C 1 13 ? -0.130  -18.401 9.779   1.00 100.00 ? 309 VAL A O    1 
ATOM 865  C CB   . VAL C 1 13 ? 2.100   -16.931 8.217   1.00 100.00 ? 309 VAL A CB   1 
ATOM 866  C CG1  . VAL C 1 13 ? 3.226   -17.960 8.271   1.00 100.00 ? 309 VAL A CG1  1 
ATOM 867  C CG2  . VAL C 1 13 ? 2.544   -15.794 7.294   1.00 100.00 ? 309 VAL A CG2  1 
ATOM 868  H H    . VAL C 1 13 ? -0.756  -16.245 8.364   1.00 100.00 ? 309 VAL A H    1 
ATOM 869  H HA   . VAL C 1 13 ? 1.017   -18.048 6.780   1.00 100.00 ? 309 VAL A HA   1 
ATOM 870  H HB   . VAL C 1 13 ? 1.955   -16.524 9.217   1.00 100.00 ? 309 VAL A HB   1 
ATOM 871  H HG11 . VAL C 1 13 ? 4.144   -17.486 8.618   1.00 100.00 ? 309 VAL A HG11 1 
ATOM 872  H HG12 . VAL C 1 13 ? 3.393   -18.382 7.282   1.00 100.00 ? 309 VAL A HG12 1 
ATOM 873  H HG13 . VAL C 1 13 ? 2.970   -18.763 8.962   1.00 100.00 ? 309 VAL A HG13 1 
ATOM 874  H HG21 . VAL C 1 13 ? 1.824   -14.980 7.328   1.00 100.00 ? 309 VAL A HG21 1 
ATOM 875  H HG22 . VAL C 1 13 ? 2.630   -16.153 6.270   1.00 100.00 ? 309 VAL A HG22 1 
ATOM 876  H HG23 . VAL C 1 13 ? 3.508   -15.408 7.621   1.00 100.00 ? 309 VAL A HG23 1 
ATOM 877  N N    . TYR C 1 14 ? 0.308   -19.926 8.222   1.00 100.00 ? 310 TYR A N    1 
ATOM 878  C CA   . TYR C 1 14 ? -0.354  -21.018 8.930   1.00 100.00 ? 310 TYR A CA   1 
ATOM 879  C C    . TYR C 1 14 ? 0.659   -21.976 9.556   1.00 100.00 ? 310 TYR A C    1 
ATOM 880  O O    . TYR C 1 14 ? 1.503   -22.513 8.847   1.00 100.00 ? 310 TYR A O    1 
ATOM 881  C CB   . TYR C 1 14 ? -1.288  -21.723 7.952   1.00 100.00 ? 310 TYR A CB   1 
ATOM 882  C CG   . TYR C 1 14 ? -2.140  -22.791 8.582   1.00 100.00 ? 310 TYR A CG   1 
ATOM 883  C CD1  . TYR C 1 14 ? -1.684  -24.118 8.644   1.00 100.00 ? 310 TYR A CD1  1 
ATOM 884  C CD2  . TYR C 1 14 ? -3.408  -22.456 9.087   1.00 100.00 ? 310 TYR A CD2  1 
ATOM 885  C CE1  . TYR C 1 14 ? -2.505  -25.112 9.210   1.00 100.00 ? 310 TYR A CE1  1 
ATOM 886  C CE2  . TYR C 1 14 ? -4.229  -23.448 9.650   1.00 100.00 ? 310 TYR A CE2  1 
ATOM 887  C CZ   . TYR C 1 14 ? -3.777  -24.781 9.707   1.00 100.00 ? 310 TYR A CZ   1 
ATOM 888  O OH   . TYR C 1 14 ? -4.564  -25.745 10.244  1.00 100.00 ? 310 TYR A OH   1 
ATOM 889  H H    . TYR C 1 14 ? 0.692   -20.110 7.306   1.00 100.00 ? 310 TYR A H    1 
ATOM 890  H HA   . TYR C 1 14 ? -0.975  -20.617 9.730   1.00 100.00 ? 310 TYR A HA   1 
ATOM 891  H HB2  . TYR C 1 14 ? -1.945  -20.982 7.499   1.00 100.00 ? 310 TYR A HB2  1 
ATOM 892  H HB3  . TYR C 1 14 ? -0.703  -22.170 7.150   1.00 100.00 ? 310 TYR A HB3  1 
ATOM 893  H HD1  . TYR C 1 14 ? -0.715  -24.377 8.243   1.00 100.00 ? 310 TYR A HD1  1 
ATOM 894  H HD2  . TYR C 1 14 ? -3.757  -21.436 9.037   1.00 100.00 ? 310 TYR A HD2  1 
ATOM 895  H HE1  . TYR C 1 14 ? -2.170  -26.138 9.250   1.00 100.00 ? 310 TYR A HE1  1 
ATOM 896  H HE2  . TYR C 1 14 ? -5.203  -23.189 10.038  1.00 100.00 ? 310 TYR A HE2  1 
ATOM 897  H HH   . TYR C 1 14 ? -5.455  -25.424 10.393  1.00 100.00 ? 310 TYR A HH   1 
ATOM 898  N N    . LYS C 1 15 ? 0.586   -22.196 10.872  1.00 100.00 ? 311 LYS A N    1 
ATOM 899  C CA   . LYS C 1 15 ? 1.470   -23.060 11.673  1.00 100.00 ? 311 LYS A CA   1 
ATOM 900  C C    . LYS C 1 15 ? 2.970   -22.911 11.368  1.00 100.00 ? 311 LYS A C    1 
ATOM 901  O O    . LYS C 1 15 ? 3.637   -23.924 11.171  1.00 100.00 ? 311 LYS A O    1 
ATOM 902  C CB   . LYS C 1 15 ? 0.997   -24.521 11.618  1.00 100.00 ? 311 LYS A CB   1 
ATOM 903  C CG   . LYS C 1 15 ? -0.396  -24.729 12.213  1.00 100.00 ? 311 LYS A CG   1 
ATOM 904  C CD   . LYS C 1 15 ? -0.678  -26.224 12.363  1.00 100.00 ? 311 LYS A CD   1 
ATOM 905  C CE   . LYS C 1 15 ? -2.078  -26.455 12.929  1.00 100.00 ? 311 LYS A CE   1 
ATOM 906  N NZ   . LYS C 1 15 ? -2.318  -27.892 13.200  1.00 100.00 ? 311 LYS A NZ   1 
ATOM 907  H H    . LYS C 1 15 ? -0.103  -21.680 11.396  1.00 100.00 ? 311 LYS A H    1 
ATOM 908  H HA   . LYS C 1 15 ? 1.376   -22.740 12.710  1.00 100.00 ? 311 LYS A HA   1 
ATOM 909  H HB2  . LYS C 1 15 ? 0.997   -24.863 10.583  1.00 100.00 ? 311 LYS A HB2  1 
ATOM 910  H HB3  . LYS C 1 15 ? 1.694   -25.136 12.186  1.00 100.00 ? 311 LYS A HB3  1 
ATOM 911  H HG2  . LYS C 1 15 ? -0.429  -24.261 13.196  1.00 100.00 ? 311 LYS A HG2  1 
ATOM 912  H HG3  . LYS C 1 15 ? -1.147  -24.269 11.572  1.00 100.00 ? 311 LYS A HG3  1 
ATOM 913  H HD2  . LYS C 1 15 ? -0.596  -26.708 11.390  1.00 100.00 ? 311 LYS A HD2  1 
ATOM 914  H HD3  . LYS C 1 15 ? 0.059   -26.657 13.038  1.00 100.00 ? 311 LYS A HD3  1 
ATOM 915  H HE2  . LYS C 1 15 ? -2.172  -25.884 13.852  1.00 100.00 ? 311 LYS A HE2  1 
ATOM 916  H HE3  . LYS C 1 15 ? -2.812  -26.078 12.220  1.00 100.00 ? 311 LYS A HE3  1 
ATOM 917  H HZ1  . LYS C 1 15 ? -3.232  -28.048 13.594  1.00 100.00 ? 311 LYS A HZ1  1 
ATOM 918  H HZ2  . LYS C 1 15 ? -2.261  -28.440 12.356  1.00 100.00 ? 311 LYS A HZ2  1 
ATOM 919  H HZ3  . LYS C 1 15 ? -1.640  -28.261 13.849  1.00 100.00 ? 311 LYS A HZ3  1 
ATOM 920  N N    . PRO C 1 16 ? 3.545   -21.698 11.325  1.00 100.00 ? 312 PRO A N    1 
ATOM 921  C CA   . PRO C 1 16 ? 4.971   -21.538 11.095  1.00 100.00 ? 312 PRO A CA   1 
ATOM 922  C C    . PRO C 1 16 ? 5.780   -22.073 12.275  1.00 100.00 ? 312 PRO A C    1 
ATOM 923  O O    . PRO C 1 16 ? 5.389   -21.901 13.427  1.00 100.00 ? 312 PRO A O    1 
ATOM 924  C CB   . PRO C 1 16 ? 5.186   -20.042 10.905  1.00 100.00 ? 312 PRO A CB   1 
ATOM 925  C CG   . PRO C 1 16 ? 4.100   -19.430 11.767  1.00 100.00 ? 312 PRO A CG   1 
ATOM 926  C CD   . PRO C 1 16 ? 2.939   -20.410 11.622  1.00 100.00 ? 312 PRO A CD   1 
ATOM 927  H HA   . PRO C 1 16 ? 5.268   -22.068 10.190  1.00 100.00 ? 312 PRO A HA   1 
ATOM 928  H HB2  . PRO C 1 16 ? 6.180   -19.721 11.211  1.00 100.00 ? 312 PRO A HB2  1 
ATOM 929  H HB3  . PRO C 1 16 ? 4.999   -19.765 9.868   1.00 100.00 ? 312 PRO A HB3  1 
ATOM 930  H HG2  . PRO C 1 16 ? 4.449   -19.408 12.799  1.00 100.00 ? 312 PRO A HG2  1 
ATOM 931  H HG3  . PRO C 1 16 ? 3.829   -18.429 11.433  1.00 100.00 ? 312 PRO A HG3  1 
ATOM 932  H HD2  . PRO C 1 16 ? 2.348   -20.446 12.536  1.00 100.00 ? 312 PRO A HD2  1 
ATOM 933  H HD3  . PRO C 1 16 ? 2.310   -20.101 10.787  1.00 100.00 ? 312 PRO A HD3  1 
ATOM 934  N N    . VAL C 1 17 ? 6.924   -22.687 12.005  1.00 100.00 ? 313 VAL A N    1 
ATOM 935  C CA   . VAL C 1 17 ? 7.876   -23.131 13.033  1.00 100.00 ? 313 VAL A CA   1 
ATOM 936  C C    . VAL C 1 17 ? 9.243   -22.521 12.756  1.00 100.00 ? 313 VAL A C    1 
ATOM 937  O O    . VAL C 1 17 ? 9.781   -22.689 11.669  1.00 100.00 ? 313 VAL A O    1 
ATOM 938  C CB   . VAL C 1 17 ? 7.947   -24.663 13.089  1.00 100.00 ? 313 VAL A CB   1 
ATOM 939  C CG1  . VAL C 1 17 ? 8.996   -25.148 14.090  1.00 100.00 ? 313 VAL A CG1  1 
ATOM 940  C CG2  . VAL C 1 17 ? 6.606   -25.281 13.490  1.00 100.00 ? 313 VAL A CG2  1 
ATOM 941  H H    . VAL C 1 17 ? 7.177   -22.829 11.039  1.00 100.00 ? 313 VAL A H    1 
ATOM 942  H HA   . VAL C 1 17 ? 7.552   -22.786 14.015  1.00 100.00 ? 313 VAL A HA   1 
ATOM 943  H HB   . VAL C 1 17 ? 8.219   -25.043 12.105  1.00 100.00 ? 313 VAL A HB   1 
ATOM 944  H HG11 . VAL C 1 17 ? 8.991   -26.236 14.139  1.00 100.00 ? 313 VAL A HG11 1 
ATOM 945  H HG12 . VAL C 1 17 ? 9.990   -24.830 13.777  1.00 100.00 ? 313 VAL A HG12 1 
ATOM 946  H HG13 . VAL C 1 17 ? 8.784   -24.745 15.078  1.00 100.00 ? 313 VAL A HG13 1 
ATOM 947  H HG21 . VAL C 1 17 ? 5.846   -25.040 12.749  1.00 100.00 ? 313 VAL A HG21 1 
ATOM 948  H HG22 . VAL C 1 17 ? 6.699   -26.365 13.544  1.00 100.00 ? 313 VAL A HG22 1 
ATOM 949  H HG23 . VAL C 1 17 ? 6.293   -24.898 14.460  1.00 100.00 ? 313 VAL A HG23 1 
ATOM 950  N N    . ASP C 1 18 ? 9.837   -21.837 13.723  1.00 100.00 ? 314 ASP A N    1 
ATOM 951  C CA   . ASP C 1 18 ? 11.165  -21.244 13.567  1.00 100.00 ? 314 ASP A CA   1 
ATOM 952  C C    . ASP C 1 18 ? 12.193  -21.939 14.462  1.00 100.00 ? 314 ASP A C    1 
ATOM 953  O O    . ASP C 1 18 ? 12.069  -21.899 15.685  1.00 100.00 ? 314 ASP A O    1 
ATOM 954  C CB   . ASP C 1 18 ? 11.062  -19.742 13.841  1.00 100.00 ? 314 ASP A CB   1 
ATOM 955  C CG   . ASP C 1 18 ? 12.308  -18.982 13.388  1.00 100.00 ? 314 ASP A CG   1 
ATOM 956  O OD1  . ASP C 1 18 ? 13.382  -19.604 13.241  1.00 100.00 ? 314 ASP A OD1  1 
ATOM 957  O OD2  . ASP C 1 18 ? 12.179  -17.773 13.104  1.00 100.00 ? 314 ASP A OD2  1 
ATOM 958  H H    . ASP C 1 18 ? 9.351   -21.702 14.597  1.00 100.00 ? 314 ASP A H    1 
ATOM 959  H HA   . ASP C 1 18 ? 11.499  -21.355 12.536  1.00 100.00 ? 314 ASP A HA   1 
ATOM 960  H HB2  . ASP C 1 18 ? 10.204  -19.348 13.299  1.00 100.00 ? 314 ASP A HB2  1 
ATOM 961  H HB3  . ASP C 1 18 ? 10.893  -19.572 14.903  1.00 100.00 ? 314 ASP A HB3  1 
ATOM 962  N N    . LEU C 1 19 ? 13.208  -22.565 13.856  1.00 100.00 ? 315 LEU A N    1 
ATOM 963  C CA   . LEU C 1 19 ? 14.306  -23.260 14.532  1.00 100.00 ? 315 LEU A CA   1 
ATOM 964  C C    . LEU C 1 19 ? 15.663  -22.595 14.232  1.00 100.00 ? 315 LEU A C    1 
ATOM 965  O O    . LEU C 1 19 ? 16.705  -23.235 14.363  1.00 100.00 ? 315 LEU A O    1 
ATOM 966  C CB   . LEU C 1 19 ? 14.314  -24.766 14.194  1.00 100.00 ? 315 LEU A CB   1 
ATOM 967  C CG   . LEU C 1 19 ? 12.980  -25.527 14.263  1.00 100.00 ? 315 LEU A CG   1 
ATOM 968  C CD1  . LEU C 1 19 ? 13.213  -27.028 14.097  1.00 100.00 ? 315 LEU A CD1  1 
ATOM 969  C CD2  . LEU C 1 19 ? 12.295  -25.394 15.610  1.00 100.00 ? 315 LEU A CD2  1 
ATOM 970  H H    . LEU C 1 19 ? 13.270  -22.507 12.850  1.00 100.00 ? 315 LEU A H    1 
ATOM 971  H HA   . LEU C 1 19 ? 14.157  -23.168 15.607  1.00 100.00 ? 315 LEU A HA   1 
ATOM 972  H HB2  . LEU C 1 19 ? 14.708  -24.878 13.183  1.00 100.00 ? 315 LEU A HB2  1 
ATOM 973  H HB3  . LEU C 1 19 ? 15.018  -25.252 14.869  1.00 100.00 ? 315 LEU A HB3  1 
ATOM 974  H HG   . LEU C 1 19 ? 12.314  -25.181 13.474  1.00 100.00 ? 315 LEU A HG   1 
ATOM 975  H HD11 . LEU C 1 19 ? 12.257  -27.550 14.063  1.00 100.00 ? 315 LEU A HD11 1 
ATOM 976  H HD12 . LEU C 1 19 ? 13.805  -27.411 14.925  1.00 100.00 ? 315 LEU A HD12 1 
ATOM 977  H HD13 . LEU C 1 19 ? 13.744  -27.224 13.167  1.00 100.00 ? 315 LEU A HD13 1 
ATOM 978  H HD21 . LEU C 1 19 ? 11.421  -26.043 15.648  1.00 100.00 ? 315 LEU A HD21 1 
ATOM 979  H HD22 . LEU C 1 19 ? 11.957  -24.370 15.758  1.00 100.00 ? 315 LEU A HD22 1 
ATOM 980  H HD23 . LEU C 1 19 ? 12.992  -25.673 16.398  1.00 100.00 ? 315 LEU A HD23 1 
ATOM 981  N N    . SER C 1 20 ? 15.673  -21.327 13.811  1.00 100.00 ? 316 SER A N    1 
ATOM 982  C CA   . SER C 1 20 ? 16.880  -20.589 13.415  1.00 100.00 ? 316 SER A CA   1 
ATOM 983  C C    . SER C 1 20 ? 17.973  -20.537 14.489  1.00 100.00 ? 316 SER A C    1 
ATOM 984  O O    . SER C 1 20 ? 17.681  -20.411 15.678  1.00 100.00 ? 316 SER A O    1 
ATOM 985  C CB   . SER C 1 20 ? 16.524  -19.144 13.060  1.00 100.00 ? 316 SER A CB   1 
ATOM 986  O OG   . SER C 1 20 ? 15.558  -19.097 12.039  1.00 100.00 ? 316 SER A OG   1 
ATOM 987  H H    . SER C 1 20 ? 14.785  -20.865 13.681  1.00 100.00 ? 316 SER A H    1 
ATOM 988  H HA   . SER C 1 20 ? 17.293  -21.067 12.528  1.00 100.00 ? 316 SER A HA   1 
ATOM 989  H HB2  . SER C 1 20 ? 16.128  -18.637 13.939  1.00 100.00 ? 316 SER A HB2  1 
ATOM 990  H HB3  . SER C 1 20 ? 17.421  -18.625 12.727  1.00 100.00 ? 316 SER A HB3  1 
ATOM 991  H HG   . SER C 1 20 ? 14.718  -19.315 12.449  1.00 100.00 ? 316 SER A HG   1 
ATOM 992  N N    . LYS C 1 21 ? 19.245  -20.563 14.075  1.00 100.00 ? 317 LYS A N    1 
ATOM 993  C CA   . LYS C 1 21 ? 20.417  -20.521 14.966  1.00 100.00 ? 317 LYS A CA   1 
ATOM 994  C C    . LYS C 1 21 ? 21.361  -19.376 14.614  1.00 100.00 ? 317 LYS A C    1 
ATOM 995  O O    . LYS C 1 21 ? 21.770  -19.246 13.465  1.00 100.00 ? 317 LYS A O    1 
ATOM 996  C CB   . LYS C 1 21 ? 21.162  -21.864 14.906  1.00 100.00 ? 317 LYS A CB   1 
ATOM 997  C CG   . LYS C 1 21 ? 20.283  -23.041 15.347  1.00 100.00 ? 317 LYS A CG   1 
ATOM 998  C CD   . LYS C 1 21 ? 21.050  -24.366 15.355  1.00 100.00 ? 317 LYS A CD   1 
ATOM 999  C CE   . LYS C 1 21 ? 20.096  -25.485 15.786  1.00 100.00 ? 317 LYS A CE   1 
ATOM 1000 N NZ   . LYS C 1 21 ? 20.782  -26.796 15.844  1.00 100.00 ? 317 LYS A NZ   1 
ATOM 1001 H H    . LYS C 1 21 ? 19.412  -20.672 13.086  1.00 100.00 ? 317 LYS A H    1 
ATOM 1002 H HA   . LYS C 1 21 ? 20.089  -20.367 15.993  1.00 100.00 ? 317 LYS A HA   1 
ATOM 1003 H HB2  . LYS C 1 21 ? 21.509  -22.041 13.889  1.00 100.00 ? 317 LYS A HB2  1 
ATOM 1004 H HB3  . LYS C 1 21 ? 22.031  -21.812 15.562  1.00 100.00 ? 317 LYS A HB3  1 
ATOM 1005 H HG2  . LYS C 1 21 ? 19.901  -22.844 16.348  1.00 100.00 ? 317 LYS A HG2  1 
ATOM 1006 H HG3  . LYS C 1 21 ? 19.442  -23.141 14.662  1.00 100.00 ? 317 LYS A HG3  1 
ATOM 1007 H HD2  . LYS C 1 21 ? 21.431  -24.568 14.355  1.00 100.00 ? 317 LYS A HD2  1 
ATOM 1008 H HD3  . LYS C 1 21 ? 21.882  -24.296 16.055  1.00 100.00 ? 317 LYS A HD3  1 
ATOM 1009 H HE2  . LYS C 1 21 ? 19.691  -25.236 16.764  1.00 100.00 ? 317 LYS A HE2  1 
ATOM 1010 H HE3  . LYS C 1 21 ? 19.265  -25.526 15.084  1.00 100.00 ? 317 LYS A HE3  1 
ATOM 1011 H HZ1  . LYS C 1 21 ? 20.156  -27.516 16.163  1.00 100.00 ? 317 LYS A HZ1  1 
ATOM 1012 H HZ2  . LYS C 1 21 ? 21.569  -26.771 16.471  1.00 100.00 ? 317 LYS A HZ2  1 
ATOM 1013 H HZ3  . LYS C 1 21 ? 21.117  -27.071 14.935  1.00 100.00 ? 317 LYS A HZ3  1 
ATOM 1014 N N    . VAL C 1 22 ? 21.765  -18.593 15.606  1.00 68.04  ? 318 VAL A N    1 
ATOM 1015 C CA   . VAL C 1 22 ? 22.697  -17.457 15.464  1.00 68.04  ? 318 VAL A CA   1 
ATOM 1016 C C    . VAL C 1 22 ? 23.895  -17.602 16.404  1.00 68.04  ? 318 VAL A C    1 
ATOM 1017 O O    . VAL C 1 22 ? 23.733  -17.752 17.621  1.00 68.04  ? 318 VAL A O    1 
ATOM 1018 C CB   . VAL C 1 22 ? 21.977  -16.109 15.666  1.00 68.04  ? 318 VAL A CB   1 
ATOM 1019 C CG1  . VAL C 1 22 ? 22.936  -14.929 15.486  1.00 68.04  ? 318 VAL A CG1  1 
ATOM 1020 C CG2  . VAL C 1 22 ? 20.830  -15.930 14.667  1.00 68.04  ? 318 VAL A CG2  1 
ATOM 1021 H H    . VAL C 1 22 ? 21.348  -18.741 16.512  1.00 68.04  ? 318 VAL A H    1 
ATOM 1022 H HA   . VAL C 1 22 ? 23.106  -17.453 14.455  1.00 68.04  ? 318 VAL A HA   1 
ATOM 1023 H HB   . VAL C 1 22 ? 21.565  -16.066 16.674  1.00 68.04  ? 318 VAL A HB   1 
ATOM 1024 H HG11 . VAL C 1 22 ? 22.388  -13.996 15.594  1.00 68.04  ? 318 VAL A HG11 1 
ATOM 1025 H HG12 . VAL C 1 22 ? 23.391  -14.961 14.499  1.00 68.04  ? 318 VAL A HG12 1 
ATOM 1026 H HG13 . VAL C 1 22 ? 23.715  -14.949 16.245  1.00 68.04  ? 318 VAL A HG13 1 
ATOM 1027 H HG21 . VAL C 1 22 ? 20.068  -16.690 14.826  1.00 68.04  ? 318 VAL A HG21 1 
ATOM 1028 H HG22 . VAL C 1 22 ? 21.203  -16.002 13.646  1.00 68.04  ? 318 VAL A HG22 1 
ATOM 1029 H HG23 . VAL C 1 22 ? 20.366  -14.956 14.811  1.00 68.04  ? 318 VAL A HG23 1 
ATOM 1030 N N    . ILE D 1 1  ? 9.846   -13.670 5.268   1.00 100.00 ? 297 ILE B N    1 
ATOM 1031 C CA   . ILE D 1 1  ? 8.471   -13.486 4.715   1.00 100.00 ? 297 ILE B CA   1 
ATOM 1032 C C    . ILE D 1 1  ? 8.034   -12.023 4.846   1.00 100.00 ? 297 ILE B C    1 
ATOM 1033 O O    . ILE D 1 1  ? 7.875   -11.548 5.970   1.00 100.00 ? 297 ILE B O    1 
ATOM 1034 C CB   . ILE D 1 1  ? 7.418   -14.424 5.369   1.00 100.00 ? 297 ILE B CB   1 
ATOM 1035 C CG1  . ILE D 1 1  ? 7.757   -15.917 5.178   1.00 100.00 ? 297 ILE B CG1  1 
ATOM 1036 C CG2  . ILE D 1 1  ? 6.009   -14.158 4.811   1.00 100.00 ? 297 ILE B CG2  1 
ATOM 1037 C CD1  . ILE D 1 1  ? 6.907   -16.877 6.022   1.00 100.00 ? 297 ILE B CD1  1 
ATOM 1038 H H1   . ILE D 1 1  ? 10.155  -14.628 5.184   1.00 100.00 ? 297 ILE B H1   1 
ATOM 1039 H H2   . ILE D 1 1  ? 10.512  -13.082 4.789   1.00 100.00 ? 297 ILE B H2   1 
ATOM 1040 H H3   . ILE D 1 1  ? 9.875   -13.422 6.246   1.00 100.00 ? 297 ILE B H3   1 
ATOM 1041 H HA   . ILE D 1 1  ? 8.490   -13.720 3.651   1.00 100.00 ? 297 ILE B HA   1 
ATOM 1042 H HB   . ILE D 1 1  ? 7.392   -14.224 6.440   1.00 100.00 ? 297 ILE B HB   1 
ATOM 1043 H HG12 . ILE D 1 1  ? 7.640   -16.187 4.129   1.00 100.00 ? 297 ILE B HG12 1 
ATOM 1044 H HG13 . ILE D 1 1  ? 8.795   -16.097 5.457   1.00 100.00 ? 297 ILE B HG13 1 
ATOM 1045 H HG21 . ILE D 1 1  ? 5.275   -14.784 5.315   1.00 100.00 ? 297 ILE B HG21 1 
ATOM 1046 H HG22 . ILE D 1 1  ? 5.699   -13.126 4.976   1.00 100.00 ? 297 ILE B HG22 1 
ATOM 1047 H HG23 . ILE D 1 1  ? 5.973   -14.378 3.746   1.00 100.00 ? 297 ILE B HG23 1 
ATOM 1048 H HD11 . ILE D 1 1  ? 7.295   -17.887 5.918   1.00 100.00 ? 297 ILE B HD11 1 
ATOM 1049 H HD12 . ILE D 1 1  ? 5.870   -16.873 5.693   1.00 100.00 ? 297 ILE B HD12 1 
ATOM 1050 H HD13 . ILE D 1 1  ? 6.955   -16.594 7.072   1.00 100.00 ? 297 ILE B HD13 1 
ATOM 1051 N N    . LYS D 1 2  ? 7.805   -11.310 3.735   1.00 100.00 ? 298 LYS B N    1 
ATOM 1052 C CA   . LYS D 1 2  ? 7.254   -9.937  3.701   1.00 100.00 ? 298 LYS B CA   1 
ATOM 1053 C C    . LYS D 1 2  ? 6.060   -9.836  2.757   1.00 100.00 ? 298 LYS B C    1 
ATOM 1054 O O    . LYS D 1 2  ? 6.038   -10.519 1.744   1.00 100.00 ? 298 LYS B O    1 
ATOM 1055 C CB   . LYS D 1 2  ? 8.307   -8.904  3.271   1.00 100.00 ? 298 LYS B CB   1 
ATOM 1056 C CG   . LYS D 1 2  ? 9.585   -8.964  4.110   1.00 100.00 ? 298 LYS B CG   1 
ATOM 1057 C CD   . LYS D 1 2  ? 10.455  -7.708  3.985   1.00 100.00 ? 298 LYS B CD   1 
ATOM 1058 C CE   . LYS D 1 2  ? 10.950  -7.418  2.568   1.00 100.00 ? 298 LYS B CE   1 
ATOM 1059 N NZ   . LYS D 1 2  ? 11.822  -6.214  2.549   1.00 100.00 ? 298 LYS B NZ   1 
ATOM 1060 H H    . LYS D 1 2  ? 7.979   -11.749 2.843   1.00 100.00 ? 298 LYS B H    1 
ATOM 1061 H HA   . LYS D 1 2  ? 6.900   -9.666  4.695   1.00 100.00 ? 298 LYS B HA   1 
ATOM 1062 H HB2  . LYS D 1 2  ? 8.569   -9.065  2.226   1.00 100.00 ? 298 LYS B HB2  1 
ATOM 1063 H HB3  . LYS D 1 2  ? 7.869   -7.911  3.364   1.00 100.00 ? 298 LYS B HB3  1 
ATOM 1064 H HG2  . LYS D 1 2  ? 9.309   -9.071  5.159   1.00 100.00 ? 298 LYS B HG2  1 
ATOM 1065 H HG3  . LYS D 1 2  ? 10.169  -9.835  3.817   1.00 100.00 ? 298 LYS B HG3  1 
ATOM 1066 H HD2  . LYS D 1 2  ? 9.883   -6.852  4.341   1.00 100.00 ? 298 LYS B HD2  1 
ATOM 1067 H HD3  . LYS D 1 2  ? 11.319  -7.835  4.634   1.00 100.00 ? 298 LYS B HD3  1 
ATOM 1068 H HE2  . LYS D 1 2  ? 11.502  -8.286  2.209   1.00 100.00 ? 298 LYS B HE2  1 
ATOM 1069 H HE3  . LYS D 1 2  ? 10.089  -7.267  1.918   1.00 100.00 ? 298 LYS B HE3  1 
ATOM 1070 H HZ1  . LYS D 1 2  ? 12.627  -6.338  3.143   1.00 100.00 ? 298 LYS B HZ1  1 
ATOM 1071 H HZ2  . LYS D 1 2  ? 11.329  -5.393  2.867   1.00 100.00 ? 298 LYS B HZ2  1 
ATOM 1072 H HZ3  . LYS D 1 2  ? 12.166  -6.014  1.623   1.00 100.00 ? 298 LYS B HZ3  1 
ATOM 1073 N N    . HIS D 1 3  ? 5.093   -8.977  3.051   1.00 100.00 ? 299 HIS B N    1 
ATOM 1074 C CA   . HIS D 1 3  ? 4.052   -8.549  2.112   1.00 100.00 ? 299 HIS B CA   1 
ATOM 1075 C C    . HIS D 1 3  ? 3.974   -7.028  2.122   1.00 100.00 ? 299 HIS B C    1 
ATOM 1076 O O    . HIS D 1 3  ? 3.889   -6.441  3.195   1.00 100.00 ? 299 HIS B O    1 
ATOM 1077 C CB   . HIS D 1 3  ? 2.719   -9.201  2.492   1.00 100.00 ? 299 HIS B CB   1 
ATOM 1078 C CG   . HIS D 1 3  ? 1.616   -8.951  1.512   1.00 100.00 ? 299 HIS B CG   1 
ATOM 1079 N ND1  . HIS D 1 3  ? 1.804   -8.701  0.161   1.00 100.00 ? 299 HIS B ND1  1 
ATOM 1080 C CD2  . HIS D 1 3  ? 0.283   -9.072  1.756   1.00 100.00 ? 299 HIS B CD2  1 
ATOM 1081 C CE1  . HIS D 1 3  ? 0.579   -8.634  -0.372  1.00 100.00 ? 299 HIS B CE1  1 
ATOM 1082 N NE2  . HIS D 1 3  ? -0.355  -8.857  0.560   1.00 100.00 ? 299 HIS B NE2  1 
ATOM 1083 H H    . HIS D 1 3  ? 5.127   -8.509  3.945   1.00 100.00 ? 299 HIS B H    1 
ATOM 1084 H HA   . HIS D 1 3  ? 4.305   -8.864  1.101   1.00 100.00 ? 299 HIS B HA   1 
ATOM 1085 H HB2  . HIS D 1 3  ? 2.850   -10.281 2.550   1.00 100.00 ? 299 HIS B HB2  1 
ATOM 1086 H HB3  . HIS D 1 3  ? 2.408   -8.851  3.477   1.00 100.00 ? 299 HIS B HB3  1 
ATOM 1087 H HD2  . HIS D 1 3  ? -0.174  -9.313  2.704   1.00 100.00 ? 299 HIS B HD2  1 
ATOM 1088 H HE1  . HIS D 1 3  ? 0.385   -8.441  -1.415  1.00 100.00 ? 299 HIS B HE1  1 
ATOM 1089 H HE2  . HIS D 1 3  ? -1.350  -8.859  0.394   1.00 100.00 ? 299 HIS B HE2  1 
ATOM 1090 N N    . VAL D 1 4  ? 4.082   -6.366  0.973   1.00 100.00 ? 300 VAL B N    1 
ATOM 1091 C CA   . VAL D 1 4  ? 4.287   -4.906  0.891   1.00 100.00 ? 300 VAL B CA   1 
ATOM 1092 C C    . VAL D 1 4  ? 3.446   -4.264  -0.227  1.00 100.00 ? 300 VAL B C    1 
ATOM 1093 O O    . VAL D 1 4  ? 3.989   -3.612  -1.117  1.00 100.00 ? 300 VAL B O    1 
ATOM 1094 C CB   . VAL D 1 4  ? 5.793   -4.567  0.780   1.00 100.00 ? 300 VAL B CB   1 
ATOM 1095 C CG1  . VAL D 1 4  ? 6.068   -3.096  1.093   1.00 100.00 ? 300 VAL B CG1  1 
ATOM 1096 C CG2  . VAL D 1 4  ? 6.699   -5.375  1.715   1.00 100.00 ? 300 VAL B CG2  1 
ATOM 1097 H H    . VAL D 1 4  ? 4.150   -6.906  0.123   1.00 100.00 ? 300 VAL B H    1 
ATOM 1098 H HA   . VAL D 1 4  ? 3.930   -4.459  1.819   1.00 100.00 ? 300 VAL B HA   1 
ATOM 1099 H HB   . VAL D 1 4  ? 6.128   -4.777  -0.235  1.00 100.00 ? 300 VAL B HB   1 
ATOM 1100 H HG11 . VAL D 1 4  ? 5.437   -2.445  0.492   1.00 100.00 ? 300 VAL B HG11 1 
ATOM 1101 H HG12 . VAL D 1 4  ? 5.862   -2.890  2.140   1.00 100.00 ? 300 VAL B HG12 1 
ATOM 1102 H HG13 . VAL D 1 4  ? 7.108   -2.862  0.881   1.00 100.00 ? 300 VAL B HG13 1 
ATOM 1103 H HG21 . VAL D 1 4  ? 6.670   -6.429  1.441   1.00 100.00 ? 300 VAL B HG21 1 
ATOM 1104 H HG22 . VAL D 1 4  ? 7.728   -5.033  1.619   1.00 100.00 ? 300 VAL B HG22 1 
ATOM 1105 H HG23 . VAL D 1 4  ? 6.376   -5.251  2.747   1.00 100.00 ? 300 VAL B HG23 1 
ATOM 1106 N N    . PRO D 1 5  ? 2.123   -4.460  -0.277  1.00 100.00 ? 301 PRO B N    1 
ATOM 1107 C CA   . PRO D 1 5  ? 1.323   -4.038  -1.417  1.00 100.00 ? 301 PRO B CA   1 
ATOM 1108 C C    . PRO D 1 5  ? 1.179   -2.519  -1.468  1.00 100.00 ? 301 PRO B C    1 
ATOM 1109 O O    . PRO D 1 5  ? 0.957   -1.865  -0.456  1.00 100.00 ? 301 PRO B O    1 
ATOM 1110 C CB   . PRO D 1 5  ? -0.010  -4.762  -1.264  1.00 100.00 ? 301 PRO B CB   1 
ATOM 1111 C CG   . PRO D 1 5  ? -0.137  -4.922  0.237   1.00 100.00 ? 301 PRO B CG   1 
ATOM 1112 C CD   . PRO D 1 5  ? 1.297   -5.155  0.687   1.00 100.00 ? 301 PRO B CD   1 
ATOM 1113 H HA   . PRO D 1 5  ? 1.793   -4.367  -2.342  1.00 100.00 ? 301 PRO B HA   1 
ATOM 1114 H HB2  . PRO D 1 5  ? -0.840  -4.196  -1.683  1.00 100.00 ? 301 PRO B HB2  1 
ATOM 1115 H HB3  . PRO D 1 5  ? 0.047   -5.755  -1.708  1.00 100.00 ? 301 PRO B HB3  1 
ATOM 1116 H HG2  . PRO D 1 5  ? -0.526  -3.994  0.656   1.00 100.00 ? 301 PRO B HG2  1 
ATOM 1117 H HG3  . PRO D 1 5  ? -0.774  -5.770  0.487   1.00 100.00 ? 301 PRO B HG3  1 
ATOM 1118 H HD2  . PRO D 1 5  ? 1.453   -4.781  1.699   1.00 100.00 ? 301 PRO B HD2  1 
ATOM 1119 H HD3  . PRO D 1 5  ? 1.513   -6.223  0.651   1.00 100.00 ? 301 PRO B HD3  1 
ATOM 1120 N N    . GLY D 1 6  ? 1.338   -1.944  -2.654  1.00 100.00 ? 302 GLY B N    1 
ATOM 1121 C CA   . GLY D 1 6  ? 1.397   -0.501  -2.871  1.00 100.00 ? 302 GLY B CA   1 
ATOM 1122 C C    . GLY D 1 6  ? 2.674   0.158   -2.340  1.00 100.00 ? 302 GLY B C    1 
ATOM 1123 O O    . GLY D 1 6  ? 2.738   1.383   -2.272  1.00 100.00 ? 302 GLY B O    1 
ATOM 1124 H H    . GLY D 1 6  ? 1.491   -2.541  -3.452  1.00 100.00 ? 302 GLY B H    1 
ATOM 1125 H HA2  . GLY D 1 6  ? 1.340   -0.303  -3.940  1.00 100.00 ? 302 GLY B HA2  1 
ATOM 1126 H HA3  . GLY D 1 6  ? 0.542   -0.031  -2.386  1.00 100.00 ? 302 GLY B HA3  1 
ATOM 1127 N N    . GLY D 1 7  ? 3.696   -0.614  -1.968  1.00 100.00 ? 303 GLY B N    1 
ATOM 1128 C CA   . GLY D 1 7  ? 4.865   -0.090  -1.264  1.00 100.00 ? 303 GLY B CA   1 
ATOM 1129 C C    . GLY D 1 7  ? 5.704   0.875   -2.093  1.00 100.00 ? 303 GLY B C    1 
ATOM 1130 O O    . GLY D 1 7  ? 5.940   0.653   -3.276  1.00 100.00 ? 303 GLY B O    1 
ATOM 1131 H H    . GLY D 1 7  ? 3.602   -1.616  -2.040  1.00 100.00 ? 303 GLY B H    1 
ATOM 1132 H HA2  . GLY D 1 7  ? 4.536   0.406   -0.352  1.00 100.00 ? 303 GLY B HA2  1 
ATOM 1133 H HA3  . GLY D 1 7  ? 5.517   -0.915  -0.987  1.00 100.00 ? 303 GLY B HA3  1 
ATOM 1134 N N    . GLY D 1 8  ? 6.175   1.954   -1.478  1.00 100.00 ? 304 GLY B N    1 
ATOM 1135 C CA   . GLY D 1 8  ? 7.043   2.945   -2.120  1.00 100.00 ? 304 GLY B CA   1 
ATOM 1136 C C    . GLY D 1 8  ? 6.352   3.793   -3.192  1.00 100.00 ? 304 GLY B C    1 
ATOM 1137 O O    . GLY D 1 8  ? 7.021   4.501   -3.940  1.00 100.00 ? 304 GLY B O    1 
ATOM 1138 H H    . GLY D 1 8  ? 5.973   2.064   -0.495  1.00 100.00 ? 304 GLY B H    1 
ATOM 1139 H HA2  . GLY D 1 8  ? 7.429   3.619   -1.357  1.00 100.00 ? 304 GLY B HA2  1 
ATOM 1140 H HA3  . GLY D 1 8  ? 7.888   2.435   -2.583  1.00 100.00 ? 304 GLY B HA3  1 
ATOM 1141 N N    . SER D 1 9  ? 5.028   3.709   -3.318  1.00 100.00 ? 305 SER B N    1 
ATOM 1142 C CA   . SER D 1 9  ? 4.294   4.342   -4.410  1.00 100.00 ? 305 SER B CA   1 
ATOM 1143 C C    . SER D 1 9  ? 4.117   5.854   -4.269  1.00 100.00 ? 305 SER B C    1 
ATOM 1144 O O    . SER D 1 9  ? 3.837   6.349   -3.179  1.00 100.00 ? 305 SER B O    1 
ATOM 1145 C CB   . SER D 1 9  ? 2.936   3.670   -4.533  1.00 100.00 ? 305 SER B CB   1 
ATOM 1146 O OG   . SER D 1 9  ? 2.283   4.223   -5.640  1.00 100.00 ? 305 SER B OG   1 
ATOM 1147 H H    . SER D 1 9  ? 4.530   3.093   -2.694  1.00 100.00 ? 305 SER B H    1 
ATOM 1148 H HA   . SER D 1 9  ? 4.845   4.155   -5.331  1.00 100.00 ? 305 SER B HA   1 
ATOM 1149 H HB2  . SER D 1 9  ? 3.063   2.599   -4.681  1.00 100.00 ? 305 SER B HB2  1 
ATOM 1150 H HB3  . SER D 1 9  ? 2.345   3.843   -3.634  1.00 100.00 ? 305 SER B HB3  1 
ATOM 1151 H HG   . SER D 1 9  ? 2.861   4.153   -6.402  1.00 100.00 ? 305 SER B HG   1 
ATOM 1152 N N    . VAL D 1 10 ? 4.146   6.575   -5.390  1.00 100.00 ? 306 VAL B N    1 
ATOM 1153 C CA   . VAL D 1 10 ? 4.110   8.038   -5.450  1.00 100.00 ? 306 VAL B CA   1 
ATOM 1154 C C    . VAL D 1 10 ? 2.962   8.519   -6.332  1.00 100.00 ? 306 VAL B C    1 
ATOM 1155 O O    . VAL D 1 10 ? 2.719   7.967   -7.401  1.00 100.00 ? 306 VAL B O    1 
ATOM 1156 C CB   . VAL D 1 10 ? 5.451   8.583   -5.968  1.00 100.00 ? 306 VAL B CB   1 
ATOM 1157 C CG1  . VAL D 1 10 ? 5.477   10.109  -6.017  1.00 100.00 ? 306 VAL B CG1  1 
ATOM 1158 C CG2  . VAL D 1 10 ? 6.640   8.122   -5.127  1.00 100.00 ? 306 VAL B CG2  1 
ATOM 1159 H H    . VAL D 1 10 ? 4.274   6.084   -6.263  1.00 100.00 ? 306 VAL B H    1 
ATOM 1160 H HA   . VAL D 1 10 ? 3.964   8.440   -4.447  1.00 100.00 ? 306 VAL B HA   1 
ATOM 1161 H HB   . VAL D 1 10 ? 5.602   8.219   -6.985  1.00 100.00 ? 306 VAL B HB   1 
ATOM 1162 H HG11 . VAL D 1 10 ? 6.459   10.456  -6.337  1.00 100.00 ? 306 VAL B HG11 1 
ATOM 1163 H HG12 . VAL D 1 10 ? 4.747   10.471  -6.739  1.00 100.00 ? 306 VAL B HG12 1 
ATOM 1164 H HG13 . VAL D 1 10 ? 5.261   10.520  -5.033  1.00 100.00 ? 306 VAL B HG13 1 
ATOM 1165 H HG21 . VAL D 1 10 ? 7.557   8.570   -5.500  1.00 100.00 ? 306 VAL B HG21 1 
ATOM 1166 H HG22 . VAL D 1 10 ? 6.500   8.411   -4.088  1.00 100.00 ? 306 VAL B HG22 1 
ATOM 1167 H HG23 . VAL D 1 10 ? 6.749   7.041   -5.184  1.00 100.00 ? 306 VAL B HG23 1 
ATOM 1168 N N    . GLN D 1 11 ? 2.313   9.607   -5.941  1.00 100.00 ? 307 GLN B N    1 
ATOM 1169 C CA   . GLN D 1 11 ? 1.468   10.425  -6.805  1.00 100.00 ? 307 GLN B CA   1 
ATOM 1170 C C    . GLN D 1 11 ? 1.935   11.868  -6.701  1.00 100.00 ? 307 GLN B C    1 
ATOM 1171 O O    . GLN D 1 11 ? 2.126   12.363  -5.597  1.00 100.00 ? 307 GLN B O    1 
ATOM 1172 C CB   . GLN D 1 11 ? -0.002  10.297  -6.386  1.00 100.00 ? 307 GLN B CB   1 
ATOM 1173 C CG   . GLN D 1 11 ? -0.892  11.375  -7.020  1.00 100.00 ? 307 GLN B CG   1 
ATOM 1174 C CD   . GLN D 1 11 ? -2.328  10.909  -7.131  1.00 100.00 ? 307 GLN B CD   1 
ATOM 1175 O OE1  . GLN D 1 11 ? -2.769  10.441  -8.166  1.00 100.00 ? 307 GLN B OE1  1 
ATOM 1176 N NE2  . GLN D 1 11 ? -3.115  10.986  -6.094  1.00 100.00 ? 307 GLN B NE2  1 
ATOM 1177 H H    . GLN D 1 11 ? 2.526   9.982   -5.029  1.00 100.00 ? 307 GLN B H    1 
ATOM 1178 H HA   . GLN D 1 11 ? 1.564   10.100  -7.841  1.00 100.00 ? 307 GLN B HA   1 
ATOM 1179 H HB2  . GLN D 1 11 ? -0.362  9.315   -6.689  1.00 100.00 ? 307 GLN B HB2  1 
ATOM 1180 H HB3  . GLN D 1 11 ? -0.085  10.373  -5.303  1.00 100.00 ? 307 GLN B HB3  1 
ATOM 1181 H HG2  . GLN D 1 11 ? -0.845  12.290  -6.429  1.00 100.00 ? 307 GLN B HG2  1 
ATOM 1182 H HG3  . GLN D 1 11 ? -0.541  11.590  -8.028  1.00 100.00 ? 307 GLN B HG3  1 
ATOM 1183 H HE21 . GLN D 1 11 ? -2.817  11.408  -5.226  1.00 100.00 ? 307 GLN B HE21 1 
ATOM 1184 H HE22 . GLN D 1 11 ? -4.006  10.518  -6.164  1.00 100.00 ? 307 GLN B HE22 1 
ATOM 1185 N N    . ILE D 1 12 ? 2.050   12.573  -7.817  1.00 100.00 ? 308 ILE B N    1 
ATOM 1186 C CA   . ILE D 1 12 ? 2.292   14.017  -7.833  1.00 100.00 ? 308 ILE B CA   1 
ATOM 1187 C C    . ILE D 1 12 ? 1.226   14.676  -8.698  1.00 100.00 ? 308 ILE B C    1 
ATOM 1188 O O    . ILE D 1 12 ? 1.010   14.255  -9.828  1.00 100.00 ? 308 ILE B O    1 
ATOM 1189 C CB   . ILE D 1 12 ? 3.719   14.351  -8.305  1.00 100.00 ? 308 ILE B CB   1 
ATOM 1190 C CG1  . ILE D 1 12 ? 4.758   13.620  -7.431  1.00 100.00 ? 308 ILE B CG1  1 
ATOM 1191 C CG2  . ILE D 1 12 ? 3.938   15.872  -8.288  1.00 100.00 ? 308 ILE B CG2  1 
ATOM 1192 C CD1  . ILE D 1 12 ? 6.218   13.944  -7.744  1.00 100.00 ? 308 ILE B CD1  1 
ATOM 1193 H H    . ILE D 1 12 ? 1.922   12.107  -8.703  1.00 100.00 ? 308 ILE B H    1 
ATOM 1194 H HA   . ILE D 1 12 ? 2.189   14.412  -6.823  1.00 100.00 ? 308 ILE B HA   1 
ATOM 1195 H HB   . ILE D 1 12 ? 3.836   14.007  -9.333  1.00 100.00 ? 308 ILE B HB   1 
ATOM 1196 H HG12 . ILE D 1 12 ? 4.574   13.842  -6.381  1.00 100.00 ? 308 ILE B HG12 1 
ATOM 1197 H HG13 . ILE D 1 12 ? 4.639   12.547  -7.579  1.00 100.00 ? 308 ILE B HG13 1 
ATOM 1198 H HG21 . ILE D 1 12 ? 4.924   16.123  -8.676  1.00 100.00 ? 308 ILE B HG21 1 
ATOM 1199 H HG22 . ILE D 1 12 ? 3.211   16.372  -8.926  1.00 100.00 ? 308 ILE B HG22 1 
ATOM 1200 H HG23 . ILE D 1 12 ? 3.843   16.252  -7.272  1.00 100.00 ? 308 ILE B HG23 1 
ATOM 1201 H HD11 . ILE D 1 12 ? 6.861   13.275  -7.177  1.00 100.00 ? 308 ILE B HD11 1 
ATOM 1202 H HD12 . ILE D 1 12 ? 6.411   13.805  -8.806  1.00 100.00 ? 308 ILE B HD12 1 
ATOM 1203 H HD13 . ILE D 1 12 ? 6.452   14.967  -7.458  1.00 100.00 ? 308 ILE B HD13 1 
ATOM 1204 N N    . VAL D 1 13 ? 0.576   15.723  -8.205  1.00 100.00 ? 309 VAL B N    1 
ATOM 1205 C CA   . VAL D 1 13 ? -0.295  16.574  -9.017  1.00 100.00 ? 309 VAL B CA   1 
ATOM 1206 C C    . VAL D 1 13 ? 0.188   18.005  -8.889  1.00 100.00 ? 309 VAL B C    1 
ATOM 1207 O O    . VAL D 1 13 ? 0.224   18.548  -7.792  1.00 100.00 ? 309 VAL B O    1 
ATOM 1208 C CB   . VAL D 1 13 ? -1.773  16.436  -8.628  1.00 100.00 ? 309 VAL B CB   1 
ATOM 1209 C CG1  . VAL D 1 13 ? -2.652  17.239  -9.587  1.00 100.00 ? 309 VAL B CG1  1 
ATOM 1210 C CG2  . VAL D 1 13 ? -2.250  14.986  -8.671  1.00 100.00 ? 309 VAL B CG2  1 
ATOM 1211 H H    . VAL D 1 13 ? 0.758   15.997  -7.251  1.00 100.00 ? 309 VAL B H    1 
ATOM 1212 H HA   . VAL D 1 13 ? -0.210  16.285  -10.065 1.00 100.00 ? 309 VAL B HA   1 
ATOM 1213 H HB   . VAL D 1 13 ? -1.922  16.813  -7.617  1.00 100.00 ? 309 VAL B HB   1 
ATOM 1214 H HG11 . VAL D 1 13 ? -3.699  17.136  -9.304  1.00 100.00 ? 309 VAL B HG11 1 
ATOM 1215 H HG12 . VAL D 1 13 ? -2.521  16.878  -10.605 1.00 100.00 ? 309 VAL B HG12 1 
ATOM 1216 H HG13 . VAL D 1 13 ? -2.389  18.294  -9.547  1.00 100.00 ? 309 VAL B HG13 1 
ATOM 1217 H HG21 . VAL D 1 13 ? -1.733  14.400  -7.913  1.00 100.00 ? 309 VAL B HG21 1 
ATOM 1218 H HG22 . VAL D 1 13 ? -2.057  14.556  -9.651  1.00 100.00 ? 309 VAL B HG22 1 
ATOM 1219 H HG23 . VAL D 1 13 ? -3.317  14.942  -8.462  1.00 100.00 ? 309 VAL B HG23 1 
ATOM 1220 N N    . TYR D 1 14 ? 0.560   18.647  -9.985  1.00 100.00 ? 310 TYR B N    1 
ATOM 1221 C CA   . TYR D 1 14 ? 1.232   19.946  -9.941  1.00 100.00 ? 310 TYR B CA   1 
ATOM 1222 C C    . TYR D 1 14 ? 0.300   21.064  -10.404 1.00 100.00 ? 310 TYR B C    1 
ATOM 1223 O O    . TYR D 1 14 ? -0.214  21.007  -11.515 1.00 100.00 ? 310 TYR B O    1 
ATOM 1224 C CB   . TYR D 1 14 ? 2.499   19.858  -10.787 1.00 100.00 ? 310 TYR B CB   1 
ATOM 1225 C CG   . TYR D 1 14 ? 3.365   21.093  -10.730 1.00 100.00 ? 310 TYR B CG   1 
ATOM 1226 C CD1  . TYR D 1 14 ? 3.167   22.138  -11.645 1.00 100.00 ? 310 TYR B CD1  1 
ATOM 1227 C CD2  . TYR D 1 14 ? 4.385   21.182  -9.769  1.00 100.00 ? 310 TYR B CD2  1 
ATOM 1228 C CE1  . TYR D 1 14 ? 4.006   23.267  -11.617 1.00 100.00 ? 310 TYR B CE1  1 
ATOM 1229 C CE2  . TYR D 1 14 ? 5.214   22.314  -9.725  1.00 100.00 ? 310 TYR B CE2  1 
ATOM 1230 C CZ   . TYR D 1 14 ? 5.029   23.358  -10.654 1.00 100.00 ? 310 TYR B CZ   1 
ATOM 1231 O OH   . TYR D 1 14 ? 5.857   24.433  -10.634 1.00 100.00 ? 310 TYR B OH   1 
ATOM 1232 H H    . TYR D 1 14 ? 0.474   18.174  -10.873 1.00 100.00 ? 310 TYR B H    1 
ATOM 1233 H HA   . TYR D 1 14 ? 1.549   20.169  -8.923  1.00 100.00 ? 310 TYR B HA   1 
ATOM 1234 H HB2  . TYR D 1 14 ? 3.088   19.006  -10.446 1.00 100.00 ? 310 TYR B HB2  1 
ATOM 1235 H HB3  . TYR D 1 14 ? 2.224   19.668  -11.824 1.00 100.00 ? 310 TYR B HB3  1 
ATOM 1236 H HD1  . TYR D 1 14 ? 2.396   22.059  -12.397 1.00 100.00 ? 310 TYR B HD1  1 
ATOM 1237 H HD2  . TYR D 1 14 ? 4.539   20.375  -9.068  1.00 100.00 ? 310 TYR B HD2  1 
ATOM 1238 H HE1  . TYR D 1 14 ? 3.873   24.055  -12.342 1.00 100.00 ? 310 TYR B HE1  1 
ATOM 1239 H HE2  . TYR D 1 14 ? 6.006   22.386  -8.996  1.00 100.00 ? 310 TYR B HE2  1 
ATOM 1240 H HH   . TYR D 1 14 ? 5.985   24.795  -11.512 1.00 100.00 ? 310 TYR B HH   1 
ATOM 1241 N N    . LYS D 1 15 ? 0.075   22.078  -9.562  1.00 100.00 ? 311 LYS B N    1 
ATOM 1242 C CA   . LYS D 1 15 ? -0.796  23.237  -9.808  1.00 100.00 ? 311 LYS B CA   1 
ATOM 1243 C C    . LYS D 1 15 ? -2.180  22.893  -10.383 1.00 100.00 ? 311 LYS B C    1 
ATOM 1244 O O    . LYS D 1 15 ? -2.566  23.463  -11.403 1.00 100.00 ? 311 LYS B O    1 
ATOM 1245 C CB   . LYS D 1 15 ? -0.062  24.296  -10.640 1.00 100.00 ? 311 LYS B CB   1 
ATOM 1246 C CG   . LYS D 1 15 ? 1.183   24.862  -9.953  1.00 100.00 ? 311 LYS B CG   1 
ATOM 1247 C CD   . LYS D 1 15 ? 1.721   26.058  -10.741 1.00 100.00 ? 311 LYS B CD   1 
ATOM 1248 C CE   . LYS D 1 15 ? 3.005   26.586  -10.101 1.00 100.00 ? 311 LYS B CE   1 
ATOM 1249 N NZ   . LYS D 1 15 ? 3.503   27.800  -10.794 1.00 100.00 ? 311 LYS B NZ   1 
ATOM 1250 H H    . LYS D 1 15 ? 0.505   22.041  -8.650  1.00 100.00 ? 311 LYS B H    1 
ATOM 1251 H HA   . LYS D 1 15 ? -1.008  23.693  -8.842  1.00 100.00 ? 311 LYS B HA   1 
ATOM 1252 H HB2  . LYS D 1 15 ? 0.224   23.867  -11.600 1.00 100.00 ? 311 LYS B HB2  1 
ATOM 1253 H HB3  . LYS D 1 15 ? -0.743  25.128  -10.819 1.00 100.00 ? 311 LYS B HB3  1 
ATOM 1254 H HG2  . LYS D 1 15 ? 0.914   25.191  -8.950  1.00 100.00 ? 311 LYS B HG2  1 
ATOM 1255 H HG3  . LYS D 1 15 ? 1.947   24.089  -9.880  1.00 100.00 ? 311 LYS B HG3  1 
ATOM 1256 H HD2  . LYS D 1 15 ? 1.924   25.751  -11.766 1.00 100.00 ? 311 LYS B HD2  1 
ATOM 1257 H HD3  . LYS D 1 15 ? 0.968   26.845  -10.747 1.00 100.00 ? 311 LYS B HD3  1 
ATOM 1258 H HE2  . LYS D 1 15 ? 2.797   26.817  -9.058  1.00 100.00 ? 311 LYS B HE2  1 
ATOM 1259 H HE3  . LYS D 1 15 ? 3.758   25.801  -10.128 1.00 100.00 ? 311 LYS B HE3  1 
ATOM 1260 H HZ1  . LYS D 1 15 ? 4.367   28.128  -10.392 1.00 100.00 ? 311 LYS B HZ1  1 
ATOM 1261 H HZ2  . LYS D 1 15 ? 2.835   28.554  -10.732 1.00 100.00 ? 311 LYS B HZ2  1 
ATOM 1262 H HZ3  . LYS D 1 15 ? 3.671   27.627  -11.774 1.00 100.00 ? 311 LYS B HZ3  1 
ATOM 1263 N N    . PRO D 1 16 ? -2.950  21.969  -9.782  1.00 100.00 ? 312 PRO B N    1 
ATOM 1264 C CA   . PRO D 1 16 ? -4.309  21.712  -10.232 1.00 100.00 ? 312 PRO B CA   1 
ATOM 1265 C C    . PRO D 1 16 ? -5.213  22.924  -9.981  1.00 100.00 ? 312 PRO B C    1 
ATOM 1266 O O    . PRO D 1 16 ? -5.087  23.588  -8.955  1.00 100.00 ? 312 PRO B O    1 
ATOM 1267 C CB   . PRO D 1 16 ? -4.773  20.491  -9.440  1.00 100.00 ? 312 PRO B CB   1 
ATOM 1268 C CG   . PRO D 1 16 ? -4.010  20.629  -8.134  1.00 100.00 ? 312 PRO B CG   1 
ATOM 1269 C CD   . PRO D 1 16 ? -2.672  21.225  -8.566  1.00 100.00 ? 312 PRO B CD   1 
ATOM 1270 H HA   . PRO D 1 16 ? -4.311  21.476  -11.296 1.00 100.00 ? 312 PRO B HA   1 
ATOM 1271 H HB2  . PRO D 1 16 ? -5.851  20.480  -9.282  1.00 100.00 ? 312 PRO B HB2  1 
ATOM 1272 H HB3  . PRO D 1 16 ? -4.453  19.576  -9.937  1.00 100.00 ? 312 PRO B HB3  1 
ATOM 1273 H HG2  . PRO D 1 16 ? -4.542  21.334  -7.497  1.00 100.00 ? 312 PRO B HG2  1 
ATOM 1274 H HG3  . PRO D 1 16 ? -3.892  19.669  -7.631  1.00 100.00 ? 312 PRO B HG3  1 
ATOM 1275 H HD2  . PRO D 1 16 ? -2.274  21.869  -7.783  1.00 100.00 ? 312 PRO B HD2  1 
ATOM 1276 H HD3  . PRO D 1 16 ? -1.969  20.423  -8.786  1.00 100.00 ? 312 PRO B HD3  1 
ATOM 1277 N N    . VAL D 1 17 ? -6.164  23.181  -10.875 1.00 100.00 ? 313 VAL B N    1 
ATOM 1278 C CA   . VAL D 1 17 ? -7.178  24.230  -10.719 1.00 100.00 ? 313 VAL B CA   1 
ATOM 1279 C C    . VAL D 1 17 ? -8.564  23.643  -10.935 1.00 100.00 ? 313 VAL B C    1 
ATOM 1280 O O    . VAL D 1 17 ? -8.818  23.009  -11.954 1.00 100.00 ? 313 VAL B O    1 
ATOM 1281 C CB   . VAL D 1 17 ? -6.920  25.403  -11.674 1.00 100.00 ? 313 VAL B CB   1 
ATOM 1282 C CG1  . VAL D 1 17 ? -8.028  26.458  -11.616 1.00 100.00 ? 313 VAL B CG1  1 
ATOM 1283 C CG2  . VAL D 1 17 ? -5.596  26.098  -11.353 1.00 100.00 ? 313 VAL B CG2  1 
ATOM 1284 H H    . VAL D 1 17 ? -6.202  22.615  -11.711 1.00 100.00 ? 313 VAL B H    1 
ATOM 1285 H HA   . VAL D 1 17 ? -7.143  24.625  -9.704  1.00 100.00 ? 313 VAL B HA   1 
ATOM 1286 H HB   . VAL D 1 17 ? -6.868  25.026  -12.696 1.00 100.00 ? 313 VAL B HB   1 
ATOM 1287 H HG11 . VAL D 1 17 ? -7.770  27.302  -12.253 1.00 100.00 ? 313 VAL B HG11 1 
ATOM 1288 H HG12 . VAL D 1 17 ? -8.966  26.042  -11.976 1.00 100.00 ? 313 VAL B HG12 1 
ATOM 1289 H HG13 . VAL D 1 17 ? -8.156  26.811  -10.594 1.00 100.00 ? 313 VAL B HG13 1 
ATOM 1290 H HG21 . VAL D 1 17 ? -4.766  25.407  -11.487 1.00 100.00 ? 313 VAL B HG21 1 
ATOM 1291 H HG22 . VAL D 1 17 ? -5.448  26.944  -12.024 1.00 100.00 ? 313 VAL B HG22 1 
ATOM 1292 H HG23 . VAL D 1 17 ? -5.603  26.454  -10.324 1.00 100.00 ? 313 VAL B HG23 1 
ATOM 1293 N N    . ASP D 1 18 ? -9.485  23.883  -10.010 1.00 100.00 ? 314 ASP B N    1 
ATOM 1294 C CA   . ASP D 1 18 ? -10.844 23.341  -10.092 1.00 100.00 ? 314 ASP B CA   1 
ATOM 1295 C C    . ASP D 1 18 ? -11.878 24.461  -10.252 1.00 100.00 ? 314 ASP B C    1 
ATOM 1296 O O    . ASP D 1 18 ? -12.065 25.269  -9.343  1.00 100.00 ? 314 ASP B O    1 
ATOM 1297 C CB   . ASP D 1 18 ? -11.106 22.479  -8.851  1.00 100.00 ? 314 ASP B CB   1 
ATOM 1298 C CG   . ASP D 1 18 ? -12.385 21.653  -8.978  1.00 100.00 ? 314 ASP B CG   1 
ATOM 1299 O OD1  . ASP D 1 18 ? -13.206 21.934  -9.877  1.00 100.00 ? 314 ASP B OD1  1 
ATOM 1300 O OD2  . ASP D 1 18 ? -12.524 20.682  -8.200  1.00 100.00 ? 314 ASP B OD2  1 
ATOM 1301 H H    . ASP D 1 18 ? -9.226  24.397  -9.181  1.00 100.00 ? 314 ASP B H    1 
ATOM 1302 H HA   . ASP D 1 18 ? -10.929 22.686  -10.958 1.00 100.00 ? 314 ASP B HA   1 
ATOM 1303 H HB2  . ASP D 1 18 ? -10.266 21.798  -8.724  1.00 100.00 ? 314 ASP B HB2  1 
ATOM 1304 H HB3  . ASP D 1 18 ? -11.160 23.112  -7.965  1.00 100.00 ? 314 ASP B HB3  1 
ATOM 1305 N N    . LEU D 1 19 ? -12.547 24.498  -11.409 1.00 100.00 ? 315 LEU B N    1 
ATOM 1306 C CA   . LEU D 1 19 ? -13.622 25.433  -11.751 1.00 100.00 ? 315 LEU B CA   1 
ATOM 1307 C C    . LEU D 1 19 ? -14.979 24.716  -11.901 1.00 100.00 ? 315 LEU B C    1 
ATOM 1308 O O    . LEU D 1 19 ? -15.891 25.247  -12.537 1.00 100.00 ? 315 LEU B O    1 
ATOM 1309 C CB   . LEU D 1 19 ? -13.270 26.236  -13.020 1.00 100.00 ? 315 LEU B CB   1 
ATOM 1310 C CG   . LEU D 1 19 ? -11.857 26.834  -13.124 1.00 100.00 ? 315 LEU B CG   1 
ATOM 1311 C CD1  . LEU D 1 19 ? -11.759 27.751  -14.342 1.00 100.00 ? 315 LEU B CD1  1 
ATOM 1312 C CD2  . LEU D 1 19 ? -11.501 27.714  -11.935 1.00 100.00 ? 315 LEU B CD2  1 
ATOM 1313 H H    . LEU D 1 19 ? -12.366 23.771  -12.086 1.00 100.00 ? 315 LEU B H    1 
ATOM 1314 H HA   . LEU D 1 19 ? -13.736 26.144  -10.932 1.00 100.00 ? 315 LEU B HA   1 
ATOM 1315 H HB2  . LEU D 1 19 ? -13.416 25.587  -13.883 1.00 100.00 ? 315 LEU B HB2  1 
ATOM 1316 H HB3  . LEU D 1 19 ? -13.989 27.051  -13.104 1.00 100.00 ? 315 LEU B HB3  1 
ATOM 1317 H HG   . LEU D 1 19 ? -11.122 26.036  -13.220 1.00 100.00 ? 315 LEU B HG   1 
ATOM 1318 H HD11 . LEU D 1 19 ? -10.744 28.129  -14.442 1.00 100.00 ? 315 LEU B HD11 1 
ATOM 1319 H HD12 . LEU D 1 19 ? -12.449 28.586  -14.239 1.00 100.00 ? 315 LEU B HD12 1 
ATOM 1320 H HD13 . LEU D 1 19 ? -12.011 27.197  -15.245 1.00 100.00 ? 315 LEU B HD13 1 
ATOM 1321 H HD21 . LEU D 1 19 ? -10.538 28.193  -12.104 1.00 100.00 ? 315 LEU B HD21 1 
ATOM 1322 H HD22 . LEU D 1 19 ? -12.265 28.475  -11.794 1.00 100.00 ? 315 LEU B HD22 1 
ATOM 1323 H HD23 . LEU D 1 19 ? -11.418 27.105  -11.037 1.00 100.00 ? 315 LEU B HD23 1 
ATOM 1324 N N    . SER D 1 20 ? -15.129 23.508  -11.354 1.00 100.00 ? 316 SER B N    1 
ATOM 1325 C CA   . SER D 1 20 ? -16.340 22.690  -11.484 1.00 100.00 ? 316 SER B CA   1 
ATOM 1326 C C    . SER D 1 20 ? -17.611 23.403  -11.017 1.00 100.00 ? 316 SER B C    1 
ATOM 1327 O O    . SER D 1 20 ? -17.590 24.125  -10.017 1.00 100.00 ? 316 SER B O    1 
ATOM 1328 C CB   . SER D 1 20 ? -16.210 21.404  -10.669 1.00 100.00 ? 316 SER B CB   1 
ATOM 1329 O OG   . SER D 1 20 ? -15.075 20.670  -11.056 1.00 100.00 ? 316 SER B OG   1 
ATOM 1330 H H    . SER D 1 20 ? -14.341 23.102  -10.871 1.00 100.00 ? 316 SER B H    1 
ATOM 1331 H HA   . SER D 1 20 ? -16.459 22.420  -12.533 1.00 100.00 ? 316 SER B HA   1 
ATOM 1332 H HB2  . SER D 1 20 ? -16.124 21.647  -9.611  1.00 100.00 ? 316 SER B HB2  1 
ATOM 1333 H HB3  . SER D 1 20 ? -17.099 20.794  -10.822 1.00 100.00 ? 316 SER B HB3  1 
ATOM 1334 H HG   . SER D 1 20 ? -14.326 21.130  -10.673 1.00 100.00 ? 316 SER B HG   1 
ATOM 1335 N N    . LYS D 1 21 ? -18.742 23.146  -11.686 1.00 100.00 ? 317 LYS B N    1 
ATOM 1336 C CA   . LYS D 1 21 ? -20.060 23.693  -11.320 1.00 100.00 ? 317 LYS B CA   1 
ATOM 1337 C C    . LYS D 1 21 ? -21.078 22.584  -11.052 1.00 100.00 ? 317 LYS B C    1 
ATOM 1338 O O    . LYS D 1 21 ? -21.201 21.655  -11.847 1.00 100.00 ? 317 LYS B O    1 
ATOM 1339 C CB   . LYS D 1 21 ? -20.571 24.641  -12.418 1.00 100.00 ? 317 LYS B CB   1 
ATOM 1340 C CG   . LYS D 1 21 ? -19.664 25.867  -12.606 1.00 100.00 ? 317 LYS B CG   1 
ATOM 1341 C CD   . LYS D 1 21 ? -20.217 26.810  -13.679 1.00 100.00 ? 317 LYS B CD   1 
ATOM 1342 C CE   . LYS D 1 21 ? -19.266 28.001  -13.850 1.00 100.00 ? 317 LYS B CE   1 
ATOM 1343 N NZ   . LYS D 1 21 ? -19.769 28.958  -14.864 1.00 100.00 ? 317 LYS B NZ   1 
ATOM 1344 H H    . LYS D 1 21 ? -18.686 22.538  -12.491 1.00 100.00 ? 317 LYS B H    1 
ATOM 1345 H HA   . LYS D 1 21 ? -19.971 24.272  -10.401 1.00 100.00 ? 317 LYS B HA   1 
ATOM 1346 H HB2  . LYS D 1 21 ? -20.641 24.100  -13.361 1.00 100.00 ? 317 LYS B HB2  1 
ATOM 1347 H HB3  . LYS D 1 21 ? -21.567 24.989  -12.149 1.00 100.00 ? 317 LYS B HB3  1 
ATOM 1348 H HG2  . LYS D 1 21 ? -19.588 26.403  -11.661 1.00 100.00 ? 317 LYS B HG2  1 
ATOM 1349 H HG3  . LYS D 1 21 ? -18.671 25.538  -12.907 1.00 100.00 ? 317 LYS B HG3  1 
ATOM 1350 H HD2  . LYS D 1 21 ? -20.307 26.275  -14.623 1.00 100.00 ? 317 LYS B HD2  1 
ATOM 1351 H HD3  . LYS D 1 21 ? -21.199 27.167  -13.373 1.00 100.00 ? 317 LYS B HD3  1 
ATOM 1352 H HE2  . LYS D 1 21 ? -19.158 28.499  -12.888 1.00 100.00 ? 317 LYS B HE2  1 
ATOM 1353 H HE3  . LYS D 1 21 ? -18.287 27.626  -14.144 1.00 100.00 ? 317 LYS B HE3  1 
ATOM 1354 H HZ1  . LYS D 1 21 ? -19.150 29.749  -14.953 1.00 100.00 ? 317 LYS B HZ1  1 
ATOM 1355 H HZ2  . LYS D 1 21 ? -20.681 29.306  -14.614 1.00 100.00 ? 317 LYS B HZ2  1 
ATOM 1356 H HZ3  . LYS D 1 21 ? -19.838 28.523  -15.769 1.00 100.00 ? 317 LYS B HZ3  1 
ATOM 1357 N N    . VAL D 1 22 ? -21.846 22.709  -9.969  1.00 15.79  ? 318 VAL B N    1 
ATOM 1358 C CA   . VAL D 1 22 ? -22.824 21.703  -9.509  1.00 15.79  ? 318 VAL B CA   1 
ATOM 1359 C C    . VAL D 1 22 ? -24.186 22.343  -9.244  1.00 15.79  ? 318 VAL B C    1 
ATOM 1360 O O    . VAL D 1 22 ? -24.288 23.304  -8.473  1.00 15.79  ? 318 VAL B O    1 
ATOM 1361 C CB   . VAL D 1 22 ? -22.309 20.946  -8.264  1.00 15.79  ? 318 VAL B CB   1 
ATOM 1362 C CG1  . VAL D 1 22 ? -23.313 19.887  -7.788  1.00 15.79  ? 318 VAL B CG1  1 
ATOM 1363 C CG2  . VAL D 1 22 ? -20.969 20.251  -8.526  1.00 15.79  ? 318 VAL B CG2  1 
ATOM 1364 H H    . VAL D 1 22 ? -21.646 23.480  -9.349  1.00 15.79  ? 318 VAL B H    1 
ATOM 1365 H HA   . VAL D 1 22 ? -22.983 20.968  -10.297 1.00 15.79  ? 318 VAL B HA   1 
ATOM 1366 H HB   . VAL D 1 22 ? -22.164 21.656  -7.452  1.00 15.79  ? 318 VAL B HB   1 
ATOM 1367 H HG11 . VAL D 1 22 ? -22.907 19.357  -6.929  1.00 15.79  ? 318 VAL B HG11 1 
ATOM 1368 H HG12 . VAL D 1 22 ? -24.248 20.355  -7.481  1.00 15.79  ? 318 VAL B HG12 1 
ATOM 1369 H HG13 . VAL D 1 22 ? -23.509 19.171  -8.585  1.00 15.79  ? 318 VAL B HG13 1 
ATOM 1370 H HG21 . VAL D 1 22 ? -20.198 20.988  -8.746  1.00 15.79  ? 318 VAL B HG21 1 
ATOM 1371 H HG22 . VAL D 1 22 ? -20.663 19.700  -7.639  1.00 15.79  ? 318 VAL B HG22 1 
ATOM 1372 H HG23 . VAL D 1 22 ? -21.060 19.559  -9.362  1.00 15.79  ? 318 VAL B HG23 1 
ATOM 1373 N N    . ILE E 1 1  ? -9.121  11.947  -10.997 1.00 100.00 ? 297 ILE C N    1 
ATOM 1374 C CA   . ILE E 1 1  ? -7.732  11.505  -10.693 1.00 100.00 ? 297 ILE C CA   1 
ATOM 1375 C C    . ILE E 1 1  ? -7.729  10.546  -9.498  1.00 100.00 ? 297 ILE C C    1 
ATOM 1376 O O    . ILE E 1 1  ? -8.062  10.958  -8.388  1.00 100.00 ? 297 ILE C O    1 
ATOM 1377 C CB   . ILE E 1 1  ? -6.763  12.687  -10.444 1.00 100.00 ? 297 ILE C CB   1 
ATOM 1378 C CG1  . ILE E 1 1  ? -6.673  13.631  -11.659 1.00 100.00 ? 297 ILE C CG1  1 
ATOM 1379 C CG2  . ILE E 1 1  ? -5.351  12.187  -10.094 1.00 100.00 ? 297 ILE C CG2  1 
ATOM 1380 C CD1  . ILE E 1 1  ? -5.933  14.945  -11.378 1.00 100.00 ? 297 ILE C CD1  1 
ATOM 1381 H H1   . ILE E 1 1  ? -9.132  12.593  -11.771 1.00 100.00 ? 297 ILE C H1   1 
ATOM 1382 H H2   . ILE E 1 1  ? -9.539  12.398  -10.197 1.00 100.00 ? 297 ILE C H2   1 
ATOM 1383 H H3   . ILE E 1 1  ? -9.702  11.161  -11.247 1.00 100.00 ? 297 ILE C H3   1 
ATOM 1384 H HA   . ILE E 1 1  ? -7.349  10.956  -11.553 1.00 100.00 ? 297 ILE C HA   1 
ATOM 1385 H HB   . ILE E 1 1  ? -7.135  13.267  -9.600  1.00 100.00 ? 297 ILE C HB   1 
ATOM 1386 H HG12 . ILE E 1 1  ? -6.180  13.119  -12.484 1.00 100.00 ? 297 ILE C HG12 1 
ATOM 1387 H HG13 . ILE E 1 1  ? -7.676  13.903  -11.986 1.00 100.00 ? 297 ILE C HG13 1 
ATOM 1388 H HG21 . ILE E 1 1  ? -4.693  13.026  -9.872  1.00 100.00 ? 297 ILE C HG21 1 
ATOM 1389 H HG22 . ILE E 1 1  ? -5.354  11.554  -9.208  1.00 100.00 ? 297 ILE C HG22 1 
ATOM 1390 H HG23 . ILE E 1 1  ? -4.927  11.632  -10.929 1.00 100.00 ? 297 ILE C HG23 1 
ATOM 1391 H HD11 . ILE E 1 1  ? -6.027  15.601  -12.242 1.00 100.00 ? 297 ILE C HD11 1 
ATOM 1392 H HD12 . ILE E 1 1  ? -6.371  15.445  -10.515 1.00 100.00 ? 297 ILE C HD12 1 
ATOM 1393 H HD13 . ILE E 1 1  ? -4.874  14.767  -11.201 1.00 100.00 ? 297 ILE C HD13 1 
ATOM 1394 N N    . LYS E 1 2  ? -7.337  9.285   -9.702  1.00 100.00 ? 298 LYS C N    1 
ATOM 1395 C CA   . LYS E 1 2  ? -7.126  8.237   -8.682  1.00 100.00 ? 298 LYS C CA   1 
ATOM 1396 C C    . LYS E 1 2  ? -5.768  7.577   -8.878  1.00 100.00 ? 298 LYS C C    1 
ATOM 1397 O O    . LYS E 1 2  ? -5.342  7.436   -10.017 1.00 100.00 ? 298 LYS C O    1 
ATOM 1398 C CB   . LYS E 1 2  ? -8.191  7.136   -8.778  1.00 100.00 ? 298 LYS C CB   1 
ATOM 1399 C CG   . LYS E 1 2  ? -9.640  7.626   -8.710  1.00 100.00 ? 298 LYS C CG   1 
ATOM 1400 C CD   . LYS E 1 2  ? -10.627 6.470   -8.483  1.00 100.00 ? 298 LYS C CD   1 
ATOM 1401 C CE   . LYS E 1 2  ? -10.583 5.432   -9.610  1.00 100.00 ? 298 LYS C CE   1 
ATOM 1402 N NZ   . LYS E 1 2  ? -11.564 4.340   -9.390  1.00 100.00 ? 298 LYS C NZ   1 
ATOM 1403 H H    . LYS E 1 2  ? -7.075  9.026   -10.641 1.00 100.00 ? 298 LYS C H    1 
ATOM 1404 H HA   . LYS E 1 2  ? -7.150  8.675   -7.683  1.00 100.00 ? 298 LYS C HA   1 
ATOM 1405 H HB2  . LYS E 1 2  ? -8.054  6.599   -9.716  1.00 100.00 ? 298 LYS C HB2  1 
ATOM 1406 H HB3  . LYS E 1 2  ? -8.026  6.433   -7.963  1.00 100.00 ? 298 LYS C HB3  1 
ATOM 1407 H HG2  . LYS E 1 2  ? -9.734  8.324   -7.880  1.00 100.00 ? 298 LYS C HG2  1 
ATOM 1408 H HG3  . LYS E 1 2  ? -9.898  8.146   -9.632  1.00 100.00 ? 298 LYS C HG3  1 
ATOM 1409 H HD2  . LYS E 1 2  ? -10.395 5.984   -7.538  1.00 100.00 ? 298 LYS C HD2  1 
ATOM 1410 H HD3  . LYS E 1 2  ? -11.630 6.888   -8.425  1.00 100.00 ? 298 LYS C HD3  1 
ATOM 1411 H HE2  . LYS E 1 2  ? -10.794 5.929   -10.554 1.00 100.00 ? 298 LYS C HE2  1 
ATOM 1412 H HE3  . LYS E 1 2  ? -9.579  5.017   -9.672  1.00 100.00 ? 298 LYS C HE3  1 
ATOM 1413 H HZ1  . LYS E 1 2  ? -11.515 3.660   -10.132 1.00 100.00 ? 298 LYS C HZ1  1 
ATOM 1414 H HZ2  . LYS E 1 2  ? -12.508 4.690   -9.371  1.00 100.00 ? 298 LYS C HZ2  1 
ATOM 1415 H HZ3  . LYS E 1 2  ? -11.389 3.853   -8.525  1.00 100.00 ? 298 LYS C HZ3  1 
ATOM 1416 N N    . HIS E 1 3  ? -5.112  7.116   -7.826  1.00 100.00 ? 299 HIS C N    1 
ATOM 1417 C CA   . HIS E 1 3  ? -4.012  6.144   -7.912  1.00 100.00 ? 299 HIS C CA   1 
ATOM 1418 C C    . HIS E 1 3  ? -4.274  5.004   -6.923  1.00 100.00 ? 299 HIS C C    1 
ATOM 1419 O O    . HIS E 1 3  ? -4.552  5.283   -5.761  1.00 100.00 ? 299 HIS C O    1 
ATOM 1420 C CB   . HIS E 1 3  ? -2.684  6.876   -7.689  1.00 100.00 ? 299 HIS C CB   1 
ATOM 1421 C CG   . HIS E 1 3  ? -1.458  6.036   -7.905  1.00 100.00 ? 299 HIS C CG   1 
ATOM 1422 N ND1  . HIS E 1 3  ? -1.386  4.921   -8.733  1.00 100.00 ? 299 HIS C ND1  1 
ATOM 1423 C CD2  . HIS E 1 3  ? -0.200  6.361   -7.504  1.00 100.00 ? 299 HIS C CD2  1 
ATOM 1424 C CE1  . HIS E 1 3  ? -0.090  4.572   -8.774  1.00 100.00 ? 299 HIS C CE1  1 
ATOM 1425 N NE2  . HIS E 1 3  ? 0.643   5.427   -8.050  1.00 100.00 ? 299 HIS C NE2  1 
ATOM 1426 H H    . HIS E 1 3  ? -5.469  7.324   -6.905  1.00 100.00 ? 299 HIS C H    1 
ATOM 1427 H HA   . HIS E 1 3  ? -3.984  5.708   -8.912  1.00 100.00 ? 299 HIS C HA   1 
ATOM 1428 H HB2  . HIS E 1 3  ? -2.623  7.722   -8.374  1.00 100.00 ? 299 HIS C HB2  1 
ATOM 1429 H HB3  . HIS E 1 3  ? -2.664  7.271   -6.673  1.00 100.00 ? 299 HIS C HB3  1 
ATOM 1430 H HD2  . HIS E 1 3  ? 0.086   7.215   -6.910  1.00 100.00 ? 299 HIS C HD2  1 
ATOM 1431 H HE1  . HIS E 1 3  ? 0.303   3.741   -9.339  1.00 100.00 ? 299 HIS C HE1  1 
ATOM 1432 H HE2  . HIS E 1 3  ? 1.647   5.413   -7.956  1.00 100.00 ? 299 HIS C HE2  1 
ATOM 1433 N N    . VAL E 1 4  ? -4.276  3.740   -7.350  1.00 100.00 ? 300 VAL C N    1 
ATOM 1434 C CA   . VAL E 1 4  ? -4.805  2.613   -6.547  1.00 100.00 ? 300 VAL C CA   1 
ATOM 1435 C C    . VAL E 1 4  ? -3.907  1.358   -6.615  1.00 100.00 ? 300 VAL C C    1 
ATOM 1436 O O    . VAL E 1 4  ? -4.378  0.283   -6.981  1.00 100.00 ? 300 VAL C O    1 
ATOM 1437 C CB   . VAL E 1 4  ? -6.275  2.315   -6.940  1.00 100.00 ? 300 VAL C CB   1 
ATOM 1438 C CG1  . VAL E 1 4  ? -6.999  1.443   -5.908  1.00 100.00 ? 300 VAL C CG1  1 
ATOM 1439 C CG2  . VAL E 1 4  ? -7.139  3.569   -7.103  1.00 100.00 ? 300 VAL C CG2  1 
ATOM 1440 H H    . VAL E 1 4  ? -4.004  3.556   -8.304  1.00 100.00 ? 300 VAL C H    1 
ATOM 1441 H HA   . VAL E 1 4  ? -4.815  2.910   -5.498  1.00 100.00 ? 300 VAL C HA   1 
ATOM 1442 H HB   . VAL E 1 4  ? -6.285  1.800   -7.899  1.00 100.00 ? 300 VAL C HB   1 
ATOM 1443 H HG11 . VAL E 1 4  ? -6.497  0.488   -5.766  1.00 100.00 ? 300 VAL C HG11 1 
ATOM 1444 H HG12 . VAL E 1 4  ? -7.040  1.962   -4.952  1.00 100.00 ? 300 VAL C HG12 1 
ATOM 1445 H HG13 . VAL E 1 4  ? -8.015  1.240   -6.245  1.00 100.00 ? 300 VAL C HG13 1 
ATOM 1446 H HG21 . VAL E 1 4  ? -8.170  3.287   -7.313  1.00 100.00 ? 300 VAL C HG21 1 
ATOM 1447 H HG22 . VAL E 1 4  ? -7.110  4.162   -6.191  1.00 100.00 ? 300 VAL C HG22 1 
ATOM 1448 H HG23 . VAL E 1 4  ? -6.784  4.165   -7.943  1.00 100.00 ? 300 VAL C HG23 1 
ATOM 1449 N N    . PRO E 1 5  ? -2.592  1.447   -6.352  1.00 100.00 ? 301 PRO C N    1 
ATOM 1450 C CA   . PRO E 1 5  ? -1.668  0.334   -6.550  1.00 100.00 ? 301 PRO C CA   1 
ATOM 1451 C C    . PRO E 1 5  ? -1.768  -0.735  -5.454  1.00 100.00 ? 301 PRO C C    1 
ATOM 1452 O O    . PRO E 1 5  ? -1.826  -0.428  -4.267  1.00 100.00 ? 301 PRO C O    1 
ATOM 1453 C CB   . PRO E 1 5  ? -0.283  0.970   -6.615  1.00 100.00 ? 301 PRO C CB   1 
ATOM 1454 C CG   . PRO E 1 5  ? -0.438  2.172   -5.706  1.00 100.00 ? 301 PRO C CG   1 
ATOM 1455 C CD   . PRO E 1 5  ? -1.866  2.630   -5.944  1.00 100.00 ? 301 PRO C CD   1 
ATOM 1456 H HA   . PRO E 1 5  ? -1.870  -0.139  -7.510  1.00 100.00 ? 301 PRO C HA   1 
ATOM 1457 H HB2  . PRO E 1 5  ? 0.504   0.300   -6.270  1.00 100.00 ? 301 PRO C HB2  1 
ATOM 1458 H HB3  . PRO E 1 5  ? -0.083  1.307   -7.632  1.00 100.00 ? 301 PRO C HB3  1 
ATOM 1459 H HG2  . PRO E 1 5  ? -0.303  1.856   -4.673  1.00 100.00 ? 301 PRO C HG2  1 
ATOM 1460 H HG3  . PRO E 1 5  ? 0.259   2.964   -5.975  1.00 100.00 ? 301 PRO C HG3  1 
ATOM 1461 H HD2  . PRO E 1 5  ? -2.287  3.072   -5.042  1.00 100.00 ? 301 PRO C HD2  1 
ATOM 1462 H HD3  . PRO E 1 5  ? -1.863  3.359   -6.753  1.00 100.00 ? 301 PRO C HD3  1 
ATOM 1463 N N    . GLY E 1 6  ? -1.723  -2.011  -5.840  1.00 67.96  ? 302 GLY C N    1 
ATOM 1464 C CA   . GLY E 1 6  ? -1.680  -3.150  -4.919  1.00 67.96  ? 302 GLY C CA   1 
ATOM 1465 C C    . GLY E 1 6  ? -2.986  -3.472  -4.191  1.00 67.96  ? 302 GLY C C    1 
ATOM 1466 O O    . GLY E 1 6  ? -2.961  -4.194  -3.197  1.00 67.96  ? 302 GLY C O    1 
ATOM 1467 H H    . GLY E 1 6  ? -1.682  -2.204  -6.830  1.00 67.96  ? 302 GLY C H    1 
ATOM 1468 H HA2  . GLY E 1 6  ? -1.394  -4.038  -5.482  1.00 67.96  ? 302 GLY C HA2  1 
ATOM 1469 H HA3  . GLY E 1 6  ? -0.911  -2.970  -4.169  1.00 67.96  ? 302 GLY C HA3  1 
ATOM 1470 N N    . GLY E 1 7  ? -4.123  -2.943  -4.634  1.00 84.95  ? 303 GLY C N    1 
ATOM 1471 C CA   . GLY E 1 7  ? -5.414  -3.135  -3.967  1.00 84.95  ? 303 GLY C CA   1 
ATOM 1472 C C    . GLY E 1 7  ? -5.916  -4.582  -3.995  1.00 84.95  ? 303 GLY C C    1 
ATOM 1473 O O    . GLY E 1 7  ? -5.695  -5.303  -4.962  1.00 84.95  ? 303 GLY C O    1 
ATOM 1474 H H    . GLY E 1 7  ? -4.090  -2.360  -5.458  1.00 84.95  ? 303 GLY C H    1 
ATOM 1475 H HA2  . GLY E 1 7  ? -5.322  -2.818  -2.930  1.00 84.95  ? 303 GLY C HA2  1 
ATOM 1476 H HA3  . GLY E 1 7  ? -6.168  -2.508  -4.442  1.00 84.95  ? 303 GLY C HA3  1 
ATOM 1477 N N    . GLY E 1 8  ? -6.605  -5.026  -2.946  1.00 100.00 ? 304 GLY C N    1 
ATOM 1478 C CA   . GLY E 1 8  ? -7.288  -6.331  -2.913  1.00 100.00 ? 304 GLY C CA   1 
ATOM 1479 C C    . GLY E 1 8  ? -6.368  -7.548  -2.762  1.00 100.00 ? 304 GLY C C    1 
ATOM 1480 O O    . GLY E 1 8  ? -6.771  -8.671  -3.060  1.00 100.00 ? 304 GLY C O    1 
ATOM 1481 H H    . GLY E 1 8  ? -6.735  -4.403  -2.162  1.00 100.00 ? 304 GLY C H    1 
ATOM 1482 H HA2  . GLY E 1 8  ? -7.981  -6.332  -2.073  1.00 100.00 ? 304 GLY C HA2  1 
ATOM 1483 H HA3  . GLY E 1 8  ? -7.866  -6.456  -3.829  1.00 100.00 ? 304 GLY C HA3  1 
ATOM 1484 N N    . SER E 1 9  ? -5.115  -7.335  -2.368  1.00 100.00 ? 305 SER C N    1 
ATOM 1485 C CA   . SER E 1 9  ? -4.056  -8.341  -2.409  1.00 100.00 ? 305 SER C CA   1 
ATOM 1486 C C    . SER E 1 9  ? -4.152  -9.429  -1.332  1.00 100.00 ? 305 SER C C    1 
ATOM 1487 O O    . SER E 1 9  ? -4.600  -9.175  -0.217  1.00 100.00 ? 305 SER C O    1 
ATOM 1488 C CB   . SER E 1 9  ? -2.719  -7.622  -2.307  1.00 100.00 ? 305 SER C CB   1 
ATOM 1489 O OG   . SER E 1 9  ? -1.693  -8.541  -2.567  1.00 100.00 ? 305 SER C OG   1 
ATOM 1490 H H    . SER E 1 9  ? -4.863  -6.386  -2.134  1.00 100.00 ? 305 SER C H    1 
ATOM 1491 H HA   . SER E 1 9  ? -4.104  -8.830  -3.382  1.00 100.00 ? 305 SER C HA   1 
ATOM 1492 H HB2  . SER E 1 9  ? -2.673  -6.815  -3.038  1.00 100.00 ? 305 SER C HB2  1 
ATOM 1493 H HB3  . SER E 1 9  ? -2.596  -7.206  -1.308  1.00 100.00 ? 305 SER C HB3  1 
ATOM 1494 H HG   . SER E 1 9  ? -1.668  -8.693  -3.513  1.00 100.00 ? 305 SER C HG   1 
ATOM 1495 N N    . VAL E 1 10 ? -3.678  -10.639 -1.635  1.00 100.00 ? 306 VAL C N    1 
ATOM 1496 C CA   . VAL E 1 10 ? -3.538  -11.770 -0.704  1.00 100.00 ? 306 VAL C CA   1 
ATOM 1497 C C    . VAL E 1 10 ? -2.117  -12.339 -0.739  1.00 100.00 ? 306 VAL C C    1 
ATOM 1498 O O    . VAL E 1 10 ? -1.536  -12.472 -1.811  1.00 100.00 ? 306 VAL C O    1 
ATOM 1499 C CB   . VAL E 1 10 ? -4.579  -12.861 -1.024  1.00 100.00 ? 306 VAL C CB   1 
ATOM 1500 C CG1  . VAL E 1 10 ? -4.461  -14.078 -0.111  1.00 100.00 ? 306 VAL C CG1  1 
ATOM 1501 C CG2  . VAL E 1 10 ? -6.008  -12.335 -0.904  1.00 100.00 ? 306 VAL C CG2  1 
ATOM 1502 H H    . VAL E 1 10 ? -3.300  -10.772 -2.561  1.00 100.00 ? 306 VAL C H    1 
ATOM 1503 H HA   . VAL E 1 10 ? -3.727  -11.422 0.311   1.00 100.00 ? 306 VAL C HA   1 
ATOM 1504 H HB   . VAL E 1 10 ? -4.433  -13.200 -2.049  1.00 100.00 ? 306 VAL C HB   1 
ATOM 1505 H HG11 . VAL E 1 10 ? -5.257  -14.784 -0.339  1.00 100.00 ? 306 VAL C HG11 1 
ATOM 1506 H HG12 . VAL E 1 10 ? -4.546  -13.777 0.931   1.00 100.00 ? 306 VAL C HG12 1 
ATOM 1507 H HG13 . VAL E 1 10 ? -3.515  -14.584 -0.279  1.00 100.00 ? 306 VAL C HG13 1 
ATOM 1508 H HG21 . VAL E 1 10 ? -6.183  -11.546 -1.633  1.00 100.00 ? 306 VAL C HG21 1 
ATOM 1509 H HG22 . VAL E 1 10 ? -6.182  -11.943 0.096   1.00 100.00 ? 306 VAL C HG22 1 
ATOM 1510 H HG23 . VAL E 1 10 ? -6.718  -13.138 -1.100  1.00 100.00 ? 306 VAL C HG23 1 
ATOM 1511 N N    . GLN E 1 11 ? -1.575  -12.761 0.399   1.00 100.00 ? 307 GLN C N    1 
ATOM 1512 C CA   . GLN E 1 11 ? -0.445  -13.687 0.499   1.00 100.00 ? 307 GLN C CA   1 
ATOM 1513 C C    . GLN E 1 11 ? -0.827  -14.826 1.448   1.00 100.00 ? 307 GLN C C    1 
ATOM 1514 O O    . GLN E 1 11 ? -1.387  -14.570 2.507   1.00 100.00 ? 307 GLN C O    1 
ATOM 1515 C CB   . GLN E 1 11 ? 0.821   -12.950 0.971   1.00 100.00 ? 307 GLN C CB   1 
ATOM 1516 C CG   . GLN E 1 11 ? 1.936   -13.912 1.410   1.00 100.00 ? 307 GLN C CG   1 
ATOM 1517 C CD   . GLN E 1 11 ? 3.324   -13.310 1.274   1.00 100.00 ? 307 GLN C CD   1 
ATOM 1518 O OE1  . GLN E 1 11 ? 4.017   -13.526 0.299   1.00 100.00 ? 307 GLN C OE1  1 
ATOM 1519 N NE2  . GLN E 1 11 ? 3.820   -12.566 2.224   1.00 100.00 ? 307 GLN C NE2  1 
ATOM 1520 H H    . GLN E 1 11 ? -2.070  -12.561 1.254   1.00 100.00 ? 307 GLN C H    1 
ATOM 1521 H HA   . GLN E 1 11 ? -0.240  -14.124 -0.477  1.00 100.00 ? 307 GLN C HA   1 
ATOM 1522 H HB2  . GLN E 1 11 ? 1.184   -12.330 0.151   1.00 100.00 ? 307 GLN C HB2  1 
ATOM 1523 H HB3  . GLN E 1 11 ? 0.579   -12.296 1.808   1.00 100.00 ? 307 GLN C HB3  1 
ATOM 1524 H HG2  . GLN E 1 11 ? 1.770   -14.222 2.440   1.00 100.00 ? 307 GLN C HG2  1 
ATOM 1525 H HG3  . GLN E 1 11 ? 1.913   -14.798 0.777   1.00 100.00 ? 307 GLN C HG3  1 
ATOM 1526 H HE21 . GLN E 1 11 ? 3.293   -12.352 3.058   1.00 100.00 ? 307 GLN C HE21 1 
ATOM 1527 H HE22 . GLN E 1 11 ? 4.689   -12.095 2.022   1.00 100.00 ? 307 GLN C HE22 1 
ATOM 1528 N N    . ILE E 1 12 ? -0.508  -16.073 1.100   1.00 100.00 ? 308 ILE C N    1 
ATOM 1529 C CA   . ILE E 1 12 ? -0.661  -17.234 1.983   1.00 100.00 ? 308 ILE C CA   1 
ATOM 1530 C C    . ILE E 1 12 ? 0.666   -17.980 2.032   1.00 100.00 ? 308 ILE C C    1 
ATOM 1531 O O    . ILE E 1 12 ? 1.220   -18.285 0.984   1.00 100.00 ? 308 ILE C O    1 
ATOM 1532 C CB   . ILE E 1 12 ? -1.813  -18.152 1.522   1.00 100.00 ? 308 ILE C CB   1 
ATOM 1533 C CG1  . ILE E 1 12 ? -3.130  -17.355 1.421   1.00 100.00 ? 308 ILE C CG1  1 
ATOM 1534 C CG2  . ILE E 1 12 ? -1.957  -19.348 2.476   1.00 100.00 ? 308 ILE C CG2  1 
ATOM 1535 C CD1  . ILE E 1 12 ? -4.364  -18.184 1.069   1.00 100.00 ? 308 ILE C CD1  1 
ATOM 1536 H H    . ILE E 1 12 ? -0.057  -16.228 0.211   1.00 100.00 ? 308 ILE C H    1 
ATOM 1537 H HA   . ILE E 1 12 ? -0.896  -16.896 2.992   1.00 100.00 ? 308 ILE C HA   1 
ATOM 1538 H HB   . ILE E 1 12 ? -1.578  -18.540 0.533   1.00 100.00 ? 308 ILE C HB   1 
ATOM 1539 H HG12 . ILE E 1 12 ? -3.317  -16.840 2.362   1.00 100.00 ? 308 ILE C HG12 1 
ATOM 1540 H HG13 . ILE E 1 12 ? -3.019  -16.606 0.639   1.00 100.00 ? 308 ILE C HG13 1 
ATOM 1541 H HG21 . ILE E 1 12 ? -2.722  -20.033 2.113   1.00 100.00 ? 308 ILE C HG21 1 
ATOM 1542 H HG22 . ILE E 1 12 ? -2.229  -19.006 3.472   1.00 100.00 ? 308 ILE C HG22 1 
ATOM 1543 H HG23 . ILE E 1 12 ? -1.029  -19.915 2.530   1.00 100.00 ? 308 ILE C HG23 1 
ATOM 1544 H HD11 . ILE E 1 12 ? -5.196  -17.513 0.863   1.00 100.00 ? 308 ILE C HD11 1 
ATOM 1545 H HD12 . ILE E 1 12 ? -4.640  -18.829 1.901   1.00 100.00 ? 308 ILE C HD12 1 
ATOM 1546 H HD13 . ILE E 1 12 ? -4.164  -18.784 0.185   1.00 100.00 ? 308 ILE C HD13 1 
ATOM 1547 N N    . VAL E 1 13 ? 1.179   -18.311 3.214   1.00 100.00 ? 309 VAL C N    1 
ATOM 1548 C CA   . VAL E 1 13 ? 2.332   -19.213 3.371   1.00 100.00 ? 309 VAL C CA   1 
ATOM 1549 C C    . VAL E 1 13 ? 1.957   -20.337 4.327   1.00 100.00 ? 309 VAL C C    1 
ATOM 1550 O O    . VAL E 1 13 ? 1.557   -20.078 5.457   1.00 100.00 ? 309 VAL C O    1 
ATOM 1551 C CB   . VAL E 1 13 ? 3.598   -18.470 3.821   1.00 100.00 ? 309 VAL C CB   1 
ATOM 1552 C CG1  . VAL E 1 13 ? 4.808   -19.406 3.835   1.00 100.00 ? 309 VAL C CG1  1 
ATOM 1553 C CG2  . VAL E 1 13 ? 3.946   -17.297 2.908   1.00 100.00 ? 309 VAL C CG2  1 
ATOM 1554 H H    . VAL E 1 13 ? 0.712   -17.984 4.046   1.00 100.00 ? 309 VAL C H    1 
ATOM 1555 H HA   . VAL E 1 13 ? 2.563   -19.670 2.408   1.00 100.00 ? 309 VAL C HA   1 
ATOM 1556 H HB   . VAL E 1 13 ? 3.448   -18.084 4.829   1.00 100.00 ? 309 VAL C HB   1 
ATOM 1557 H HG11 . VAL E 1 13 ? 5.697   -18.861 4.148   1.00 100.00 ? 309 VAL C HG11 1 
ATOM 1558 H HG12 . VAL E 1 13 ? 4.979   -19.812 2.839   1.00 100.00 ? 309 VAL C HG12 1 
ATOM 1559 H HG13 . VAL E 1 13 ? 4.647   -20.227 4.532   1.00 100.00 ? 309 VAL C HG13 1 
ATOM 1560 H HG21 . VAL E 1 13 ? 3.160   -16.547 2.952   1.00 100.00 ? 309 VAL C HG21 1 
ATOM 1561 H HG22 . VAL E 1 13 ? 4.054   -17.641 1.882   1.00 100.00 ? 309 VAL C HG22 1 
ATOM 1562 H HG23 . VAL E 1 13 ? 4.875   -16.833 3.230   1.00 100.00 ? 309 VAL C HG23 1 
ATOM 1563 N N    . TYR E 1 14 ? 2.041   -21.587 3.891   1.00 100.00 ? 310 TYR C N    1 
ATOM 1564 C CA   . TYR E 1 14 ? 1.464   -22.717 4.607   1.00 100.00 ? 310 TYR C CA   1 
ATOM 1565 C C    . TYR E 1 14 ? 2.541   -23.621 5.207   1.00 100.00 ? 310 TYR C C    1 
ATOM 1566 O O    . TYR E 1 14 ? 3.406   -24.116 4.491   1.00 100.00 ? 310 TYR C O    1 
ATOM 1567 C CB   . TYR E 1 14 ? 0.540   -23.450 3.643   1.00 100.00 ? 310 TYR C CB   1 
ATOM 1568 C CG   . TYR E 1 14 ? -0.265  -24.557 4.277   1.00 100.00 ? 310 TYR C CG   1 
ATOM 1569 C CD1  . TYR E 1 14 ? 0.254   -25.861 4.345   1.00 100.00 ? 310 TYR C CD1  1 
ATOM 1570 C CD2  . TYR E 1 14 ? -1.548  -24.279 4.771   1.00 100.00 ? 310 TYR C CD2  1 
ATOM 1571 C CE1  . TYR E 1 14 ? -0.515  -26.891 4.911   1.00 100.00 ? 310 TYR C CE1  1 
ATOM 1572 C CE2  . TYR E 1 14 ? -2.321  -25.307 5.336   1.00 100.00 ? 310 TYR C CE2  1 
ATOM 1573 C CZ   . TYR E 1 14 ? -1.805  -26.617 5.404   1.00 100.00 ? 310 TYR C CZ   1 
ATOM 1574 O OH   . TYR E 1 14 ? -2.547  -27.613 5.952   1.00 100.00 ? 310 TYR C OH   1 
ATOM 1575 H H    . TYR E 1 14 ? 2.403   -21.756 2.963   1.00 100.00 ? 310 TYR C H    1 
ATOM 1576 H HA   . TYR E 1 14 ? 0.839   -22.356 5.423   1.00 100.00 ? 310 TYR C HA   1 
ATOM 1577 H HB2  . TYR E 1 14 ? -0.151  -22.731 3.205   1.00 100.00 ? 310 TYR C HB2  1 
ATOM 1578 H HB3  . TYR E 1 14 ? 1.131   -23.867 2.828   1.00 100.00 ? 310 TYR C HB3  1 
ATOM 1579 H HD1  . TYR E 1 14 ? 1.238   -26.077 3.958   1.00 100.00 ? 310 TYR C HD1  1 
ATOM 1580 H HD2  . TYR E 1 14 ? -1.950  -23.279 4.710   1.00 100.00 ? 310 TYR C HD2  1 
ATOM 1581 H HE1  . TYR E 1 14 ? -0.131  -27.899 4.952   1.00 100.00 ? 310 TYR C HE1  1 
ATOM 1582 H HE2  . TYR E 1 14 ? -3.305  -25.095 5.726   1.00 100.00 ? 310 TYR C HE2  1 
ATOM 1583 H HH   . TYR E 1 14 ? -3.451  -27.337 6.099   1.00 100.00 ? 310 TYR C HH   1 
ATOM 1584 N N    . LYS E 1 15 ? 2.506   -23.831 6.526   1.00 100.00 ? 311 LYS C N    1 
ATOM 1585 C CA   . LYS E 1 15 ? 3.450   -24.644 7.308   1.00 100.00 ? 311 LYS C CA   1 
ATOM 1586 C C    . LYS E 1 15 ? 4.934   -24.411 6.984   1.00 100.00 ? 311 LYS C C    1 
ATOM 1587 O O    . LYS E 1 15 ? 5.664   -25.384 6.801   1.00 100.00 ? 311 LYS C O    1 
ATOM 1588 C CB   . LYS E 1 15 ? 3.064   -26.132 7.230   1.00 100.00 ? 311 LYS C CB   1 
ATOM 1589 C CG   . LYS E 1 15 ? 1.691   -26.436 7.830   1.00 100.00 ? 311 LYS C CG   1 
ATOM 1590 C CD   . LYS E 1 15 ? 1.484   -27.950 7.912   1.00 100.00 ? 311 LYS C CD   1 
ATOM 1591 C CE   . LYS E 1 15 ? 0.093   -28.278 8.454   1.00 100.00 ? 311 LYS C CE   1 
ATOM 1592 N NZ   . LYS E 1 15 ? -0.083  -29.742 8.613   1.00 100.00 ? 311 LYS C NZ   1 
ATOM 1593 H H    . LYS E 1 15 ? 1.803   -23.340 7.060   1.00 100.00 ? 311 LYS C H    1 
ATOM 1594 H HA   . LYS E 1 15 ? 3.350   -24.346 8.351   1.00 100.00 ? 311 LYS C HA   1 
ATOM 1595 H HB2  . LYS E 1 15 ? 3.093   -26.466 6.194   1.00 100.00 ? 311 LYS C HB2  1 
ATOM 1596 H HB3  . LYS E 1 15 ? 3.798   -26.707 7.795   1.00 100.00 ? 311 LYS C HB3  1 
ATOM 1597 H HG2  . LYS E 1 15 ? 1.642   -26.020 8.836   1.00 100.00 ? 311 LYS C HG2  1 
ATOM 1598 H HG3  . LYS E 1 15 ? 0.910   -25.988 7.216   1.00 100.00 ? 311 LYS C HG3  1 
ATOM 1599 H HD2  . LYS E 1 15 ? 1.597   -28.380 6.918   1.00 100.00 ? 311 LYS C HD2  1 
ATOM 1600 H HD3  . LYS E 1 15 ? 2.239   -28.376 8.571   1.00 100.00 ? 311 LYS C HD3  1 
ATOM 1601 H HE2  . LYS E 1 15 ? -0.031  -27.783 9.416   1.00 100.00 ? 311 LYS C HE2  1 
ATOM 1602 H HE3  . LYS E 1 15 ? -0.652  -27.881 7.766   1.00 100.00 ? 311 LYS C HE3  1 
ATOM 1603 H HZ1  . LYS E 1 15 ? -1.005  -29.970 8.954   1.00 100.00 ? 311 LYS C HZ1  1 
ATOM 1604 H HZ2  . LYS E 1 15 ? 0.038   -30.220 7.734   1.00 100.00 ? 311 LYS C HZ2  1 
ATOM 1605 H HZ3  . LYS E 1 15 ? 0.588   -30.125 9.260   1.00 100.00 ? 311 LYS C HZ3  1 
ATOM 1606 N N    . PRO E 1 16 ? 5.437   -23.166 6.923   1.00 100.00 ? 312 PRO C N    1 
ATOM 1607 C CA   . PRO E 1 16 ? 6.857   -22.944 6.708   1.00 100.00 ? 312 PRO C CA   1 
ATOM 1608 C C    . PRO E 1 16 ? 7.670   -23.431 7.906   1.00 100.00 ? 312 PRO C C    1 
ATOM 1609 O O    . PRO E 1 16 ? 7.246   -23.317 9.052   1.00 100.00 ? 312 PRO C O    1 
ATOM 1610 C CB   . PRO E 1 16 ? 7.012   -21.445 6.483   1.00 100.00 ? 312 PRO C CB   1 
ATOM 1611 C CG   . PRO E 1 16 ? 5.880   -20.870 7.314   1.00 100.00 ? 312 PRO C CG   1 
ATOM 1612 C CD   . PRO E 1 16 ? 4.766   -21.905 7.174   1.00 100.00 ? 312 PRO C CD   1 
ATOM 1613 H HA   . PRO E 1 16 ? 7.190   -23.472 5.815   1.00 100.00 ? 312 PRO C HA   1 
ATOM 1614 H HB2  . PRO E 1 16 ? 7.982   -21.071 6.806   1.00 100.00 ? 312 PRO C HB2  1 
ATOM 1615 H HB3  . PRO E 1 16 ? 6.845   -21.214 5.431   1.00 100.00 ? 312 PRO C HB3  1 
ATOM 1616 H HG2  . PRO E 1 16 ? 6.213   -20.813 8.351   1.00 100.00 ? 312 PRO C HG2  1 
ATOM 1617 H HG3  . PRO E 1 16 ? 5.569   -19.890 6.956   1.00 100.00 ? 312 PRO C HG3  1 
ATOM 1618 H HD2  . PRO E 1 16 ? 4.162   -21.942 8.081   1.00 100.00 ? 312 PRO C HD2  1 
ATOM 1619 H HD3  . PRO E 1 16 ? 4.142   -21.648 6.319   1.00 100.00 ? 312 PRO C HD3  1 
ATOM 1620 N N    . VAL E 1 17 ? 8.865   -23.938 7.639   1.00 100.00 ? 313 VAL C N    1 
ATOM 1621 C CA   . VAL E 1 17 ? 9.839   -24.347 8.648   1.00 100.00 ? 313 VAL C CA   1 
ATOM 1622 C C    . VAL E 1 17 ? 11.160  -23.668 8.326   1.00 100.00 ? 313 VAL C C    1 
ATOM 1623 O O    . VAL E 1 17 ? 11.619  -23.750 7.192   1.00 100.00 ? 313 VAL C O    1 
ATOM 1624 C CB   . VAL E 1 17 ? 9.987   -25.880 8.672   1.00 100.00 ? 313 VAL C CB   1 
ATOM 1625 C CG1  . VAL E 1 17 ? 11.101  -26.338 9.610   1.00 100.00 ? 313 VAL C CG1  1 
ATOM 1626 C CG2  . VAL E 1 17 ? 8.694   -26.564 9.119   1.00 100.00 ? 313 VAL C CG2  1 
ATOM 1627 H H    . VAL E 1 17 ? 9.154   -23.985 6.673   1.00 100.00 ? 313 VAL C H    1 
ATOM 1628 H HA   . VAL E 1 17 ? 9.516   -24.023 9.637   1.00 100.00 ? 313 VAL C HA   1 
ATOM 1629 H HB   . VAL E 1 17 ? 10.228  -26.229 7.668   1.00 100.00 ? 313 VAL C HB   1 
ATOM 1630 H HG11 . VAL E 1 17 ? 11.148  -27.426 9.624   1.00 100.00 ? 313 VAL C HG11 1 
ATOM 1631 H HG12 . VAL E 1 17 ? 12.062  -25.966 9.260   1.00 100.00 ? 313 VAL C HG12 1 
ATOM 1632 H HG13 . VAL E 1 17 ? 10.915  -25.974 10.619  1.00 100.00 ? 313 VAL C HG13 1 
ATOM 1633 H HG21 . VAL E 1 17 ? 7.885   -26.327 8.430   1.00 100.00 ? 313 VAL C HG21 1 
ATOM 1634 H HG22 . VAL E 1 17 ? 8.833   -27.644 9.122   1.00 100.00 ? 313 VAL C HG22 1 
ATOM 1635 H HG23 . VAL E 1 17 ? 8.418   -26.234 10.119  1.00 100.00 ? 313 VAL C HG23 1 
ATOM 1636 N N    . ASP E 1 18 ? 11.792  -23.010 9.288   1.00 100.00 ? 314 ASP C N    1 
ATOM 1637 C CA   . ASP E 1 18 ? 13.062  -22.323 9.070   1.00 100.00 ? 314 ASP C CA   1 
ATOM 1638 C C    . ASP E 1 18 ? 14.185  -22.942 9.905   1.00 100.00 ? 314 ASP C C    1 
ATOM 1639 O O    . ASP E 1 18 ? 14.139  -22.910 11.132  1.00 100.00 ? 314 ASP C O    1 
ATOM 1640 C CB   . ASP E 1 18 ? 12.882  -20.825 9.338   1.00 100.00 ? 314 ASP C CB   1 
ATOM 1641 C CG   . ASP E 1 18 ? 14.066  -19.996 8.831   1.00 100.00 ? 314 ASP C CG   1 
ATOM 1642 O OD1  . ASP E 1 18 ? 15.144  -20.570 8.558   1.00 100.00 ? 314 ASP C OD1  1 
ATOM 1643 O OD2  . ASP E 1 18 ? 13.882  -18.779 8.604   1.00 100.00 ? 314 ASP C OD2  1 
ATOM 1644 H H    . ASP E 1 18 ? 11.362  -22.947 10.199  1.00 100.00 ? 314 ASP C H    1 
ATOM 1645 H HA   . ASP E 1 18 ? 13.347  -22.414 8.022   1.00 100.00 ? 314 ASP C HA   1 
ATOM 1646 H HB2  . ASP E 1 18 ? 11.981  -20.487 8.827   1.00 100.00 ? 314 ASP C HB2  1 
ATOM 1647 H HB3  . ASP E 1 18 ? 12.747  -20.655 10.405  1.00 100.00 ? 314 ASP C HB3  1 
ATOM 1648 N N    . LEU E 1 19 ? 15.187  -23.520 9.233   1.00 100.00 ? 315 LEU C N    1 
ATOM 1649 C CA   . LEU E 1 19 ? 16.355  -24.165 9.840   1.00 100.00 ? 315 LEU C CA   1 
ATOM 1650 C C    . LEU E 1 19 ? 17.658  -23.381 9.588   1.00 100.00 ? 315 LEU C C    1 
ATOM 1651 O O    . LEU E 1 19 ? 18.749  -23.947 9.664   1.00 100.00 ? 315 LEU C O    1 
ATOM 1652 C CB   . LEU E 1 19 ? 16.469  -25.623 9.352   1.00 100.00 ? 315 LEU C CB   1 
ATOM 1653 C CG   . LEU E 1 19 ? 15.189  -26.470 9.364   1.00 100.00 ? 315 LEU C CG   1 
ATOM 1654 C CD1  . LEU E 1 19 ? 15.518  -27.916 9.003   1.00 100.00 ? 315 LEU C CD1  1 
ATOM 1655 C CD2  . LEU E 1 19 ? 14.546  -26.514 10.740  1.00 100.00 ? 315 LEU C CD2  1 
ATOM 1656 H H    . LEU E 1 19 ? 15.150  -23.488 8.225   1.00 100.00 ? 315 LEU C H    1 
ATOM 1657 H HA   . LEU E 1 19 ? 16.219  -24.189 10.921  1.00 100.00 ? 315 LEU C HA   1 
ATOM 1658 H HB2  . LEU E 1 19 ? 16.845  -25.614 8.330   1.00 100.00 ? 315 LEU C HB2  1 
ATOM 1659 H HB3  . LEU E 1 19 ? 17.213  -26.122 9.971   1.00 100.00 ? 315 LEU C HB3  1 
ATOM 1660 H HG   . LEU E 1 19 ? 14.475  -26.079 8.640   1.00 100.00 ? 315 LEU C HG   1 
ATOM 1661 H HD11 . LEU E 1 19 ? 14.608  -28.512 8.981   1.00 100.00 ? 315 LEU C HD11 1 
ATOM 1662 H HD12 . LEU E 1 19 ? 16.210  -28.338 9.729   1.00 100.00 ? 315 LEU C HD12 1 
ATOM 1663 H HD13 . LEU E 1 19 ? 15.976  -27.945 8.016   1.00 100.00 ? 315 LEU C HD13 1 
ATOM 1664 H HD21 . LEU E 1 19 ? 13.718  -27.221 10.740  1.00 100.00 ? 315 LEU C HD21 1 
ATOM 1665 H HD22 . LEU E 1 19 ? 14.153  -25.532 10.999  1.00 100.00 ? 315 LEU C HD22 1 
ATOM 1666 H HD23 . LEU E 1 19 ? 15.286  -26.816 11.480  1.00 100.00 ? 315 LEU C HD23 1 
ATOM 1667 N N    . SER E 1 20 ? 17.567  -22.094 9.245   1.00 100.00 ? 316 SER C N    1 
ATOM 1668 C CA   . SER E 1 20 ? 18.718  -21.239 8.927   1.00 100.00 ? 316 SER C CA   1 
ATOM 1669 C C    . SER E 1 20 ? 19.794  -21.193 10.017  1.00 100.00 ? 316 SER C C    1 
ATOM 1670 O O    . SER E 1 20 ? 19.491  -21.201 11.210  1.00 100.00 ? 316 SER C O    1 
ATOM 1671 C CB   . SER E 1 20 ? 18.264  -19.807 8.641   1.00 100.00 ? 316 SER C CB   1 
ATOM 1672 O OG   . SER E 1 20 ? 17.353  -19.778 7.563   1.00 100.00 ? 316 SER C OG   1 
ATOM 1673 H H    . SER E 1 20 ? 16.647  -21.687 9.169   1.00 100.00 ? 316 SER C H    1 
ATOM 1674 H HA   . SER E 1 20 ? 19.182  -21.627 8.021   1.00 100.00 ? 316 SER C HA   1 
ATOM 1675 H HB2  . SER E 1 20 ? 17.784  -19.393 9.526   1.00 100.00 ? 316 SER C HB2  1 
ATOM 1676 H HB3  . SER E 1 20 ? 19.128  -19.195 8.390   1.00 100.00 ? 316 SER C HB3  1 
ATOM 1677 H HG   . SER E 1 20 ? 16.507  -20.062 7.912   1.00 100.00 ? 316 SER C HG   1 
ATOM 1678 N N    . LYS E 1 21 ? 21.059  -21.084 9.596   1.00 100.00 ? 317 LYS C N    1 
ATOM 1679 C CA   . LYS E 1 21 ? 22.239  -20.932 10.463  1.00 100.00 ? 317 LYS C CA   1 
ATOM 1680 C C    . LYS E 1 21 ? 23.018  -19.670 10.111  1.00 100.00 ? 317 LYS C C    1 
ATOM 1681 O O    . LYS E 1 21 ? 23.250  -19.400 8.933   1.00 100.00 ? 317 LYS C O    1 
ATOM 1682 C CB   . LYS E 1 21 ? 23.163  -22.148 10.323  1.00 100.00 ? 317 LYS C CB   1 
ATOM 1683 C CG   . LYS E 1 21 ? 22.525  -23.463 10.780  1.00 100.00 ? 317 LYS C CG   1 
ATOM 1684 C CD   . LYS E 1 21 ? 23.533  -24.603 10.608  1.00 100.00 ? 317 LYS C CD   1 
ATOM 1685 C CE   . LYS E 1 21 ? 22.910  -25.934 11.027  1.00 100.00 ? 317 LYS C CE   1 
ATOM 1686 N NZ   . LYS E 1 21 ? 23.876  -27.046 10.878  1.00 100.00 ? 317 LYS C NZ   1 
ATOM 1687 H H    . LYS E 1 21 ? 21.218  -21.061 8.601   1.00 100.00 ? 317 LYS C H    1 
ATOM 1688 H HA   . LYS E 1 21 ? 21.927  -20.856 11.505  1.00 100.00 ? 317 LYS C HA   1 
ATOM 1689 H HB2  . LYS E 1 21 ? 23.471  -22.244 9.282   1.00 100.00 ? 317 LYS C HB2  1 
ATOM 1690 H HB3  . LYS E 1 21 ? 24.056  -21.976 10.923  1.00 100.00 ? 317 LYS C HB3  1 
ATOM 1691 H HG2  . LYS E 1 21 ? 22.238  -23.382 11.827  1.00 100.00 ? 317 LYS C HG2  1 
ATOM 1692 H HG3  . LYS E 1 21 ? 21.640  -23.673 10.180  1.00 100.00 ? 317 LYS C HG3  1 
ATOM 1693 H HD2  . LYS E 1 21 ? 23.835  -24.661 9.563   1.00 100.00 ? 317 LYS C HD2  1 
ATOM 1694 H HD3  . LYS E 1 21 ? 24.409  -24.400 11.223  1.00 100.00 ? 317 LYS C HD3  1 
ATOM 1695 H HE2  . LYS E 1 21 ? 22.582  -25.858 12.062  1.00 100.00 ? 317 LYS C HE2  1 
ATOM 1696 H HE3  . LYS E 1 21 ? 22.031  -26.116 10.409  1.00 100.00 ? 317 LYS C HE3  1 
ATOM 1697 H HZ1  . LYS E 1 21 ? 23.462  -27.928 11.140  1.00 100.00 ? 317 LYS C HZ1  1 
ATOM 1698 H HZ2  . LYS E 1 21 ? 24.691  -26.899 11.453  1.00 100.00 ? 317 LYS C HZ2  1 
ATOM 1699 H HZ3  . LYS E 1 21 ? 24.186  -27.126 9.921   1.00 100.00 ? 317 LYS C HZ3  1 
ATOM 1700 N N    . VAL E 1 22 ? 23.462  -18.932 11.124  1.00 68.04  ? 318 VAL C N    1 
ATOM 1701 C CA   . VAL E 1 22 ? 24.337  -17.750 10.999  1.00 68.04  ? 318 VAL C CA   1 
ATOM 1702 C C    . VAL E 1 22 ? 25.512  -17.823 11.975  1.00 68.04  ? 318 VAL C C    1 
ATOM 1703 O O    . VAL E 1 22 ? 25.325  -18.049 13.172  1.00 68.04  ? 318 VAL C O    1 
ATOM 1704 C CB   . VAL E 1 22 ? 23.539  -16.444 11.177  1.00 68.04  ? 318 VAL C CB   1 
ATOM 1705 C CG1  . VAL E 1 22 ? 24.447  -15.214 11.078  1.00 68.04  ? 318 VAL C CG1  1 
ATOM 1706 C CG2  . VAL E 1 22 ? 22.449  -16.306 10.109  1.00 68.04  ? 318 VAL C CG2  1 
ATOM 1707 H H    . VAL E 1 22 ? 23.157  -19.187 12.050  1.00 68.04  ? 318 VAL C H    1 
ATOM 1708 H HA   . VAL E 1 22 ? 24.775  -17.733 10.002  1.00 68.04  ? 318 VAL C HA   1 
ATOM 1709 H HB   . VAL E 1 22 ? 23.064  -16.440 12.157  1.00 68.04  ? 318 VAL C HB   1 
ATOM 1710 H HG11 . VAL E 1 22 ? 23.847  -14.310 11.155  1.00 68.04  ? 318 VAL C HG11 1 
ATOM 1711 H HG12 . VAL E 1 22 ? 24.973  -15.209 10.125  1.00 68.04  ? 318 VAL C HG12 1 
ATOM 1712 H HG13 . VAL E 1 22 ? 25.167  -15.201 11.895  1.00 68.04  ? 318 VAL C HG13 1 
ATOM 1713 H HG21 . VAL E 1 22 ? 21.708  -17.096 10.224  1.00 68.04  ? 318 VAL C HG21 1 
ATOM 1714 H HG22 . VAL E 1 22 ? 22.886  -16.359 9.112   1.00 68.04  ? 318 VAL C HG22 1 
ATOM 1715 H HG23 . VAL E 1 22 ? 21.938  -15.351 10.229  1.00 68.04  ? 318 VAL C HG23 1 
ATOM 1716 N N    . ILE F 1 1  ? 11.282  -14.845 0.491   1.00 100.00 ? 297 ILE D N    1 
ATOM 1717 C CA   . ILE F 1 1  ? 9.857   -14.721 0.070   1.00 100.00 ? 297 ILE D CA   1 
ATOM 1718 C C    . ILE F 1 1  ? 9.371   -13.282 0.260   1.00 100.00 ? 297 ILE D C    1 
ATOM 1719 O O    . ILE F 1 1  ? 9.280   -12.819 1.398   1.00 100.00 ? 297 ILE D O    1 
ATOM 1720 C CB   . ILE F 1 1  ? 8.922   -15.707 0.809   1.00 100.00 ? 297 ILE D CB   1 
ATOM 1721 C CG1  . ILE F 1 1  ? 9.320   -17.181 0.583   1.00 100.00 ? 297 ILE D CG1  1 
ATOM 1722 C CG2  . ILE F 1 1  ? 7.459   -15.517 0.372   1.00 100.00 ? 297 ILE D CG2  1 
ATOM 1723 C CD1  . ILE F 1 1  ? 8.583   -18.175 1.490   1.00 100.00 ? 297 ILE D CD1  1 
ATOM 1724 H H1   . ILE F 1 1  ? 11.613  -15.786 0.352   1.00 100.00 ? 297 ILE D H1   1 
ATOM 1725 H H2   . ILE F 1 1  ? 11.871  -14.234 -0.050  1.00 100.00 ? 297 ILE D H2   1 
ATOM 1726 H H3   . ILE F 1 1  ? 11.399  -14.607 1.463   1.00 100.00 ? 297 ILE D H3   1 
ATOM 1727 H HA   . ILE F 1 1  ? 9.785   -14.953 -0.992  1.00 100.00 ? 297 ILE D HA   1 
ATOM 1728 H HB   . ILE F 1 1  ? 8.985   -15.503 1.877   1.00 100.00 ? 297 ILE D HB   1 
ATOM 1729 H HG12 . ILE F 1 1  ? 9.138   -17.455 -0.455  1.00 100.00 ? 297 ILE D HG12 1 
ATOM 1730 H HG13 . ILE F 1 1  ? 10.382  -17.310 0.781   1.00 100.00 ? 297 ILE D HG13 1 
ATOM 1731 H HG21 . ILE F 1 1  ? 6.800   -16.178 0.930   1.00 100.00 ? 297 ILE D HG21 1 
ATOM 1732 H HG22 . ILE F 1 1  ? 7.115   -14.503 0.563   1.00 100.00 ? 297 ILE D HG22 1 
ATOM 1733 H HG23 . ILE F 1 1  ? 7.351   -15.732 -0.689  1.00 100.00 ? 297 ILE D HG23 1 
ATOM 1734 H HD11 . ILE F 1 1  ? 9.016   -19.163 1.358   1.00 100.00 ? 297 ILE D HD11 1 
ATOM 1735 H HD12 . ILE F 1 1  ? 7.530   -18.233 1.236   1.00 100.00 ? 297 ILE D HD12 1 
ATOM 1736 H HD13 . ILE F 1 1  ? 8.692   -17.887 2.531   1.00 100.00 ? 297 ILE D HD13 1 
ATOM 1737 N N    . LYS F 1 2  ? 9.041   -12.579 -0.827  1.00 100.00 ? 298 LYS D N    1 
ATOM 1738 C CA   . LYS F 1 2  ? 8.439   -11.230 -0.847  1.00 100.00 ? 298 LYS D CA   1 
ATOM 1739 C C    . LYS F 1 2  ? 7.228   -11.201 -1.768  1.00 100.00 ? 298 LYS D C    1 
ATOM 1740 O O    . LYS F 1 2  ? 7.249   -11.868 -2.794  1.00 100.00 ? 298 LYS D O    1 
ATOM 1741 C CB   . LYS F 1 2  ? 9.439   -10.175 -1.346  1.00 100.00 ? 298 LYS D CB   1 
ATOM 1742 C CG   . LYS F 1 2  ? 10.753  -10.146 -0.564  1.00 100.00 ? 298 LYS D CG   1 
ATOM 1743 C CD   . LYS F 1 2  ? 11.587  -8.894  -0.861  1.00 100.00 ? 298 LYS D CD   1 
ATOM 1744 C CE   . LYS F 1 2  ? 11.974  -8.789  -2.339  1.00 100.00 ? 298 LYS D CE   1 
ATOM 1745 N NZ   . LYS F 1 2  ? 12.826  -7.604  -2.600  1.00 100.00 ? 298 LYS D NZ   1 
ATOM 1746 H H    . LYS F 1 2  ? 9.117   -13.034 -1.724  1.00 100.00 ? 298 LYS D H    1 
ATOM 1747 H HA   . LYS F 1 2  ? 8.104   -10.962 0.154   1.00 100.00 ? 298 LYS D HA   1 
ATOM 1748 H HB2  . LYS F 1 2  ? 9.658   -10.361 -2.396  1.00 100.00 ? 298 LYS D HB2  1 
ATOM 1749 H HB3  . LYS F 1 2  ? 8.965   -9.197  -1.268  1.00 100.00 ? 298 LYS D HB3  1 
ATOM 1750 H HG2  . LYS F 1 2  ? 10.527  -10.162 0.501   1.00 100.00 ? 298 LYS D HG2  1 
ATOM 1751 H HG3  . LYS F 1 2  ? 11.342  -11.030 -0.807  1.00 100.00 ? 298 LYS D HG3  1 
ATOM 1752 H HD2  . LYS F 1 2  ? 11.017  -8.010  -0.574  1.00 100.00 ? 298 LYS D HD2  1 
ATOM 1753 H HD3  . LYS F 1 2  ? 12.494  -8.938  -0.257  1.00 100.00 ? 298 LYS D HD3  1 
ATOM 1754 H HE2  . LYS F 1 2  ? 12.504  -9.695  -2.625  1.00 100.00 ? 298 LYS D HE2  1 
ATOM 1755 H HE3  . LYS F 1 2  ? 11.067  -8.729  -2.939  1.00 100.00 ? 298 LYS D HE3  1 
ATOM 1756 H HZ1  . LYS F 1 2  ? 13.073  -7.549  -3.575  1.00 100.00 ? 298 LYS D HZ1  1 
ATOM 1757 H HZ2  . LYS F 1 2  ? 13.686  -7.647  -2.075  1.00 100.00 ? 298 LYS D HZ2  1 
ATOM 1758 H HZ3  . LYS F 1 2  ? 12.353  -6.748  -2.359  1.00 100.00 ? 298 LYS D HZ3  1 
ATOM 1759 N N    . HIS F 1 3  ? 6.210   -10.404 -1.465  1.00 100.00 ? 299 HIS D N    1 
ATOM 1760 C CA   . HIS F 1 3  ? 5.137   -10.048 -2.402  1.00 100.00 ? 299 HIS D CA   1 
ATOM 1761 C C    . HIS F 1 3  ? 4.950   -8.533  -2.395  1.00 100.00 ? 299 HIS D C    1 
ATOM 1762 O O    . HIS F 1 3  ? 4.837   -7.944  -1.326  1.00 100.00 ? 299 HIS D O    1 
ATOM 1763 C CB   . HIS F 1 3  ? 3.872   -10.829 -2.031  1.00 100.00 ? 299 HIS D CB   1 
ATOM 1764 C CG   . HIS F 1 3  ? 2.719   -10.655 -2.977  1.00 100.00 ? 299 HIS D CG   1 
ATOM 1765 N ND1  . HIS F 1 3  ? 2.813   -10.365 -4.336  1.00 100.00 ? 299 HIS D ND1  1 
ATOM 1766 C CD2  . HIS F 1 3  ? 1.420   -10.916 -2.678  1.00 100.00 ? 299 HIS D CD2  1 
ATOM 1767 C CE1  . HIS F 1 3  ? 1.558   -10.432 -4.811  1.00 100.00 ? 299 HIS D CE1  1 
ATOM 1768 N NE2  . HIS F 1 3  ? 0.705   -10.765 -3.837  1.00 100.00 ? 299 HIS D NE2  1 
ATOM 1769 H H    . HIS F 1 3  ? 6.226   -9.928  -0.575  1.00 100.00 ? 299 HIS D H    1 
ATOM 1770 H HA   . HIS F 1 3  ? 5.420   -10.340 -3.414  1.00 100.00 ? 299 HIS D HA   1 
ATOM 1771 H HB2  . HIS F 1 3  ? 4.115   -11.890 -2.006  1.00 100.00 ? 299 HIS D HB2  1 
ATOM 1772 H HB3  . HIS F 1 3  ? 3.550   -10.538 -1.032  1.00 100.00 ? 299 HIS D HB3  1 
ATOM 1773 H HD2  . HIS F 1 3  ? 1.035   -11.222 -1.718  1.00 100.00 ? 299 HIS D HD2  1 
ATOM 1774 H HE1  . HIS F 1 3  ? 1.283   -10.283 -5.844  1.00 100.00 ? 299 HIS D HE1  1 
ATOM 1775 H HE2  . HIS F 1 3  ? -0.276  -10.968 -3.956  1.00 100.00 ? 299 HIS D HE2  1 
ATOM 1776 N N    . VAL F 1 4  ? 5.009   -7.870  -3.550  1.00 100.00 ? 300 VAL D N    1 
ATOM 1777 C CA   . VAL F 1 4  ? 5.131   -6.401  -3.634  1.00 100.00 ? 300 VAL D CA   1 
ATOM 1778 C C    . VAL F 1 4  ? 4.253   -5.811  -4.750  1.00 100.00 ? 300 VAL D C    1 
ATOM 1779 O O    . VAL F 1 4  ? 4.756   -5.129  -5.640  1.00 100.00 ? 300 VAL D O    1 
ATOM 1780 C CB   . VAL F 1 4  ? 6.615   -5.973  -3.758  1.00 100.00 ? 300 VAL D CB   1 
ATOM 1781 C CG1  . VAL F 1 4  ? 6.802   -4.490  -3.446  1.00 100.00 ? 300 VAL D CG1  1 
ATOM 1782 C CG2  . VAL F 1 4  ? 7.571   -6.720  -2.819  1.00 100.00 ? 300 VAL D CG2  1 
ATOM 1783 H H    . VAL F 1 4  ? 5.078   -8.406  -4.401  1.00 100.00 ? 300 VAL D H    1 
ATOM 1784 H HA   . VAL F 1 4  ? 4.756   -5.969  -2.707  1.00 100.00 ? 300 VAL D HA   1 
ATOM 1785 H HB   . VAL F 1 4  ? 6.953   -6.159  -4.777  1.00 100.00 ? 300 VAL D HB   1 
ATOM 1786 H HG11 . VAL F 1 4  ? 6.077   -3.883  -3.983  1.00 100.00 ? 300 VAL D HG11 1 
ATOM 1787 H HG12 . VAL F 1 4  ? 6.662   -4.305  -2.384  1.00 100.00 ? 300 VAL D HG12 1 
ATOM 1788 H HG13 . VAL F 1 4  ? 7.804   -4.178  -3.731  1.00 100.00 ? 300 VAL D HG13 1 
ATOM 1789 H HG21 . VAL F 1 4  ? 7.618   -7.774  -3.087  1.00 100.00 ? 300 VAL D HG21 1 
ATOM 1790 H HG22 . VAL F 1 4  ? 8.574   -6.307  -2.918  1.00 100.00 ? 300 VAL D HG22 1 
ATOM 1791 H HG23 . VAL F 1 4  ? 7.242   -6.616  -1.786  1.00 100.00 ? 300 VAL D HG23 1 
ATOM 1792 N N    . PRO F 1 5  ? 2.940   -6.090  -4.801  1.00 100.00 ? 301 PRO D N    1 
ATOM 1793 C CA   . PRO F 1 5  ? 2.142   -5.718  -5.956  1.00 100.00 ? 301 PRO D CA   1 
ATOM 1794 C C    . PRO F 1 5  ? 1.917   -4.213  -6.008  1.00 100.00 ? 301 PRO D C    1 
ATOM 1795 O O    . PRO F 1 5  ? 1.618   -3.576  -5.004  1.00 100.00 ? 301 PRO D O    1 
ATOM 1796 C CB   . PRO F 1 5  ? 0.848   -6.516  -5.835  1.00 100.00 ? 301 PRO D CB   1 
ATOM 1797 C CG   . PRO F 1 5  ? 0.699   -6.688  -4.336  1.00 100.00 ? 301 PRO D CG   1 
ATOM 1798 C CD   . PRO F 1 5  ? 2.138   -6.833  -3.854  1.00 100.00 ? 301 PRO D CD   1 
ATOM 1799 H HA   . PRO F 1 5  ? 2.650   -6.029  -6.869  1.00 100.00 ? 301 PRO D HA   1 
ATOM 1800 H HB2  . PRO F 1 5  ? -0.003  -5.993  -6.271  1.00 100.00 ? 301 PRO D HB2  1 
ATOM 1801 H HB3  . PRO F 1 5  ? 0.977   -7.492  -6.302  1.00 100.00 ? 301 PRO D HB3  1 
ATOM 1802 H HG2  . PRO F 1 5  ? 0.245   -5.788  -3.922  1.00 100.00 ? 301 PRO D HG2  1 
ATOM 1803 H HG3  . PRO F 1 5  ? 0.111   -7.573  -4.099  1.00 100.00 ? 301 PRO D HG3  1 
ATOM 1804 H HD2  . PRO F 1 5  ? 2.249   -6.453  -2.840  1.00 100.00 ? 301 PRO D HD2  1 
ATOM 1805 H HD3  . PRO F 1 5  ? 2.412   -7.887  -3.884  1.00 100.00 ? 301 PRO D HD3  1 
ATOM 1806 N N    . GLY F 1 6  ? 2.088   -3.627  -7.185  1.00 100.00 ? 302 GLY D N    1 
ATOM 1807 C CA   . GLY F 1 6  ? 2.076   -2.183  -7.388  1.00 100.00 ? 302 GLY D CA   1 
ATOM 1808 C C    . GLY F 1 6  ? 3.294   -1.461  -6.814  1.00 100.00 ? 302 GLY D C    1 
ATOM 1809 O O    . GLY F 1 6  ? 3.292   -0.234  -6.744  1.00 100.00 ? 302 GLY D O    1 
ATOM 1810 H H    . GLY F 1 6  ? 2.306   -4.210  -7.978  1.00 100.00 ? 302 GLY D H    1 
ATOM 1811 H HA2  . GLY F 1 6  ? 2.042   -1.979  -8.458  1.00 100.00 ? 302 GLY D HA2  1 
ATOM 1812 H HA3  . GLY F 1 6  ? 1.179   -1.769  -6.929  1.00 100.00 ? 302 GLY D HA3  1 
ATOM 1813 N N    . GLY F 1 7  ? 4.340   -2.179  -6.409  1.00 100.00 ? 303 GLY D N    1 
ATOM 1814 C CA   . GLY F 1 7  ? 5.485   -1.576  -5.734  1.00 100.00 ? 303 GLY D CA   1 
ATOM 1815 C C    . GLY F 1 7  ? 6.261   -0.628  -6.634  1.00 100.00 ? 303 GLY D C    1 
ATOM 1816 O O    . GLY F 1 7  ? 6.496   -0.915  -7.803  1.00 100.00 ? 303 GLY D O    1 
ATOM 1817 H H    . GLY F 1 7  ? 4.313   -3.185  -6.491  1.00 100.00 ? 303 GLY D H    1 
ATOM 1818 H HA2  . GLY F 1 7  ? 5.132   -1.049  -4.848  1.00 100.00 ? 303 GLY D HA2  1 
ATOM 1819 H HA3  . GLY F 1 7  ? 6.178   -2.357  -5.423  1.00 100.00 ? 303 GLY D HA3  1 
ATOM 1820 N N    . GLY F 1 8  ? 6.679   0.511   -6.095  1.00 100.00 ? 304 GLY D N    1 
ATOM 1821 C CA   . GLY F 1 8  ? 7.435   1.524   -6.833  1.00 100.00 ? 304 GLY D CA   1 
ATOM 1822 C C    . GLY F 1 8  ? 6.625   2.270   -7.900  1.00 100.00 ? 304 GLY D C    1 
ATOM 1823 O O    . GLY F 1 8  ? 7.203   3.006   -8.692  1.00 100.00 ? 304 GLY D O    1 
ATOM 1824 H H    . GLY F 1 8  ? 6.490   0.667   -5.115  1.00 100.00 ? 304 GLY D H    1 
ATOM 1825 H HA2  . GLY F 1 8  ? 7.813   2.264   -6.127  1.00 100.00 ? 304 GLY D HA2  1 
ATOM 1826 H HA3  . GLY F 1 8  ? 8.288   1.053   -7.319  1.00 100.00 ? 304 GLY D HA3  1 
ATOM 1827 N N    . SER F 1 9  ? 5.302   2.103   -7.949  1.00 100.00 ? 305 SER D N    1 
ATOM 1828 C CA   . SER F 1 9  ? 4.464   2.670   -9.010  1.00 100.00 ? 305 SER D CA   1 
ATOM 1829 C C    . SER F 1 9  ? 4.279   4.184   -8.871  1.00 100.00 ? 305 SER D C    1 
ATOM 1830 O O    . SER F 1 9  ? 4.061   4.683   -7.768  1.00 100.00 ? 305 SER D O    1 
ATOM 1831 C CB   . SER F 1 9  ? 3.109   1.964   -8.963  1.00 100.00 ? 305 SER D CB   1 
ATOM 1832 O OG   . SER F 1 9  ? 2.278   2.364   -10.022 1.00 100.00 ? 305 SER D OG   1 
ATOM 1833 H H    . SER F 1 9  ? 4.879   1.456   -7.298  1.00 100.00 ? 305 SER D H    1 
ATOM 1834 H HA   . SER F 1 9  ? 4.928   2.460   -9.974  1.00 100.00 ? 305 SER D HA   1 
ATOM 1835 H HB2  . SER F 1 9  ? 3.263   0.888   -9.029  1.00 100.00 ? 305 SER D HB2  1 
ATOM 1836 H HB3  . SER F 1 9  ? 2.617   2.190   -8.017  1.00 100.00 ? 305 SER D HB3  1 
ATOM 1837 H HG   . SER F 1 9  ? 2.482   1.829   -10.788 1.00 100.00 ? 305 SER D HG   1 
ATOM 1838 N N    . VAL F 1 10 ? 4.258   4.911   -9.990  1.00 100.00 ? 306 VAL D N    1 
ATOM 1839 C CA   . VAL F 1 10 ? 4.215   6.380   -10.046 1.00 100.00 ? 306 VAL D CA   1 
ATOM 1840 C C    . VAL F 1 10 ? 3.050   6.856   -10.906 1.00 100.00 ? 306 VAL D C    1 
ATOM 1841 O O    . VAL F 1 10 ? 2.776   6.283   -11.956 1.00 100.00 ? 306 VAL D O    1 
ATOM 1842 C CB   . VAL F 1 10 ? 5.538   6.953   -10.589 1.00 100.00 ? 306 VAL D CB   1 
ATOM 1843 C CG1  . VAL F 1 10 ? 5.522   8.478   -10.669 1.00 100.00 ? 306 VAL D CG1  1 
ATOM 1844 C CG2  . VAL F 1 10 ? 6.738   6.548   -9.733  1.00 100.00 ? 306 VAL D CG2  1 
ATOM 1845 H H    . VAL F 1 10 ? 4.352   4.419   -10.866 1.00 100.00 ? 306 VAL D H    1 
ATOM 1846 H HA   . VAL F 1 10 ? 4.078   6.778   -9.041  1.00 100.00 ? 306 VAL D HA   1 
ATOM 1847 H HB   . VAL F 1 10 ? 5.699   6.566   -11.595 1.00 100.00 ? 306 VAL D HB   1 
ATOM 1848 H HG11 . VAL F 1 10 ? 6.501   8.843   -10.974 1.00 100.00 ? 306 VAL D HG11 1 
ATOM 1849 H HG12 . VAL F 1 10 ? 4.801   8.807   -11.416 1.00 100.00 ? 306 VAL D HG12 1 
ATOM 1850 H HG13 . VAL F 1 10 ? 5.272   8.902   -9.699  1.00 100.00 ? 306 VAL D HG13 1 
ATOM 1851 H HG21 . VAL F 1 10 ? 7.649   6.990   -10.135 1.00 100.00 ? 306 VAL D HG21 1 
ATOM 1852 H HG22 . VAL F 1 10 ? 6.600   6.888   -8.708  1.00 100.00 ? 306 VAL D HG22 1 
ATOM 1853 H HG23 . VAL F 1 10 ? 6.857   5.466   -9.741  1.00 100.00 ? 306 VAL D HG23 1 
ATOM 1854 N N    . GLN F 1 11 ? 2.406   7.949   -10.511 1.00 100.00 ? 307 GLN D N    1 
ATOM 1855 C CA   . GLN F 1 11 ? 1.532   8.744   -11.367 1.00 100.00 ? 307 GLN D CA   1 
ATOM 1856 C C    . GLN F 1 11 ? 1.940   10.211  -11.268 1.00 100.00 ? 307 GLN D C    1 
ATOM 1857 O O    . GLN F 1 11 ? 2.163   10.711  -10.172 1.00 100.00 ? 307 GLN D O    1 
ATOM 1858 C CB   . GLN F 1 11 ? 0.079   8.518   -10.939 1.00 100.00 ? 307 GLN D CB   1 
ATOM 1859 C CG   . GLN F 1 11 ? -0.885  9.514   -11.589 1.00 100.00 ? 307 GLN D CG   1 
ATOM 1860 C CD   . GLN F 1 11 ? -2.283  8.931   -11.641 1.00 100.00 ? 307 GLN D CD   1 
ATOM 1861 O OE1  . GLN F 1 11 ? -2.713  8.357   -12.626 1.00 100.00 ? 307 GLN D OE1  1 
ATOM 1862 N NE2  . GLN F 1 11 ? -3.067  9.053   -10.607 1.00 100.00 ? 307 GLN D NE2  1 
ATOM 1863 H H    . GLN F 1 11 ? 2.638   8.331   -9.605  1.00 100.00 ? 307 GLN D H    1 
ATOM 1864 H HA   . GLN F 1 11 ? 1.639   8.436   -12.407 1.00 100.00 ? 307 GLN D HA   1 
ATOM 1865 H HB2  . GLN F 1 11 ? -0.198  7.505   -11.227 1.00 100.00 ? 307 GLN D HB2  1 
ATOM 1866 H HB3  . GLN F 1 11 ? -0.011  8.603   -9.858  1.00 100.00 ? 307 GLN D HB3  1 
ATOM 1867 H HG2  . GLN F 1 11 ? -0.890  10.447  -11.028 1.00 100.00 ? 307 GLN D HG2  1 
ATOM 1868 H HG3  . GLN F 1 11 ? -0.568  9.720   -12.610 1.00 100.00 ? 307 GLN D HG3  1 
ATOM 1869 H HE21 . GLN F 1 11 ? -2.781  9.550   -9.777  1.00 100.00 ? 307 GLN D HE21 1 
ATOM 1870 H HE22 . GLN F 1 11 ? -3.935  8.536   -10.625 1.00 100.00 ? 307 GLN D HE22 1 
ATOM 1871 N N    . ILE F 1 12 ? 2.006   10.924  -12.385 1.00 100.00 ? 308 ILE D N    1 
ATOM 1872 C CA   . ILE F 1 12 ? 2.218   12.374  -12.413 1.00 100.00 ? 308 ILE D CA   1 
ATOM 1873 C C    . ILE F 1 12 ? 1.131   12.994  -13.284 1.00 100.00 ? 308 ILE D C    1 
ATOM 1874 O O    . ILE F 1 12 ? 0.911   12.529  -14.398 1.00 100.00 ? 308 ILE D O    1 
ATOM 1875 C CB   . ILE F 1 12 ? 3.642   12.729  -12.898 1.00 100.00 ? 308 ILE D CB   1 
ATOM 1876 C CG1  . ILE F 1 12 ? 4.702   12.021  -12.032 1.00 100.00 ? 308 ILE D CG1  1 
ATOM 1877 C CG2  . ILE F 1 12 ? 3.836   14.253  -12.881 1.00 100.00 ? 308 ILE D CG2  1 
ATOM 1878 C CD1  . ILE F 1 12 ? 6.152   12.367  -12.366 1.00 100.00 ? 308 ILE D CD1  1 
ATOM 1879 H H    . ILE F 1 12 ? 1.812   10.467  -13.264 1.00 100.00 ? 308 ILE D H    1 
ATOM 1880 H HA   . ILE F 1 12 ? 2.107   12.776  -11.407 1.00 100.00 ? 308 ILE D HA   1 
ATOM 1881 H HB   . ILE F 1 12 ? 3.757   12.386  -13.926 1.00 100.00 ? 308 ILE D HB   1 
ATOM 1882 H HG12 . ILE F 1 12 ? 4.527   12.251  -10.981 1.00 100.00 ? 308 ILE D HG12 1 
ATOM 1883 H HG13 . ILE F 1 12 ? 4.599   10.944  -12.166 1.00 100.00 ? 308 ILE D HG13 1 
ATOM 1884 H HG21 . ILE F 1 12 ? 4.804   14.516  -13.301 1.00 100.00 ? 308 ILE D HG21 1 
ATOM 1885 H HG22 . ILE F 1 12 ? 3.081   14.745  -13.491 1.00 100.00 ? 308 ILE D HG22 1 
ATOM 1886 H HG23 . ILE F 1 12 ? 3.774   14.627  -11.861 1.00 100.00 ? 308 ILE D HG23 1 
ATOM 1887 H HD11 . ILE F 1 12 ? 6.813   11.706  -11.807 1.00 100.00 ? 308 ILE D HD11 1 
ATOM 1888 H HD12 . ILE F 1 12 ? 6.331   12.225  -13.431 1.00 100.00 ? 308 ILE D HD12 1 
ATOM 1889 H HD13 . ILE F 1 12 ? 6.378   13.395  -12.087 1.00 100.00 ? 308 ILE D HD13 1 
ATOM 1890 N N    . VAL F 1 13 ? 0.453   14.032  -12.808 1.00 100.00 ? 309 VAL D N    1 
ATOM 1891 C CA   . VAL F 1 13 ? -0.483  14.829  -13.608 1.00 100.00 ? 309 VAL D CA   1 
ATOM 1892 C C    . VAL F 1 13 ? -0.078  16.289  -13.498 1.00 100.00 ? 309 VAL D C    1 
ATOM 1893 O O    . VAL F 1 13 ? -0.026  16.836  -12.403 1.00 100.00 ? 309 VAL D O    1 
ATOM 1894 C CB   . VAL F 1 13 ? -1.941  14.620  -13.172 1.00 100.00 ? 309 VAL D CB   1 
ATOM 1895 C CG1  . VAL F 1 13 ? -2.892  15.353  -14.119 1.00 100.00 ? 309 VAL D CG1  1 
ATOM 1896 C CG2  . VAL F 1 13 ? -2.336  13.142  -13.158 1.00 100.00 ? 309 VAL D CG2  1 
ATOM 1897 H H    . VAL F 1 13 ? 0.649   14.334  -11.864 1.00 100.00 ? 309 VAL D H    1 
ATOM 1898 H HA   . VAL F 1 13 ? -0.410  14.539  -14.656 1.00 100.00 ? 309 VAL D HA   1 
ATOM 1899 H HB   . VAL F 1 13 ? -2.081  15.014  -12.167 1.00 100.00 ? 309 VAL D HB   1 
ATOM 1900 H HG11 . VAL F 1 13 ? -3.921  15.208  -13.793 1.00 100.00 ? 309 VAL D HG11 1 
ATOM 1901 H HG12 . VAL F 1 13 ? -2.785  14.971  -15.133 1.00 100.00 ? 309 VAL D HG12 1 
ATOM 1902 H HG13 . VAL F 1 13 ? -2.679  16.421  -14.116 1.00 100.00 ? 309 VAL D HG13 1 
ATOM 1903 H HG21 . VAL F 1 13 ? -1.755  12.611  -12.407 1.00 100.00 ? 309 VAL D HG21 1 
ATOM 1904 H HG22 . VAL F 1 13 ? -2.159  12.697  -14.136 1.00 100.00 ? 309 VAL D HG22 1 
ATOM 1905 H HG23 . VAL F 1 13 ? -3.391  13.043  -12.904 1.00 100.00 ? 309 VAL D HG23 1 
ATOM 1906 N N    . TYR F 1 14 ? 0.222   16.949  -14.609 1.00 100.00 ? 310 TYR D N    1 
ATOM 1907 C CA   . TYR F 1 14 ? 0.801   18.289  -14.597 1.00 100.00 ? 310 TYR D CA   1 
ATOM 1908 C C    . TYR F 1 14 ? -0.202  19.342  -15.079 1.00 100.00 ? 310 TYR D C    1 
ATOM 1909 O O    . TYR F 1 14 ? -0.742  19.220  -16.174 1.00 100.00 ? 310 TYR D O    1 
ATOM 1910 C CB   . TYR F 1 14 ? 2.081   18.249  -15.432 1.00 100.00 ? 310 TYR D CB   1 
ATOM 1911 C CG   . TYR F 1 14 ? 2.882   19.529  -15.399 1.00 100.00 ? 310 TYR D CG   1 
ATOM 1912 C CD1  . TYR F 1 14 ? 2.635   20.537  -16.347 1.00 100.00 ? 310 TYR D CD1  1 
ATOM 1913 C CD2  . TYR F 1 14 ? 3.882   19.703  -14.431 1.00 100.00 ? 310 TYR D CD2  1 
ATOM 1914 C CE1  . TYR F 1 14 ? 3.402   21.714  -16.341 1.00 100.00 ? 310 TYR D CE1  1 
ATOM 1915 C CE2  . TYR F 1 14 ? 4.640   20.884  -14.411 1.00 100.00 ? 310 TYR D CE2  1 
ATOM 1916 C CZ   . TYR F 1 14 ? 4.409   21.890  -15.371 1.00 100.00 ? 310 TYR D CZ   1 
ATOM 1917 O OH   . TYR F 1 14 ? 5.160   23.020  -15.367 1.00 100.00 ? 310 TYR D OH   1 
ATOM 1918 H H    . TYR F 1 14 ? 0.140   16.476  -15.494 1.00 100.00 ? 310 TYR D H    1 
ATOM 1919 H HA   . TYR F 1 14 ? 1.102   18.553  -13.584 1.00 100.00 ? 310 TYR D HA   1 
ATOM 1920 H HB2  . TYR F 1 14 ? 2.710   17.440  -15.061 1.00 100.00 ? 310 TYR D HB2  1 
ATOM 1921 H HB3  . TYR F 1 14 ? 1.831   18.014  -16.466 1.00 100.00 ? 310 TYR D HB3  1 
ATOM 1922 H HD1  . TYR F 1 14 ? 1.865   20.399  -17.091 1.00 100.00 ? 310 TYR D HD1  1 
ATOM 1923 H HD2  . TYR F 1 14 ? 4.079   18.929  -13.705 1.00 100.00 ? 310 TYR D HD2  1 
ATOM 1924 H HE1  . TYR F 1 14 ? 3.227   22.477  -17.084 1.00 100.00 ? 310 TYR D HE1  1 
ATOM 1925 H HE2  . TYR F 1 14 ? 5.408   21.024  -13.666 1.00 100.00 ? 310 TYR D HE2  1 
ATOM 1926 H HH   . TYR F 1 14 ? 5.247   23.380  -16.245 1.00 100.00 ? 310 TYR D HH   1 
ATOM 1927 N N    . LYS F 1 15 ? -0.468  20.369  -14.261 1.00 100.00 ? 311 LYS D N    1 
ATOM 1928 C CA   . LYS F 1 15 ? -1.411  21.466  -14.523 1.00 100.00 ? 311 LYS D CA   1 
ATOM 1929 C C    . LYS F 1 15 ? -2.788  21.024  -15.051 1.00 100.00 ? 311 LYS D C    1 
ATOM 1930 O O    . LYS F 1 15 ? -3.240  21.553  -16.065 1.00 100.00 ? 311 LYS D O    1 
ATOM 1931 C CB   . LYS F 1 15 ? -0.753  22.532  -15.414 1.00 100.00 ? 311 LYS D CB   1 
ATOM 1932 C CG   . LYS F 1 15 ? 0.463   23.208  -14.776 1.00 100.00 ? 311 LYS D CG   1 
ATOM 1933 C CD   . LYS F 1 15 ? 0.907   24.375  -15.659 1.00 100.00 ? 311 LYS D CD   1 
ATOM 1934 C CE   . LYS F 1 15 ? 2.158   25.050  -15.101 1.00 100.00 ? 311 LYS D CE   1 
ATOM 1935 N NZ   . LYS F 1 15 ? 2.548   26.216  -15.933 1.00 100.00 ? 311 LYS D NZ   1 
ATOM 1936 H H    . LYS F 1 15 ? -0.024  20.378  -13.354 1.00 100.00 ? 311 LYS D H    1 
ATOM 1937 H HA   . LYS F 1 15 ? -1.626  21.945  -13.568 1.00 100.00 ? 311 LYS D HA   1 
ATOM 1938 H HB2  . LYS F 1 15 ? -0.459  22.083  -16.362 1.00 100.00 ? 311 LYS D HB2  1 
ATOM 1939 H HB3  . LYS F 1 15 ? -1.487  23.311  -15.619 1.00 100.00 ? 311 LYS D HB3  1 
ATOM 1940 H HG2  . LYS F 1 15 ? 0.186   23.592  -13.795 1.00 100.00 ? 311 LYS D HG2  1 
ATOM 1941 H HG3  . LYS F 1 15 ? 1.276   22.490  -14.667 1.00 100.00 ? 311 LYS D HG3  1 
ATOM 1942 H HD2  . LYS F 1 15 ? 1.115   24.005  -16.663 1.00 100.00 ? 311 LYS D HD2  1 
ATOM 1943 H HD3  . LYS F 1 15 ? 0.100   25.104  -15.713 1.00 100.00 ? 311 LYS D HD3  1 
ATOM 1944 H HE2  . LYS F 1 15 ? 1.947   25.375  -14.083 1.00 100.00 ? 311 LYS D HE2  1 
ATOM 1945 H HE3  . LYS F 1 15 ? 2.965   24.320  -15.067 1.00 100.00 ? 311 LYS D HE3  1 
ATOM 1946 H HZ1  . LYS F 1 15 ? 3.385   26.660  -15.586 1.00 100.00 ? 311 LYS D HZ1  1 
ATOM 1947 H HZ2  . LYS F 1 15 ? 1.818   26.911  -15.952 1.00 100.00 ? 311 LYS D HZ2  1 
ATOM 1948 H HZ3  . LYS F 1 15 ? 2.721   25.942  -16.887 1.00 100.00 ? 311 LYS D HZ3  1 
ATOM 1949 N N    . PRO F 1 16 ? -3.483  20.065  -14.416 1.00 100.00 ? 312 PRO D N    1 
ATOM 1950 C CA   . PRO F 1 16 ? -4.849  19.744  -14.804 1.00 100.00 ? 312 PRO D CA   1 
ATOM 1951 C C    . PRO F 1 16 ? -5.800  20.901  -14.491 1.00 100.00 ? 312 PRO D C    1 
ATOM 1952 O O    . PRO F 1 16 ? -5.656  21.578  -13.476 1.00 100.00 ? 312 PRO D O    1 
ATOM 1953 C CB   . PRO F 1 16 ? -5.207  18.476  -14.034 1.00 100.00 ? 312 PRO D CB   1 
ATOM 1954 C CG   . PRO F 1 16 ? -4.385  18.625  -12.763 1.00 100.00 ? 312 PRO D CG   1 
ATOM 1955 C CD   . PRO F 1 16 ? -3.106  19.316  -13.233 1.00 100.00 ? 312 PRO D CD   1 
ATOM 1956 H HA   . PRO F 1 16 ? -4.895  19.532  -15.872 1.00 100.00 ? 312 PRO D HA   1 
ATOM 1957 H HB2  . PRO F 1 16 ? -6.271  18.406  -13.816 1.00 100.00 ? 312 PRO D HB2  1 
ATOM 1958 H HB3  . PRO F 1 16 ? -4.875  17.600  -14.592 1.00 100.00 ? 312 PRO D HB3  1 
ATOM 1959 H HG2  . PRO F 1 16 ? -4.927  19.273  -12.075 1.00 100.00 ? 312 PRO D HG2  1 
ATOM 1960 H HG3  . PRO F 1 16 ? -4.181  17.661  -12.301 1.00 100.00 ? 312 PRO D HG3  1 
ATOM 1961 H HD2  . PRO F 1 16 ? -2.722  19.971  -12.452 1.00 100.00 ? 312 PRO D HD2  1 
ATOM 1962 H HD3  . PRO F 1 16 ? -2.360  18.567  -13.494 1.00 100.00 ? 312 PRO D HD3  1 
ATOM 1963 N N    . VAL F 1 17 ? -6.807  21.098  -15.336 1.00 100.00 ? 313 VAL D N    1 
ATOM 1964 C CA   . VAL F 1 17 ? -7.865  22.100  -15.158 1.00 100.00 ? 313 VAL D CA   1 
ATOM 1965 C C    . VAL F 1 17 ? -9.216  21.421  -15.314 1.00 100.00 ? 313 VAL D C    1 
ATOM 1966 O O    . VAL F 1 17 ? -9.428  20.714  -16.295 1.00 100.00 ? 313 VAL D O    1 
ATOM 1967 C CB   . VAL F 1 17 ? -7.707  23.258  -16.155 1.00 100.00 ? 313 VAL D CB   1 
ATOM 1968 C CG1  . VAL F 1 17 ? -8.863  24.255  -16.068 1.00 100.00 ? 313 VAL D CG1  1 
ATOM 1969 C CG2  . VAL F 1 17 ? -6.397  24.015  -15.919 1.00 100.00 ? 313 VAL D CG2  1 
ATOM 1970 H H    . VAL F 1 17 ? -6.877  20.491  -16.139 1.00 100.00 ? 313 VAL D H    1 
ATOM 1971 H HA   . VAL F 1 17 ? -7.813  22.516  -14.153 1.00 100.00 ? 313 VAL D HA   1 
ATOM 1972 H HB   . VAL F 1 17 ? -7.687  22.855  -17.167 1.00 100.00 ? 313 VAL D HB   1 
ATOM 1973 H HG11 . VAL F 1 17 ? -8.688  25.090  -16.745 1.00 100.00 ? 313 VAL D HG11 1 
ATOM 1974 H HG12 . VAL F 1 17 ? -9.798  23.779  -16.358 1.00 100.00 ? 313 VAL D HG12 1 
ATOM 1975 H HG13 . VAL F 1 17 ? -8.950  24.634  -15.052 1.00 100.00 ? 313 VAL D HG13 1 
ATOM 1976 H HG21 . VAL F 1 17 ? -5.547  23.359  -16.091 1.00 100.00 ? 313 VAL D HG21 1 
ATOM 1977 H HG22 . VAL F 1 17 ? -6.324  24.859  -16.603 1.00 100.00 ? 313 VAL D HG22 1 
ATOM 1978 H HG23 . VAL F 1 17 ? -6.365  24.380  -14.895 1.00 100.00 ? 313 VAL D HG23 1 
ATOM 1979 N N    . ASP F 1 18 ? -10.147 21.628  -14.386 1.00 100.00 ? 314 ASP D N    1 
ATOM 1980 C CA   . ASP F 1 18 ? -11.457 20.966  -14.421 1.00 100.00 ? 314 ASP D CA   1 
ATOM 1981 C C    . ASP F 1 18 ? -12.588 21.979  -14.628 1.00 100.00 ? 314 ASP D C    1 
ATOM 1982 O O    . ASP F 1 18 ? -12.808 22.856  -13.796 1.00 100.00 ? 314 ASP D O    1 
ATOM 1983 C CB   . ASP F 1 18 ? -11.651 20.123  -13.152 1.00 100.00 ? 314 ASP D CB   1 
ATOM 1984 C CG   . ASP F 1 18 ? -12.842 19.164  -13.265 1.00 100.00 ? 314 ASP D CG   1 
ATOM 1985 O OD1  . ASP F 1 18 ? -13.687 19.328  -14.175 1.00 100.00 ? 314 ASP D OD1  1 
ATOM 1986 O OD2  . ASP F 1 18 ? -12.879 18.185  -12.489 1.00 100.00 ? 314 ASP D OD2  1 
ATOM 1987 H H    . ASP F 1 18 ? -9.922  22.206  -13.590 1.00 100.00 ? 314 ASP D H    1 
ATOM 1988 H HA   . ASP F 1 18 ? -11.486 20.271  -15.259 1.00 100.00 ? 314 ASP D HA   1 
ATOM 1989 H HB2  . ASP F 1 18 ? -10.750 19.537  -12.983 1.00 100.00 ? 314 ASP D HB2  1 
ATOM 1990 H HB3  . ASP F 1 18 ? -11.788 20.780  -12.294 1.00 100.00 ? 314 ASP D HB3  1 
ATOM 1991 N N    . LEU F 1 19 ? -13.288 21.853  -15.758 1.00 100.00 ? 315 LEU D N    1 
ATOM 1992 C CA   . LEU F 1 19 ? -14.422 22.687  -16.169 1.00 100.00 ? 315 LEU D CA   1 
ATOM 1993 C C    . LEU F 1 19 ? -15.760 21.917  -16.173 1.00 100.00 ? 315 LEU D C    1 
ATOM 1994 O O    . LEU F 1 19 ? -16.712 22.332  -16.835 1.00 100.00 ? 315 LEU D O    1 
ATOM 1995 C CB   . LEU F 1 19 ? -14.133 23.292  -17.557 1.00 100.00 ? 315 LEU D CB   1 
ATOM 1996 C CG   . LEU F 1 19 ? -12.757 23.942  -17.769 1.00 100.00 ? 315 LEU D CG   1 
ATOM 1997 C CD1  . LEU F 1 19 ? -12.707 24.601  -19.146 1.00 100.00 ? 315 LEU D CD1  1 
ATOM 1998 C CD2  . LEU F 1 19 ? -12.480 25.044  -16.757 1.00 100.00 ? 315 LEU D CD2  1 
ATOM 1999 H H    . LEU F 1 19 ? -13.029 21.097  -16.376 1.00 100.00 ? 315 LEU D H    1 
ATOM 2000 H HA   . LEU F 1 19 ? -14.536 23.506  -15.459 1.00 100.00 ? 315 LEU D HA   1 
ATOM 2001 H HB2  . LEU F 1 19 ? -14.237 22.501  -18.298 1.00 100.00 ? 315 LEU D HB2  1 
ATOM 2002 H HB3  . LEU F 1 19 ? -14.898 24.040  -17.763 1.00 100.00 ? 315 LEU D HB3  1 
ATOM 2003 H HG   . LEU F 1 19 ? -11.971 23.189  -17.711 1.00 100.00 ? 315 LEU D HG   1 
ATOM 2004 H HD11 . LEU F 1 19 ? -11.721 25.029  -19.313 1.00 100.00 ? 315 LEU D HD11 1 
ATOM 2005 H HD12 . LEU F 1 19 ? -13.458 25.385  -19.217 1.00 100.00 ? 315 LEU D HD12 1 
ATOM 2006 H HD13 . LEU F 1 19 ? -12.896 23.853  -19.913 1.00 100.00 ? 315 LEU D HD13 1 
ATOM 2007 H HD21 . LEU F 1 19 ? -11.549 25.548  -17.008 1.00 100.00 ? 315 LEU D HD21 1 
ATOM 2008 H HD22 . LEU F 1 19 ? -13.297 25.763  -16.757 1.00 100.00 ? 315 LEU D HD22 1 
ATOM 2009 H HD23 . LEU F 1 19 ? -12.377 24.612  -15.763 1.00 100.00 ? 315 LEU D HD23 1 
ATOM 2010 N N    . SER F 1 20 ? -15.844 20.777  -15.488 1.00 100.00 ? 316 SER D N    1 
ATOM 2011 C CA   . SER F 1 20 ? -17.044 19.924  -15.460 1.00 100.00 ? 316 SER D CA   1 
ATOM 2012 C C    . SER F 1 20 ? -18.314 20.652  -14.998 1.00 100.00 ? 316 SER D C    1 
ATOM 2013 O O    . SER F 1 20 ? -18.272 21.472  -14.079 1.00 100.00 ? 316 SER D O    1 
ATOM 2014 C CB   . SER F 1 20 ? -16.826 18.711  -14.555 1.00 100.00 ? 316 SER D CB   1 
ATOM 2015 O OG   . SER F 1 20 ? -15.712 17.962  -14.988 1.00 100.00 ? 316 SER D OG   1 
ATOM 2016 H H    . SER F 1 20 ? -15.030 20.457  -14.985 1.00 100.00 ? 316 SER D H    1 
ATOM 2017 H HA   . SER F 1 20 ? -17.216 19.557  -16.472 1.00 100.00 ? 316 SER D HA   1 
ATOM 2018 H HB2  . SER F 1 20 ? -16.660 19.042  -13.530 1.00 100.00 ? 316 SER D HB2  1 
ATOM 2019 H HB3  . SER F 1 20 ? -17.710 18.075  -14.583 1.00 100.00 ? 316 SER D HB3  1 
ATOM 2020 H HG   . SER F 1 20 ? -14.936 18.439  -14.689 1.00 100.00 ? 316 SER D HG   1 
ATOM 2021 N N    . LYS F 1 21 ? -19.459 20.292  -15.590 1.00 100.00 ? 317 LYS D N    1 
ATOM 2022 C CA   . LYS F 1 21 ? -20.790 20.820  -15.247 1.00 100.00 ? 317 LYS D CA   1 
ATOM 2023 C C    . LYS F 1 21 ? -21.735 19.692  -14.831 1.00 100.00 ? 317 LYS D C    1 
ATOM 2024 O O    . LYS F 1 21 ? -21.840 18.684  -15.529 1.00 100.00 ? 317 LYS D O    1 
ATOM 2025 C CB   . LYS F 1 21 ? -21.381 21.571  -16.452 1.00 100.00 ? 317 LYS D CB   1 
ATOM 2026 C CG   . LYS F 1 21 ? -20.568 22.800  -16.873 1.00 100.00 ? 317 LYS D CG   1 
ATOM 2027 C CD   . LYS F 1 21 ? -21.249 23.495  -18.059 1.00 100.00 ? 317 LYS D CD   1 
ATOM 2028 C CE   . LYS F 1 21 ? -20.428 24.705  -18.508 1.00 100.00 ? 317 LYS D CE   1 
ATOM 2029 N NZ   . LYS F 1 21 ? -21.078 25.401  -19.644 1.00 100.00 ? 317 LYS D NZ   1 
ATOM 2030 H H    . LYS F 1 21 ? -19.410 19.590  -16.316 1.00 100.00 ? 317 LYS D H    1 
ATOM 2031 H HA   . LYS F 1 21 ? -20.711 21.517  -14.415 1.00 100.00 ? 317 LYS D HA   1 
ATOM 2032 H HB2  . LYS F 1 21 ? -21.451 20.887  -17.296 1.00 100.00 ? 317 LYS D HB2  1 
ATOM 2033 H HB3  . LYS F 1 21 ? -22.389 21.897  -16.199 1.00 100.00 ? 317 LYS D HB3  1 
ATOM 2034 H HG2  . LYS F 1 21 ? -20.500 23.494  -16.037 1.00 100.00 ? 317 LYS D HG2  1 
ATOM 2035 H HG3  . LYS F 1 21 ? -19.564 22.497  -17.169 1.00 100.00 ? 317 LYS D HG3  1 
ATOM 2036 H HD2  . LYS F 1 21 ? -21.335 22.790  -18.884 1.00 100.00 ? 317 LYS D HD2  1 
ATOM 2037 H HD3  . LYS F 1 21 ? -22.245 23.818  -17.761 1.00 100.00 ? 317 LYS D HD3  1 
ATOM 2038 H HE2  . LYS F 1 21 ? -20.320 25.385  -17.666 1.00 100.00 ? 317 LYS D HE2  1 
ATOM 2039 H HE3  . LYS F 1 21 ? -19.436 24.367  -18.796 1.00 100.00 ? 317 LYS D HE3  1 
ATOM 2040 H HZ1  . LYS F 1 21 ? -20.534 26.197  -19.939 1.00 100.00 ? 317 LYS D HZ1  1 
ATOM 2041 H HZ2  . LYS F 1 21 ? -21.995 25.732  -19.392 1.00 100.00 ? 317 LYS D HZ2  1 
ATOM 2042 H HZ3  . LYS F 1 21 ? -21.175 24.788  -20.436 1.00 100.00 ? 317 LYS D HZ3  1 
ATOM 2043 N N    . VAL F 1 22 ? -22.456 19.881  -13.726 1.00 15.79  ? 318 VAL D N    1 
ATOM 2044 C CA   . VAL F 1 22 ? -23.403 18.906  -13.154 1.00 15.79  ? 318 VAL D CA   1 
ATOM 2045 C C    . VAL F 1 22 ? -24.740 19.572  -12.821 1.00 15.79  ? 318 VAL D C    1 
ATOM 2046 O O    . VAL F 1 22 ? -24.799 20.543  -12.061 1.00 15.79  ? 318 VAL D O    1 
ATOM 2047 C CB   . VAL F 1 22 ? -22.799 18.194  -11.926 1.00 15.79  ? 318 VAL D CB   1 
ATOM 2048 C CG1  . VAL F 1 22 ? -23.779 17.183  -11.318 1.00 15.79  ? 318 VAL D CG1  1 
ATOM 2049 C CG2  . VAL F 1 22 ? -21.511 17.442  -12.280 1.00 15.79  ? 318 VAL D CG2  1 
ATOM 2050 H H    . VAL F 1 22 ? -22.253 20.705  -13.180 1.00 15.79  ? 318 VAL D H    1 
ATOM 2051 H HA   . VAL F 1 22 ? -23.626 18.140  -13.896 1.00 15.79  ? 318 VAL D HA   1 
ATOM 2052 H HB   . VAL F 1 22 ? -22.559 18.935  -11.164 1.00 15.79  ? 318 VAL D HB   1 
ATOM 2053 H HG11 . VAL F 1 22 ? -23.305 16.669  -10.483 1.00 15.79  ? 318 VAL D HG11 1 
ATOM 2054 H HG12 . VAL F 1 22 ? -24.664 17.692  -10.938 1.00 15.79  ? 318 VAL D HG12 1 
ATOM 2055 H HG13 . VAL F 1 22 ? -24.072 16.450  -12.068 1.00 15.79  ? 318 VAL D HG13 1 
ATOM 2056 H HG21 . VAL F 1 22 ? -20.737 18.143  -12.587 1.00 15.79  ? 318 VAL D HG21 1 
ATOM 2057 H HG22 . VAL F 1 22 ? -21.147 16.902  -11.406 1.00 15.79  ? 318 VAL D HG22 1 
ATOM 2058 H HG23 . VAL F 1 22 ? -21.702 16.733  -13.085 1.00 15.79  ? 318 VAL D HG23 1 
# 
